data_9PLZ
# 
_entry.id   9PLZ 
# 
_audit_conform.dict_name       mmcif_pdbx.dic 
_audit_conform.dict_version    5.406 
_audit_conform.dict_location   http://mmcif.pdb.org/dictionaries/ascii/mmcif_pdbx.dic 
# 
loop_
_database_2.database_id 
_database_2.database_code 
_database_2.pdbx_database_accession 
_database_2.pdbx_DOI 
PDB   9PLZ         pdb_00009plz 10.2210/pdb9plz/pdb 
WWPDB D_1000298092 ?            ?                   
# 
_pdbx_audit_revision_history.ordinal             1 
_pdbx_audit_revision_history.data_content_type   'Structure model' 
_pdbx_audit_revision_history.major_revision      1 
_pdbx_audit_revision_history.minor_revision      0 
_pdbx_audit_revision_history.revision_date       2025-11-12 
_pdbx_audit_revision_history.part_number         ? 
# 
_pdbx_audit_revision_details.ordinal             1 
_pdbx_audit_revision_details.revision_ordinal    1 
_pdbx_audit_revision_details.data_content_type   'Structure model' 
_pdbx_audit_revision_details.provider            repository 
_pdbx_audit_revision_details.type                'Initial release' 
_pdbx_audit_revision_details.description         ? 
_pdbx_audit_revision_details.details             ? 
# 
_pdbx_database_status.status_code                     REL 
_pdbx_database_status.status_code_sf                  REL 
_pdbx_database_status.status_code_mr                  ? 
_pdbx_database_status.entry_id                        9PLZ 
_pdbx_database_status.recvd_initial_deposition_date   2025-07-16 
_pdbx_database_status.SG_entry                        N 
_pdbx_database_status.deposit_site                    RCSB 
_pdbx_database_status.process_site                    RCSB 
_pdbx_database_status.status_code_cs                  ? 
_pdbx_database_status.status_code_nmr_data            ? 
_pdbx_database_status.methods_development_category    ? 
_pdbx_database_status.pdb_format_compatible           Y 
# 
_pdbx_contact_author.id                 4 
_pdbx_contact_author.email              rs17@nyu.edu 
_pdbx_contact_author.name_first         Ruojie 
_pdbx_contact_author.name_last          Sha 
_pdbx_contact_author.name_mi            ? 
_pdbx_contact_author.role               'principal investigator/group leader' 
_pdbx_contact_author.identifier_ORCID   0000-0002-0807-734X 
# 
loop_
_audit_author.name 
_audit_author.pdbx_ordinal 
_audit_author.identifier_ORCID 
'Horvath, A.'   1 0009-0008-5770-8014 
'Woloszyn, K.'  2 0000-0003-1200-583X 
'Vecchioni, S.' 3 0000-0001-8243-650X 
'Ohayon, Y.P.'  4 0000-0001-7500-4282 
'Sha, R.'       5 0000-0002-0807-734X 
# 
_citation.abstract                  ? 
_citation.abstract_id_CAS           ? 
_citation.book_id_ISBN              ? 
_citation.book_publisher            ? 
_citation.book_publisher_city       ? 
_citation.book_title                ? 
_citation.coordinate_linkage        ? 
_citation.country                   ? 
_citation.database_id_Medline       ? 
_citation.details                   ? 
_citation.id                        primary 
_citation.journal_abbrev            'To Be Published' 
_citation.journal_id_ASTM           ? 
_citation.journal_id_CSD            0353 
_citation.journal_id_ISSN           ? 
_citation.journal_full              ? 
_citation.journal_issue             ? 
_citation.journal_volume            ? 
_citation.language                  ? 
_citation.page_first                ? 
_citation.page_last                 ? 
_citation.title                     'Blunt End Tensegrity Triangles' 
_citation.year                      ? 
_citation.database_id_CSD           ? 
_citation.pdbx_database_id_DOI      ? 
_citation.pdbx_database_id_PubMed   ? 
_citation.pdbx_database_id_patent   ? 
_citation.unpublished_flag          ? 
# 
loop_
_citation_author.citation_id 
_citation_author.name 
_citation_author.ordinal 
_citation_author.identifier_ORCID 
primary 'Horvath, A.'   1 0009-0008-5770-8014 
primary 'Woloszyn, K.'  2 0000-0003-1200-583X 
primary 'Vecchioni, S.' 3 0000-0001-8243-650X 
primary 'Ohayon, Y.P.'  4 0000-0001-7500-4282 
primary 'Sha, R.'       5 0000-0002-0807-734X 
# 
loop_
_entity.id 
_entity.type 
_entity.src_method 
_entity.pdbx_description 
_entity.formula_weight 
_entity.pdbx_number_of_molecules 
_entity.pdbx_ec 
_entity.pdbx_mutation 
_entity.pdbx_fragment 
_entity.details 
1 polymer syn 
;DNA (5'-D(*GP*CP*AP*GP*CP*CP*TP*GP*TP*AP*CP*GP*GP*AP*CP*AP*GP*TP*CP*A)-3')
;
6143.981 1 ? ? ? ? 
2 polymer syn 
;DNA (5'-D(P*CP*CP*GP*TP*AP*CP*A)-3')
;
2082.400 1 ? ? ? ? 
3 polymer syn 
;DNA (5'-D(P*GP*GP*CP*TP*GP*C)-3')
;
1825.216 1 ? ? ? ? 
4 polymer syn 
;DNA (5'-D(*TP*GP*AP*CP*TP*GP*T)-3')
;
2128.421 1 ? ? ? ? 
# 
loop_
_entity_poly.entity_id 
_entity_poly.type 
_entity_poly.nstd_linkage 
_entity_poly.nstd_monomer 
_entity_poly.pdbx_seq_one_letter_code 
_entity_poly.pdbx_seq_one_letter_code_can 
_entity_poly.pdbx_strand_id 
_entity_poly.pdbx_target_identifier 
1 polydeoxyribonucleotide no no '(DG)(DC)(DA)(DG)(DC)(DC)(DT)(DG)(DT)(DA)(DC)(DG)(DG)(DA)(DC)(DA)(DG)(DT)(DC)(DA)' 
GCAGCCTGTACGGACAGTCA A ? 
2 polydeoxyribonucleotide no no '(DC)(DC)(DG)(DT)(DA)(DC)(DA)'                                                     CCGTACA B ? 
3 polydeoxyribonucleotide no no '(DG)(DG)(DC)(DT)(DG)(DC)'                                                         GGCTGC C ? 
4 polydeoxyribonucleotide no no '(DT)(DG)(DA)(DC)(DT)(DG)(DT)'                                                     TGACTGT D ? 
# 
loop_
_entity_poly_seq.entity_id 
_entity_poly_seq.num 
_entity_poly_seq.mon_id 
_entity_poly_seq.hetero 
1 1  DG n 
1 2  DC n 
1 3  DA n 
1 4  DG n 
1 5  DC n 
1 6  DC n 
1 7  DT n 
1 8  DG n 
1 9  DT n 
1 10 DA n 
1 11 DC n 
1 12 DG n 
1 13 DG n 
1 14 DA n 
1 15 DC n 
1 16 DA n 
1 17 DG n 
1 18 DT n 
1 19 DC n 
1 20 DA n 
2 1  DC n 
2 2  DC n 
2 3  DG n 
2 4  DT n 
2 5  DA n 
2 6  DC n 
2 7  DA n 
3 1  DG n 
3 2  DG n 
3 3  DC n 
3 4  DT n 
3 5  DG n 
3 6  DC n 
4 1  DT n 
4 2  DG n 
4 3  DA n 
4 4  DC n 
4 5  DT n 
4 6  DG n 
4 7  DT n 
# 
loop_
_pdbx_entity_src_syn.entity_id 
_pdbx_entity_src_syn.pdbx_src_id 
_pdbx_entity_src_syn.pdbx_alt_source_flag 
_pdbx_entity_src_syn.pdbx_beg_seq_num 
_pdbx_entity_src_syn.pdbx_end_seq_num 
_pdbx_entity_src_syn.organism_scientific 
_pdbx_entity_src_syn.organism_common_name 
_pdbx_entity_src_syn.ncbi_taxonomy_id 
_pdbx_entity_src_syn.details 
1 1 sample 1 20 'synthetic construct' ? 32630 ? 
2 1 sample 1 7  'synthetic construct' ? 32630 ? 
3 1 sample 1 6  'synthetic construct' ? 32630 ? 
4 1 sample 1 7  'synthetic construct' ? 32630 ? 
# 
loop_
_chem_comp.id 
_chem_comp.type 
_chem_comp.mon_nstd_flag 
_chem_comp.name 
_chem_comp.pdbx_synonyms 
_chem_comp.formula 
_chem_comp.formula_weight 
DA 'DNA linking' y "2'-DEOXYADENOSINE-5'-MONOPHOSPHATE" ? 'C10 H14 N5 O6 P' 331.222 
DC 'DNA linking' y "2'-DEOXYCYTIDINE-5'-MONOPHOSPHATE"  ? 'C9 H14 N3 O7 P'  307.197 
DG 'DNA linking' y "2'-DEOXYGUANOSINE-5'-MONOPHOSPHATE" ? 'C10 H14 N5 O7 P' 347.221 
DT 'DNA linking' y "THYMIDINE-5'-MONOPHOSPHATE"         ? 'C10 H15 N2 O8 P' 322.208 
# 
loop_
_pdbx_poly_seq_scheme.asym_id 
_pdbx_poly_seq_scheme.entity_id 
_pdbx_poly_seq_scheme.seq_id 
_pdbx_poly_seq_scheme.mon_id 
_pdbx_poly_seq_scheme.ndb_seq_num 
_pdbx_poly_seq_scheme.pdb_seq_num 
_pdbx_poly_seq_scheme.auth_seq_num 
_pdbx_poly_seq_scheme.pdb_mon_id 
_pdbx_poly_seq_scheme.auth_mon_id 
_pdbx_poly_seq_scheme.pdb_strand_id 
_pdbx_poly_seq_scheme.pdb_ins_code 
_pdbx_poly_seq_scheme.hetero 
A 1 1  DG 1  105 105 DG DG A . n 
A 1 2  DC 2  106 106 DC DC A . n 
A 1 3  DA 3  107 107 DA DA A . n 
A 1 4  DG 4  108 108 DG DG A . n 
A 1 5  DC 5  109 109 DC DC A . n 
A 1 6  DC 6  110 110 DC DC A . n 
A 1 7  DT 7  111 111 DT DT A . n 
A 1 8  DG 8  112 112 DG DG A . n 
A 1 9  DT 9  113 113 DT DT A . n 
A 1 10 DA 10 114 114 DA DA A . n 
A 1 11 DC 11 115 115 DC DC A . n 
A 1 12 DG 12 116 116 DG DG A . n 
A 1 13 DG 13 117 117 DG DG A . n 
A 1 14 DA 14 118 118 DA DA A . n 
A 1 15 DC 15 119 119 DC DC A . n 
A 1 16 DA 16 120 120 DA DA A . n 
A 1 17 DG 17 121 121 DG DG A . n 
A 1 18 DT 18 122 122 DT DT A . n 
A 1 19 DC 19 123 123 DC DC A . n 
A 1 20 DA 20 124 124 DA DA A . n 
B 2 1  DC 1  119 119 DC DC B . n 
B 2 2  DC 2  120 120 DC DC B . n 
B 2 3  DG 3  121 121 DG DG B . n 
B 2 4  DT 4  122 122 DT DT B . n 
B 2 5  DA 5  123 123 DA DA B . n 
B 2 6  DC 6  124 124 DC DC B . n 
B 2 7  DA 7  125 125 DA DA B . n 
C 3 1  DG 1  209 209 DG DG C . n 
C 3 2  DG 2  210 210 DG DG C . n 
C 3 3  DC 3  211 211 DC DC C . n 
C 3 4  DT 4  212 212 DT DT C . n 
C 3 5  DG 5  213 213 DG DG C . n 
C 3 6  DC 6  214 214 DC DC C . n 
D 4 1  DT 1  103 103 DT DT D . n 
D 4 2  DG 2  104 104 DG DG D . n 
D 4 3  DA 3  105 105 DA DA D . n 
D 4 4  DC 4  106 106 DC DC D . n 
D 4 5  DT 5  107 107 DT DT D . n 
D 4 6  DG 6  108 108 DG DG D . n 
D 4 7  DT 7  109 109 DT DT D . n 
# 
loop_
_software.citation_id 
_software.classification 
_software.compiler_name 
_software.compiler_version 
_software.contact_author 
_software.contact_author_email 
_software.date 
_software.description 
_software.dependencies 
_software.hardware 
_software.language 
_software.location 
_software.mods 
_software.name 
_software.os 
_software.os_version 
_software.type 
_software.version 
_software.pdbx_reference_DOI 
_software.pdbx_ordinal 
? refinement       ? ? ? ? ? ? ? ? ? ? ? PHENIX    ? ? ? 1.21.2_5419 ? 1 
? 'data reduction' ? ? ? ? ? ? ? ? ? ? ? autoPROC  ? ? ? .           ? 2 
? 'data scaling'   ? ? ? ? ? ? ? ? ? ? ? STARANISO ? ? ? .           ? 3 
? phasing          ? ? ? ? ? ? ? ? ? ? ? PHASER    ? ? ? .           ? 4 
# 
_cell.angle_alpha                  90.000 
_cell.angle_alpha_esd              ? 
_cell.angle_beta                   90.000 
_cell.angle_beta_esd               ? 
_cell.angle_gamma                  90.000 
_cell.angle_gamma_esd              ? 
_cell.entry_id                     9PLZ 
_cell.details                      ? 
_cell.formula_units_Z              ? 
_cell.length_a                     165.550 
_cell.length_a_esd                 ? 
_cell.length_b                     165.550 
_cell.length_b_esd                 ? 
_cell.length_c                     165.550 
_cell.length_c_esd                 ? 
_cell.volume                       4537196.154 
_cell.volume_esd                   ? 
_cell.Z_PDB                        48 
_cell.reciprocal_angle_alpha       ? 
_cell.reciprocal_angle_beta        ? 
_cell.reciprocal_angle_gamma       ? 
_cell.reciprocal_angle_alpha_esd   ? 
_cell.reciprocal_angle_beta_esd    ? 
_cell.reciprocal_angle_gamma_esd   ? 
_cell.reciprocal_length_a          ? 
_cell.reciprocal_length_b          ? 
_cell.reciprocal_length_c          ? 
_cell.reciprocal_length_a_esd      ? 
_cell.reciprocal_length_b_esd      ? 
_cell.reciprocal_length_c_esd      ? 
_cell.pdbx_unique_axis             ? 
_cell.pdbx_esd_method              ? 
# 
_symmetry.entry_id                         9PLZ 
_symmetry.cell_setting                     ? 
_symmetry.Int_Tables_number                214 
_symmetry.space_group_name_Hall            'I 4bd 2c 3' 
_symmetry.space_group_name_H-M             'I 41 3 2' 
_symmetry.pdbx_full_space_group_name_H-M   ? 
# 
_exptl.absorpt_coefficient_mu     ? 
_exptl.absorpt_correction_T_max   ? 
_exptl.absorpt_correction_T_min   ? 
_exptl.absorpt_correction_type    ? 
_exptl.absorpt_process_details    ? 
_exptl.entry_id                   9PLZ 
_exptl.crystals_number            1 
_exptl.details                    ? 
_exptl.method                     'X-RAY DIFFRACTION' 
_exptl.method_details             ? 
# 
_exptl_crystal.colour                       ? 
_exptl_crystal.density_diffrn               ? 
_exptl_crystal.density_Matthews             ? 
_exptl_crystal.density_method               ? 
_exptl_crystal.density_percent_sol          ? 
_exptl_crystal.description                  ? 
_exptl_crystal.F_000                        ? 
_exptl_crystal.id                           1 
_exptl_crystal.preparation                  ? 
_exptl_crystal.size_max                     ? 
_exptl_crystal.size_mid                     ? 
_exptl_crystal.size_min                     ? 
_exptl_crystal.size_rad                     ? 
_exptl_crystal.colour_lustre                ? 
_exptl_crystal.colour_modifier              ? 
_exptl_crystal.colour_primary               ? 
_exptl_crystal.density_meas                 ? 
_exptl_crystal.density_meas_esd             ? 
_exptl_crystal.density_meas_gt              ? 
_exptl_crystal.density_meas_lt              ? 
_exptl_crystal.density_meas_temp            ? 
_exptl_crystal.density_meas_temp_esd        ? 
_exptl_crystal.density_meas_temp_gt         ? 
_exptl_crystal.density_meas_temp_lt         ? 
_exptl_crystal.pdbx_crystal_image_url       ? 
_exptl_crystal.pdbx_crystal_image_format    ? 
_exptl_crystal.pdbx_mosaicity               ? 
_exptl_crystal.pdbx_mosaicity_esd           ? 
_exptl_crystal.pdbx_mosaic_method           ? 
_exptl_crystal.pdbx_mosaic_block_size       ? 
_exptl_crystal.pdbx_mosaic_block_size_esd   ? 
# 
_exptl_crystal_grow.apparatus       ? 
_exptl_crystal_grow.atmosphere      ? 
_exptl_crystal_grow.crystal_id      1 
_exptl_crystal_grow.details         ? 
_exptl_crystal_grow.method          'VAPOR DIFFUSION, HANGING DROP' 
_exptl_crystal_grow.method_ref      ? 
_exptl_crystal_grow.pH              ? 
_exptl_crystal_grow.pressure        ? 
_exptl_crystal_grow.pressure_esd    ? 
_exptl_crystal_grow.seeding         ? 
_exptl_crystal_grow.seeding_ref     ? 
_exptl_crystal_grow.temp_details    '338-293 at 0.4/hr' 
_exptl_crystal_grow.temp_esd        ? 
_exptl_crystal_grow.time            ? 
_exptl_crystal_grow.pdbx_details    '100 mM MOPS, 1.25 M magnesium sulfate' 
_exptl_crystal_grow.pdbx_pH_range   ? 
_exptl_crystal_grow.temp            293 
# 
_diffrn.ambient_environment              ? 
_diffrn.ambient_temp                     100 
_diffrn.ambient_temp_details             ? 
_diffrn.ambient_temp_esd                 ? 
_diffrn.crystal_id                       1 
_diffrn.crystal_support                  ? 
_diffrn.crystal_treatment                ? 
_diffrn.details                          ? 
_diffrn.id                               1 
_diffrn.ambient_pressure                 ? 
_diffrn.ambient_pressure_esd             ? 
_diffrn.ambient_pressure_gt              ? 
_diffrn.ambient_pressure_lt              ? 
_diffrn.ambient_temp_gt                  ? 
_diffrn.ambient_temp_lt                  ? 
_diffrn.pdbx_serial_crystal_experiment   N 
# 
_diffrn_detector.details                      ? 
_diffrn_detector.detector                     PIXEL 
_diffrn_detector.diffrn_id                    1 
_diffrn_detector.type                         'DECTRIS EIGER X 9M' 
_diffrn_detector.area_resol_mean              ? 
_diffrn_detector.dtime                        ? 
_diffrn_detector.pdbx_frames_total            ? 
_diffrn_detector.pdbx_collection_time_total   ? 
_diffrn_detector.pdbx_collection_date         2022-12-11 
_diffrn_detector.pdbx_frequency               ? 
_diffrn_detector.id                           ? 
_diffrn_detector.number_of_axes               ? 
# 
_diffrn_radiation.collimation                      ? 
_diffrn_radiation.diffrn_id                        1 
_diffrn_radiation.filter_edge                      ? 
_diffrn_radiation.inhomogeneity                    ? 
_diffrn_radiation.monochromator                    ? 
_diffrn_radiation.polarisn_norm                    ? 
_diffrn_radiation.polarisn_ratio                   ? 
_diffrn_radiation.probe                            ? 
_diffrn_radiation.type                             ? 
_diffrn_radiation.xray_symbol                      ? 
_diffrn_radiation.wavelength_id                    1 
_diffrn_radiation.pdbx_monochromatic_or_laue_m_l   M 
_diffrn_radiation.pdbx_wavelength_list             ? 
_diffrn_radiation.pdbx_wavelength                  ? 
_diffrn_radiation.pdbx_diffrn_protocol             'SINGLE WAVELENGTH' 
_diffrn_radiation.pdbx_analyzer                    ? 
_diffrn_radiation.pdbx_scattering_type             x-ray 
# 
_diffrn_radiation_wavelength.id           1 
_diffrn_radiation_wavelength.wavelength   1.00743 
_diffrn_radiation_wavelength.wt           1.0 
# 
_diffrn_source.current                     ? 
_diffrn_source.details                     ? 
_diffrn_source.diffrn_id                   1 
_diffrn_source.power                       ? 
_diffrn_source.size                        ? 
_diffrn_source.source                      SYNCHROTRON 
_diffrn_source.target                      ? 
_diffrn_source.type                        'APS BEAMLINE 17-ID' 
_diffrn_source.voltage                     ? 
_diffrn_source.take-off_angle              ? 
_diffrn_source.pdbx_wavelength_list        1.00743 
_diffrn_source.pdbx_wavelength             ? 
_diffrn_source.pdbx_synchrotron_beamline   17-ID 
_diffrn_source.pdbx_synchrotron_site       APS 
# 
_reflns.B_iso_Wilson_estimate                          490.56 
_reflns.entry_id                                       9PLZ 
_reflns.data_reduction_details                         ? 
_reflns.data_reduction_method                          ? 
_reflns.d_resolution_high                              5.94 
_reflns.d_resolution_low                               67.586 
_reflns.details                                        ? 
_reflns.limit_h_max                                    ? 
_reflns.limit_h_min                                    ? 
_reflns.limit_k_max                                    ? 
_reflns.limit_k_min                                    ? 
_reflns.limit_l_max                                    ? 
_reflns.limit_l_min                                    ? 
_reflns.number_all                                     ? 
_reflns.number_obs                                     1032 
_reflns.observed_criterion                             ? 
_reflns.observed_criterion_F_max                       ? 
_reflns.observed_criterion_F_min                       ? 
_reflns.observed_criterion_I_max                       ? 
_reflns.observed_criterion_I_min                       ? 
_reflns.observed_criterion_sigma_F                     ? 
_reflns.observed_criterion_sigma_I                     ? 
_reflns.percent_possible_obs                           91.4 
_reflns.R_free_details                                 ? 
_reflns.Rmerge_F_all                                   ? 
_reflns.Rmerge_F_obs                                   ? 
_reflns.Friedel_coverage                               ? 
_reflns.number_gt                                      ? 
_reflns.threshold_expression                           ? 
_reflns.pdbx_redundancy                                70.9 
_reflns.pdbx_netI_over_av_sigmaI                       ? 
_reflns.pdbx_netI_over_sigmaI                          33.7 
_reflns.pdbx_res_netI_over_av_sigmaI_2                 ? 
_reflns.pdbx_res_netI_over_sigmaI_2                    ? 
_reflns.pdbx_chi_squared                               ? 
_reflns.pdbx_scaling_rejects                           ? 
_reflns.pdbx_d_res_high_opt                            ? 
_reflns.pdbx_d_res_low_opt                             ? 
_reflns.pdbx_d_res_opt_method                          ? 
_reflns.phase_calculation_details                      ? 
_reflns.pdbx_Rrim_I_all                                ? 
_reflns.pdbx_Rpim_I_all                                ? 
_reflns.pdbx_d_opt                                     ? 
_reflns.pdbx_number_measured_all                       ? 
_reflns.pdbx_diffrn_id                                 1 
_reflns.pdbx_ordinal                                   1 
_reflns.pdbx_CC_half                                   1.000 
_reflns.pdbx_CC_star                                   ? 
_reflns.pdbx_R_split                                   ? 
_reflns.pdbx_Rmerge_I_obs                              ? 
_reflns.pdbx_Rmerge_I_all                              ? 
_reflns.pdbx_Rsym_value                                ? 
_reflns.pdbx_CC_split_method                           ? 
_reflns.pdbx_aniso_diffraction_limit_axis_1_ortho[1]   ? 
_reflns.pdbx_aniso_diffraction_limit_axis_1_ortho[2]   ? 
_reflns.pdbx_aniso_diffraction_limit_axis_1_ortho[3]   ? 
_reflns.pdbx_aniso_diffraction_limit_axis_2_ortho[1]   ? 
_reflns.pdbx_aniso_diffraction_limit_axis_2_ortho[2]   ? 
_reflns.pdbx_aniso_diffraction_limit_axis_2_ortho[3]   ? 
_reflns.pdbx_aniso_diffraction_limit_axis_3_ortho[1]   ? 
_reflns.pdbx_aniso_diffraction_limit_axis_3_ortho[2]   ? 
_reflns.pdbx_aniso_diffraction_limit_axis_3_ortho[3]   ? 
_reflns.pdbx_aniso_diffraction_limit_1                 ? 
_reflns.pdbx_aniso_diffraction_limit_2                 ? 
_reflns.pdbx_aniso_diffraction_limit_3                 ? 
_reflns.pdbx_aniso_B_tensor_eigenvector_1_ortho[1]     ? 
_reflns.pdbx_aniso_B_tensor_eigenvector_1_ortho[2]     ? 
_reflns.pdbx_aniso_B_tensor_eigenvector_1_ortho[3]     ? 
_reflns.pdbx_aniso_B_tensor_eigenvector_2_ortho[1]     ? 
_reflns.pdbx_aniso_B_tensor_eigenvector_2_ortho[2]     ? 
_reflns.pdbx_aniso_B_tensor_eigenvector_2_ortho[3]     ? 
_reflns.pdbx_aniso_B_tensor_eigenvector_3_ortho[1]     ? 
_reflns.pdbx_aniso_B_tensor_eigenvector_3_ortho[2]     ? 
_reflns.pdbx_aniso_B_tensor_eigenvector_3_ortho[3]     ? 
_reflns.pdbx_aniso_B_tensor_eigenvalue_1               ? 
_reflns.pdbx_aniso_B_tensor_eigenvalue_2               ? 
_reflns.pdbx_aniso_B_tensor_eigenvalue_3               ? 
_reflns.pdbx_orthogonalization_convention              ? 
_reflns.pdbx_percent_possible_ellipsoidal              ? 
_reflns.pdbx_percent_possible_spherical                ? 
_reflns.pdbx_percent_possible_ellipsoidal_anomalous    ? 
_reflns.pdbx_percent_possible_spherical_anomalous      ? 
_reflns.pdbx_redundancy_anomalous                      ? 
_reflns.pdbx_CC_half_anomalous                         ? 
_reflns.pdbx_absDiff_over_sigma_anomalous              ? 
_reflns.pdbx_percent_possible_anomalous                ? 
_reflns.pdbx_observed_signal_threshold                 ? 
_reflns.pdbx_signal_type                               ? 
_reflns.pdbx_signal_details                            ? 
_reflns.pdbx_signal_software_id                        ? 
# 
loop_
_reflns_shell.d_res_high 
_reflns_shell.d_res_low 
_reflns_shell.meanI_over_sigI_all 
_reflns_shell.meanI_over_sigI_obs 
_reflns_shell.number_measured_all 
_reflns_shell.number_measured_obs 
_reflns_shell.number_possible 
_reflns_shell.number_unique_all 
_reflns_shell.number_unique_obs 
_reflns_shell.percent_possible_obs 
_reflns_shell.Rmerge_F_all 
_reflns_shell.Rmerge_F_obs 
_reflns_shell.meanI_over_sigI_gt 
_reflns_shell.meanI_over_uI_all 
_reflns_shell.meanI_over_uI_gt 
_reflns_shell.number_measured_gt 
_reflns_shell.number_unique_gt 
_reflns_shell.percent_possible_gt 
_reflns_shell.Rmerge_F_gt 
_reflns_shell.Rmerge_I_gt 
_reflns_shell.pdbx_redundancy 
_reflns_shell.pdbx_chi_squared 
_reflns_shell.pdbx_netI_over_sigmaI_all 
_reflns_shell.pdbx_netI_over_sigmaI_obs 
_reflns_shell.pdbx_Rrim_I_all 
_reflns_shell.pdbx_Rpim_I_all 
_reflns_shell.pdbx_rejects 
_reflns_shell.pdbx_ordinal 
_reflns_shell.pdbx_diffrn_id 
_reflns_shell.pdbx_CC_half 
_reflns_shell.pdbx_CC_star 
_reflns_shell.pdbx_R_split 
_reflns_shell.percent_possible_all 
_reflns_shell.Rmerge_I_all 
_reflns_shell.Rmerge_I_obs 
_reflns_shell.pdbx_Rsym_value 
_reflns_shell.pdbx_percent_possible_ellipsoidal 
_reflns_shell.pdbx_percent_possible_spherical 
_reflns_shell.pdbx_percent_possible_ellipsoidal_anomalous 
_reflns_shell.pdbx_percent_possible_spherical_anomalous 
_reflns_shell.pdbx_redundancy_anomalous 
_reflns_shell.pdbx_CC_half_anomalous 
_reflns_shell.pdbx_absDiff_over_sigma_anomalous 
_reflns_shell.pdbx_percent_possible_anomalous 
5.943  6.649  ? ? ? ? ? ? 207 ? ? ? ? ? ? ? ? ? ? ? ? ? ? ? ? ? ? 1 1 0.555 ? ? ? ? ? ? ? ? ? ? ? ? ? ? 
10.916 67.586 ? ? ? ? ? ? 210 ? ? ? ? ? ? ? ? ? ? ? ? ? ? ? ? ? ? 2 1 1.000 ? ? ? ? ? ? ? ? ? ? ? ? ? ? 
# 
_refine.aniso_B[1][1]                            ? 
_refine.aniso_B[1][2]                            ? 
_refine.aniso_B[1][3]                            ? 
_refine.aniso_B[2][2]                            ? 
_refine.aniso_B[2][3]                            ? 
_refine.aniso_B[3][3]                            ? 
_refine.B_iso_max                                ? 
_refine.B_iso_mean                               499.78 
_refine.B_iso_min                                ? 
_refine.correlation_coeff_Fo_to_Fc               ? 
_refine.correlation_coeff_Fo_to_Fc_free          ? 
_refine.details                                  ? 
_refine.diff_density_max                         ? 
_refine.diff_density_max_esd                     ? 
_refine.diff_density_min                         ? 
_refine.diff_density_min_esd                     ? 
_refine.diff_density_rms                         ? 
_refine.diff_density_rms_esd                     ? 
_refine.entry_id                                 9PLZ 
_refine.pdbx_refine_id                           'X-RAY DIFFRACTION' 
_refine.ls_abs_structure_details                 ? 
_refine.ls_abs_structure_Flack                   ? 
_refine.ls_abs_structure_Flack_esd               ? 
_refine.ls_abs_structure_Rogers                  ? 
_refine.ls_abs_structure_Rogers_esd              ? 
_refine.ls_d_res_high                            5.94 
_refine.ls_d_res_low                             32.47 
_refine.ls_extinction_coef                       ? 
_refine.ls_extinction_coef_esd                   ? 
_refine.ls_extinction_expression                 ? 
_refine.ls_extinction_method                     ? 
_refine.ls_goodness_of_fit_all                   ? 
_refine.ls_goodness_of_fit_all_esd               ? 
_refine.ls_goodness_of_fit_obs                   ? 
_refine.ls_goodness_of_fit_obs_esd               ? 
_refine.ls_hydrogen_treatment                    ? 
_refine.ls_matrix_type                           ? 
_refine.ls_number_constraints                    ? 
_refine.ls_number_parameters                     ? 
_refine.ls_number_reflns_all                     ? 
_refine.ls_number_reflns_obs                     1007 
_refine.ls_number_reflns_R_free                  52 
_refine.ls_number_reflns_R_work                  955 
_refine.ls_number_restraints                     ? 
_refine.ls_percent_reflns_obs                    89.59 
_refine.ls_percent_reflns_R_free                 5.16 
_refine.ls_R_factor_all                          ? 
_refine.ls_R_factor_obs                          0.1299 
_refine.ls_R_factor_R_free                       0.1673 
_refine.ls_R_factor_R_free_error                 ? 
_refine.ls_R_factor_R_free_error_details         ? 
_refine.ls_R_factor_R_work                       0.1274 
_refine.ls_R_Fsqd_factor_obs                     ? 
_refine.ls_R_I_factor_obs                        ? 
_refine.ls_redundancy_reflns_all                 ? 
_refine.ls_redundancy_reflns_obs                 ? 
_refine.ls_restrained_S_all                      ? 
_refine.ls_restrained_S_obs                      ? 
_refine.ls_shift_over_esd_max                    ? 
_refine.ls_shift_over_esd_mean                   ? 
_refine.ls_structure_factor_coef                 ? 
_refine.ls_weighting_details                     ? 
_refine.ls_weighting_scheme                      ? 
_refine.ls_wR_factor_all                         ? 
_refine.ls_wR_factor_obs                         ? 
_refine.ls_wR_factor_R_free                      ? 
_refine.ls_wR_factor_R_work                      ? 
_refine.occupancy_max                            ? 
_refine.occupancy_min                            ? 
_refine.solvent_model_details                    'FLAT BULK SOLVENT MODEL' 
_refine.solvent_model_param_bsol                 ? 
_refine.solvent_model_param_ksol                 ? 
_refine.correlation_coeff_I_to_Fcsqd_work        ? 
_refine.correlation_coeff_I_to_Fcsqd_free        ? 
_refine.pdbx_R_complete                          ? 
_refine.ls_R_factor_gt                           ? 
_refine.ls_goodness_of_fit_gt                    ? 
_refine.ls_goodness_of_fit_ref                   ? 
_refine.ls_shift_over_su_max                     ? 
_refine.ls_shift_over_su_max_lt                  ? 
_refine.ls_shift_over_su_mean                    ? 
_refine.ls_shift_over_su_mean_lt                 ? 
_refine.pdbx_ls_sigma_I                          ? 
_refine.pdbx_ls_sigma_F                          1.36 
_refine.pdbx_ls_sigma_Fsqd                       ? 
_refine.pdbx_data_cutoff_high_absF               ? 
_refine.pdbx_data_cutoff_high_rms_absF           ? 
_refine.pdbx_data_cutoff_low_absF                ? 
_refine.pdbx_isotropic_thermal_model             ? 
_refine.pdbx_ls_cross_valid_method               'FREE R-VALUE' 
_refine.pdbx_method_to_determine_struct          'MOLECULAR REPLACEMENT' 
_refine.pdbx_starting_model                      ? 
_refine.pdbx_stereochemistry_target_values       'GeoStd + Monomer Library + CDL v1.2' 
_refine.pdbx_R_Free_selection_details            ? 
_refine.pdbx_stereochem_target_val_spec_case     ? 
_refine.pdbx_overall_ESU_R                       ? 
_refine.pdbx_overall_ESU_R_Free                  ? 
_refine.pdbx_solvent_vdw_probe_radii             1.1000 
_refine.pdbx_solvent_ion_probe_radii             ? 
_refine.pdbx_solvent_shrinkage_radii             0.9000 
_refine.pdbx_real_space_R                        ? 
_refine.pdbx_density_correlation                 ? 
_refine.pdbx_pd_number_of_powder_patterns        ? 
_refine.pdbx_pd_number_of_points                 ? 
_refine.pdbx_pd_meas_number_of_points            ? 
_refine.pdbx_pd_proc_ls_prof_R_factor            ? 
_refine.pdbx_pd_proc_ls_prof_wR_factor           ? 
_refine.pdbx_pd_Marquardt_correlation_coeff      ? 
_refine.pdbx_pd_Fsqrd_R_factor                   ? 
_refine.pdbx_pd_ls_matrix_band_width             ? 
_refine.pdbx_overall_phase_error                 22.5943 
_refine.pdbx_overall_SU_R_free_Cruickshank_DPI   ? 
_refine.pdbx_overall_SU_R_free_Blow_DPI          ? 
_refine.pdbx_overall_SU_R_Blow_DPI               ? 
_refine.pdbx_TLS_residual_ADP_flag               ? 
_refine.pdbx_diffrn_id                           1 
_refine.overall_SU_B                             ? 
_refine.overall_SU_ML                            0.0000 
_refine.overall_SU_R_Cruickshank_DPI             ? 
_refine.overall_SU_R_free                        ? 
_refine.overall_FOM_free_R_set                   ? 
_refine.overall_FOM_work_R_set                   ? 
_refine.pdbx_average_fsc_overall                 ? 
_refine.pdbx_average_fsc_work                    ? 
_refine.pdbx_average_fsc_free                    ? 
# 
_refine_hist.pdbx_refine_id                   'X-RAY DIFFRACTION' 
_refine_hist.cycle_id                         LAST 
_refine_hist.details                          ? 
_refine_hist.d_res_high                       5.94 
_refine_hist.d_res_low                        32.47 
_refine_hist.number_atoms_solvent             0 
_refine_hist.number_atoms_total               814 
_refine_hist.number_reflns_all                ? 
_refine_hist.number_reflns_obs                ? 
_refine_hist.number_reflns_R_free             ? 
_refine_hist.number_reflns_R_work             ? 
_refine_hist.R_factor_all                     ? 
_refine_hist.R_factor_obs                     ? 
_refine_hist.R_factor_R_free                  ? 
_refine_hist.R_factor_R_work                  ? 
_refine_hist.pdbx_number_residues_total       ? 
_refine_hist.pdbx_B_iso_mean_ligand           ? 
_refine_hist.pdbx_B_iso_mean_solvent          ? 
_refine_hist.pdbx_number_atoms_protein        0 
_refine_hist.pdbx_number_atoms_nucleic_acid   814 
_refine_hist.pdbx_number_atoms_ligand         0 
_refine_hist.pdbx_number_atoms_lipid          ? 
_refine_hist.pdbx_number_atoms_carb           ? 
_refine_hist.pdbx_pseudo_atom_details         ? 
# 
loop_
_refine_ls_restr.pdbx_refine_id 
_refine_ls_restr.criterion 
_refine_ls_restr.dev_ideal 
_refine_ls_restr.dev_ideal_target 
_refine_ls_restr.number 
_refine_ls_restr.rejects 
_refine_ls_restr.type 
_refine_ls_restr.weight 
_refine_ls_restr.pdbx_Zscore 
_refine_ls_restr.pdbx_restraint_function 
'X-RAY DIFFRACTION' ? 0.0150  ? 910  ? f_bond_d           ? ? ? 
'X-RAY DIFFRACTION' ? 1.5003  ? 1396 ? f_angle_d          ? ? ? 
'X-RAY DIFFRACTION' ? 0.0827  ? 158  ? f_chiral_restr     ? ? ? 
'X-RAY DIFFRACTION' ? 0.0071  ? 40   ? f_plane_restr      ? ? ? 
'X-RAY DIFFRACTION' ? 40.4335 ? 418  ? f_dihedral_angle_d ? ? ? 
# 
_refine_ls_shell.pdbx_refine_id                      'X-RAY DIFFRACTION' 
_refine_ls_shell.d_res_high                          5.94 
_refine_ls_shell.d_res_low                           32.47 
_refine_ls_shell.number_reflns_all                   ? 
_refine_ls_shell.number_reflns_obs                   ? 
_refine_ls_shell.number_reflns_R_free                52 
_refine_ls_shell.number_reflns_R_work                955 
_refine_ls_shell.percent_reflns_obs                  89.59 
_refine_ls_shell.percent_reflns_R_free               ? 
_refine_ls_shell.R_factor_all                        ? 
_refine_ls_shell.R_factor_obs                        ? 
_refine_ls_shell.R_factor_R_free_error               ? 
_refine_ls_shell.R_factor_R_work                     0.1274 
_refine_ls_shell.redundancy_reflns_all               ? 
_refine_ls_shell.redundancy_reflns_obs               ? 
_refine_ls_shell.wR_factor_all                       ? 
_refine_ls_shell.wR_factor_obs                       ? 
_refine_ls_shell.wR_factor_R_free                    ? 
_refine_ls_shell.wR_factor_R_work                    ? 
_refine_ls_shell.pdbx_R_complete                     ? 
_refine_ls_shell.correlation_coeff_Fo_to_Fc          ? 
_refine_ls_shell.correlation_coeff_Fo_to_Fc_free     ? 
_refine_ls_shell.correlation_coeff_I_to_Fcsqd_work   ? 
_refine_ls_shell.correlation_coeff_I_to_Fcsqd_free   ? 
_refine_ls_shell.pdbx_total_number_of_bins_used      ? 
_refine_ls_shell.pdbx_phase_error                    ? 
_refine_ls_shell.pdbx_fsc_work                       ? 
_refine_ls_shell.pdbx_fsc_free                       ? 
_refine_ls_shell.R_factor_R_free                     0.1673 
# 
_struct.entry_id                     9PLZ 
_struct.title                        
'[20-7B G|A] 20 bp tensegrity triangle that propagates via blunt-end stacking with G stacking on A at the interface' 
_struct.pdbx_model_details           ? 
_struct.pdbx_formula_weight          ? 
_struct.pdbx_formula_weight_method   ? 
_struct.pdbx_model_type_details      ? 
_struct.pdbx_CASP_flag               N 
# 
_struct_keywords.entry_id        9PLZ 
_struct_keywords.text            'tensegrity triangle, blunt, stacking, dna' 
_struct_keywords.pdbx_keywords   DNA 
# 
loop_
_struct_asym.id 
_struct_asym.pdbx_blank_PDB_chainid_flag 
_struct_asym.pdbx_modified 
_struct_asym.entity_id 
_struct_asym.details 
A N N 1 ? 
B N N 2 ? 
C N N 3 ? 
D N N 4 ? 
# 
loop_
_struct_ref.id 
_struct_ref.db_name 
_struct_ref.db_code 
_struct_ref.pdbx_db_accession 
_struct_ref.pdbx_db_isoform 
_struct_ref.entity_id 
_struct_ref.pdbx_seq_one_letter_code 
_struct_ref.pdbx_align_begin 
1 PDB 9PLZ 9PLZ ? 1 ? 1 
2 PDB 9PLZ 9PLZ ? 2 ? 1 
3 PDB 9PLZ 9PLZ ? 3 ? 1 
4 PDB 9PLZ 9PLZ ? 4 ? 1 
# 
loop_
_struct_ref_seq.align_id 
_struct_ref_seq.ref_id 
_struct_ref_seq.pdbx_PDB_id_code 
_struct_ref_seq.pdbx_strand_id 
_struct_ref_seq.seq_align_beg 
_struct_ref_seq.pdbx_seq_align_beg_ins_code 
_struct_ref_seq.seq_align_end 
_struct_ref_seq.pdbx_seq_align_end_ins_code 
_struct_ref_seq.pdbx_db_accession 
_struct_ref_seq.db_align_beg 
_struct_ref_seq.pdbx_db_align_beg_ins_code 
_struct_ref_seq.db_align_end 
_struct_ref_seq.pdbx_db_align_end_ins_code 
_struct_ref_seq.pdbx_auth_seq_align_beg 
_struct_ref_seq.pdbx_auth_seq_align_end 
1 1 9PLZ A 1 ? 20 ? 9PLZ 105 ? 124 ? 105 124 
2 2 9PLZ B 1 ? 7  ? 9PLZ 119 ? 125 ? 119 125 
3 3 9PLZ C 1 ? 6  ? 9PLZ 209 ? 214 ? 209 214 
4 4 9PLZ D 1 ? 7  ? 9PLZ 103 ? 109 ? 103 109 
# 
_pdbx_struct_assembly.id                   1 
_pdbx_struct_assembly.details              author_defined_assembly 
_pdbx_struct_assembly.method_details       ? 
_pdbx_struct_assembly.oligomeric_details   dodecameric 
_pdbx_struct_assembly.oligomeric_count     12 
# 
loop_
_pdbx_struct_assembly_gen.assembly_id 
_pdbx_struct_assembly_gen.oper_expression 
_pdbx_struct_assembly_gen.asym_id_list 
1 1 A,B,C,D 
1 2 A,B,C,D 
1 3 A,B,C,D 
# 
_pdbx_struct_assembly_auth_evidence.id                     1 
_pdbx_struct_assembly_auth_evidence.assembly_id            1 
_pdbx_struct_assembly_auth_evidence.experimental_support   'native gel electrophoresis' 
_pdbx_struct_assembly_auth_evidence.details                ? 
# 
loop_
_pdbx_struct_oper_list.id 
_pdbx_struct_oper_list.type 
_pdbx_struct_oper_list.name 
_pdbx_struct_oper_list.symmetry_operation 
_pdbx_struct_oper_list.matrix[1][1] 
_pdbx_struct_oper_list.matrix[1][2] 
_pdbx_struct_oper_list.matrix[1][3] 
_pdbx_struct_oper_list.vector[1] 
_pdbx_struct_oper_list.matrix[2][1] 
_pdbx_struct_oper_list.matrix[2][2] 
_pdbx_struct_oper_list.matrix[2][3] 
_pdbx_struct_oper_list.vector[2] 
_pdbx_struct_oper_list.matrix[3][1] 
_pdbx_struct_oper_list.matrix[3][2] 
_pdbx_struct_oper_list.matrix[3][3] 
_pdbx_struct_oper_list.vector[3] 
1 'identity operation'         1_555 x,y,z 1.0000000000 0.0000000000 0.0000000000  0.0000000000  0.0000000000 1.0000000000  0.0000000000  0.0000000000   0.0000000000  0.0000000000  1.0000000000  0.0000000000   
2 'crystal symmetry operation' 5_555 z,x,y 0.6408503721 0.7332705567 -0.2272115559 5.9492977657  0.0772202329 -0.3560513859 -0.9312703401 -24.4545886633 -0.7637721101 0.5792596147  -0.2847989863 -6.3025274274  
3 'crystal symmetry operation' 9_555 y,z,x 0.6408503721 0.0772202329 -0.7637721101 -6.7379153280 0.7332705567 -0.3560513859 0.5792596147  -9.4187354597  -0.2272115559 -0.9312703401 -0.2847989863 -23.2170373205 
# 
loop_
_struct_conn.id 
_struct_conn.conn_type_id 
_struct_conn.pdbx_leaving_atom_flag 
_struct_conn.pdbx_PDB_id 
_struct_conn.ptnr1_label_asym_id 
_struct_conn.ptnr1_label_comp_id 
_struct_conn.ptnr1_label_seq_id 
_struct_conn.ptnr1_label_atom_id 
_struct_conn.pdbx_ptnr1_label_alt_id 
_struct_conn.pdbx_ptnr1_PDB_ins_code 
_struct_conn.pdbx_ptnr1_standard_comp_id 
_struct_conn.ptnr1_symmetry 
_struct_conn.ptnr2_label_asym_id 
_struct_conn.ptnr2_label_comp_id 
_struct_conn.ptnr2_label_seq_id 
_struct_conn.ptnr2_label_atom_id 
_struct_conn.pdbx_ptnr2_label_alt_id 
_struct_conn.pdbx_ptnr2_PDB_ins_code 
_struct_conn.ptnr1_auth_asym_id 
_struct_conn.ptnr1_auth_comp_id 
_struct_conn.ptnr1_auth_seq_id 
_struct_conn.ptnr2_auth_asym_id 
_struct_conn.ptnr2_auth_comp_id 
_struct_conn.ptnr2_auth_seq_id 
_struct_conn.ptnr2_symmetry 
_struct_conn.pdbx_ptnr3_label_atom_id 
_struct_conn.pdbx_ptnr3_label_seq_id 
_struct_conn.pdbx_ptnr3_label_comp_id 
_struct_conn.pdbx_ptnr3_label_asym_id 
_struct_conn.pdbx_ptnr3_label_alt_id 
_struct_conn.pdbx_ptnr3_PDB_ins_code 
_struct_conn.details 
_struct_conn.pdbx_dist_value 
_struct_conn.pdbx_value_order 
_struct_conn.pdbx_role 
hydrog1  hydrog ? ? A DG 1  N1 ? ? ? 1_555 C DC 6 N3 ? ? A DG 105 C DC 214 1_555 ? ? ? ? ? ? WATSON-CRICK    ? ? ? 
hydrog2  hydrog ? ? A DG 1  N2 ? ? ? 1_555 C DC 6 O2 ? ? A DG 105 C DC 214 1_555 ? ? ? ? ? ? WATSON-CRICK    ? ? ? 
hydrog3  hydrog ? ? A DG 1  O6 ? ? ? 1_555 C DC 6 N4 ? ? A DG 105 C DC 214 1_555 ? ? ? ? ? ? WATSON-CRICK    ? ? ? 
hydrog4  hydrog ? ? A DC 2  O2 ? ? ? 1_555 C DG 5 N2 ? ? A DC 106 C DG 213 1_555 ? ? ? ? ? ? 'DC-DG PAIR'    ? ? ? 
hydrog5  hydrog ? ? A DA 3  N1 ? ? ? 1_555 C DT 4 N3 ? ? A DA 107 C DT 212 1_555 ? ? ? ? ? ? WATSON-CRICK    ? ? ? 
hydrog6  hydrog ? ? A DA 3  N6 ? ? ? 1_555 C DT 4 O4 ? ? A DA 107 C DT 212 1_555 ? ? ? ? ? ? WATSON-CRICK    ? ? ? 
hydrog7  hydrog ? ? A DG 4  N1 ? ? ? 1_555 C DC 3 N3 ? ? A DG 108 C DC 211 1_555 ? ? ? ? ? ? WATSON-CRICK    ? ? ? 
hydrog8  hydrog ? ? A DG 4  N2 ? ? ? 1_555 C DC 3 O2 ? ? A DG 108 C DC 211 1_555 ? ? ? ? ? ? WATSON-CRICK    ? ? ? 
hydrog9  hydrog ? ? A DG 4  O6 ? ? ? 1_555 C DC 3 N4 ? ? A DG 108 C DC 211 1_555 ? ? ? ? ? ? WATSON-CRICK    ? ? ? 
hydrog10 hydrog ? ? A DC 5  N3 ? ? ? 1_555 C DG 2 N1 ? ? A DC 109 C DG 210 1_555 ? ? ? ? ? ? WATSON-CRICK    ? ? ? 
hydrog11 hydrog ? ? A DC 5  N4 ? ? ? 1_555 C DG 2 O6 ? ? A DC 109 C DG 210 1_555 ? ? ? ? ? ? WATSON-CRICK    ? ? ? 
hydrog12 hydrog ? ? A DC 5  O2 ? ? ? 1_555 C DG 2 N2 ? ? A DC 109 C DG 210 1_555 ? ? ? ? ? ? WATSON-CRICK    ? ? ? 
hydrog13 hydrog ? ? A DC 6  N3 ? ? ? 1_555 C DG 1 N1 ? ? A DC 110 C DG 209 1_555 ? ? ? ? ? ? WATSON-CRICK    ? ? ? 
hydrog14 hydrog ? ? A DC 6  N4 ? ? ? 1_555 C DG 1 O6 ? ? A DC 110 C DG 209 1_555 ? ? ? ? ? ? WATSON-CRICK    ? ? ? 
hydrog15 hydrog ? ? A DC 6  O2 ? ? ? 1_555 C DG 1 N2 ? ? A DC 110 C DG 209 1_555 ? ? ? ? ? ? WATSON-CRICK    ? ? ? 
hydrog16 hydrog ? ? A DT 7  O4 ? ? ? 1_555 B DC 6 N4 ? ? A DT 111 B DC 124 1_555 ? ? ? ? ? ? 'DT-DC MISPAIR' ? ? ? 
hydrog17 hydrog ? ? A DT 7  N3 ? ? ? 1_555 B DA 7 N1 ? ? A DT 111 B DA 125 1_555 ? ? ? ? ? ? 'DT-DA PAIR'    ? ? ? 
hydrog18 hydrog ? ? A DG 8  N1 ? ? ? 1_555 B DC 6 N3 ? ? A DG 112 B DC 124 1_555 ? ? ? ? ? ? WATSON-CRICK    ? ? ? 
hydrog19 hydrog ? ? A DG 8  N2 ? ? ? 1_555 B DC 6 O2 ? ? A DG 112 B DC 124 1_555 ? ? ? ? ? ? WATSON-CRICK    ? ? ? 
hydrog20 hydrog ? ? A DG 8  O6 ? ? ? 1_555 B DC 6 N4 ? ? A DG 112 B DC 124 1_555 ? ? ? ? ? ? WATSON-CRICK    ? ? ? 
hydrog21 hydrog ? ? A DT 9  N3 ? ? ? 1_555 B DA 5 N1 ? ? A DT 113 B DA 123 1_555 ? ? ? ? ? ? WATSON-CRICK    ? ? ? 
hydrog22 hydrog ? ? A DT 9  O4 ? ? ? 1_555 B DA 5 N6 ? ? A DT 113 B DA 123 1_555 ? ? ? ? ? ? WATSON-CRICK    ? ? ? 
hydrog23 hydrog ? ? A DA 10 N1 ? ? ? 1_555 B DT 4 N3 ? ? A DA 114 B DT 122 1_555 ? ? ? ? ? ? WATSON-CRICK    ? ? ? 
hydrog24 hydrog ? ? A DA 10 N6 ? ? ? 1_555 B DT 4 O4 ? ? A DA 114 B DT 122 1_555 ? ? ? ? ? ? WATSON-CRICK    ? ? ? 
hydrog25 hydrog ? ? A DC 11 N3 ? ? ? 1_555 B DG 3 N1 ? ? A DC 115 B DG 121 1_555 ? ? ? ? ? ? WATSON-CRICK    ? ? ? 
hydrog26 hydrog ? ? A DC 11 N4 ? ? ? 1_555 B DG 3 O6 ? ? A DC 115 B DG 121 1_555 ? ? ? ? ? ? WATSON-CRICK    ? ? ? 
hydrog27 hydrog ? ? A DC 11 O2 ? ? ? 1_555 B DG 3 N2 ? ? A DC 115 B DG 121 1_555 ? ? ? ? ? ? WATSON-CRICK    ? ? ? 
hydrog28 hydrog ? ? A DG 12 N1 ? ? ? 1_555 B DC 2 N3 ? ? A DG 116 B DC 120 1_555 ? ? ? ? ? ? WATSON-CRICK    ? ? ? 
hydrog29 hydrog ? ? A DG 12 N2 ? ? ? 1_555 B DC 2 O2 ? ? A DG 116 B DC 120 1_555 ? ? ? ? ? ? WATSON-CRICK    ? ? ? 
hydrog30 hydrog ? ? A DG 12 O6 ? ? ? 1_555 B DC 2 N4 ? ? A DG 116 B DC 120 1_555 ? ? ? ? ? ? WATSON-CRICK    ? ? ? 
hydrog31 hydrog ? ? A DG 13 N1 ? ? ? 1_555 B DC 1 N3 ? ? A DG 117 B DC 119 1_555 ? ? ? ? ? ? WATSON-CRICK    ? ? ? 
hydrog32 hydrog ? ? A DG 13 N2 ? ? ? 1_555 B DC 1 O2 ? ? A DG 117 B DC 119 1_555 ? ? ? ? ? ? WATSON-CRICK    ? ? ? 
hydrog33 hydrog ? ? A DG 13 O6 ? ? ? 1_555 B DC 1 N4 ? ? A DG 117 B DC 119 1_555 ? ? ? ? ? ? WATSON-CRICK    ? ? ? 
hydrog34 hydrog ? ? A DA 14 N1 ? ? ? 1_555 D DT 7 N3 ? ? A DA 118 D DT 109 1_555 ? ? ? ? ? ? WATSON-CRICK    ? ? ? 
hydrog35 hydrog ? ? A DA 14 N6 ? ? ? 1_555 D DT 7 O4 ? ? A DA 118 D DT 109 1_555 ? ? ? ? ? ? WATSON-CRICK    ? ? ? 
hydrog36 hydrog ? ? A DC 15 N3 ? ? ? 1_555 D DG 6 N1 ? ? A DC 119 D DG 108 1_555 ? ? ? ? ? ? WATSON-CRICK    ? ? ? 
hydrog37 hydrog ? ? A DC 15 N4 ? ? ? 1_555 D DG 6 O6 ? ? A DC 119 D DG 108 1_555 ? ? ? ? ? ? WATSON-CRICK    ? ? ? 
hydrog38 hydrog ? ? A DC 15 O2 ? ? ? 1_555 D DG 6 N2 ? ? A DC 119 D DG 108 1_555 ? ? ? ? ? ? WATSON-CRICK    ? ? ? 
hydrog39 hydrog ? ? A DA 16 N1 ? ? ? 1_555 D DT 5 N3 ? ? A DA 120 D DT 107 1_555 ? ? ? ? ? ? WATSON-CRICK    ? ? ? 
hydrog40 hydrog ? ? A DA 16 N6 ? ? ? 1_555 D DT 5 O4 ? ? A DA 120 D DT 107 1_555 ? ? ? ? ? ? WATSON-CRICK    ? ? ? 
hydrog41 hydrog ? ? A DG 17 N1 ? ? ? 1_555 D DC 4 N3 ? ? A DG 121 D DC 106 1_555 ? ? ? ? ? ? WATSON-CRICK    ? ? ? 
hydrog42 hydrog ? ? A DG 17 N2 ? ? ? 1_555 D DC 4 O2 ? ? A DG 121 D DC 106 1_555 ? ? ? ? ? ? WATSON-CRICK    ? ? ? 
hydrog43 hydrog ? ? A DG 17 O6 ? ? ? 1_555 D DC 4 N4 ? ? A DG 121 D DC 106 1_555 ? ? ? ? ? ? WATSON-CRICK    ? ? ? 
hydrog44 hydrog ? ? A DT 18 N3 ? ? ? 1_555 D DA 3 N1 ? ? A DT 122 D DA 105 1_555 ? ? ? ? ? ? WATSON-CRICK    ? ? ? 
hydrog45 hydrog ? ? A DT 18 O4 ? ? ? 1_555 D DA 3 N6 ? ? A DT 122 D DA 105 1_555 ? ? ? ? ? ? WATSON-CRICK    ? ? ? 
hydrog46 hydrog ? ? A DC 19 N3 ? ? ? 1_555 D DG 2 N1 ? ? A DC 123 D DG 104 1_555 ? ? ? ? ? ? WATSON-CRICK    ? ? ? 
hydrog47 hydrog ? ? A DC 19 N4 ? ? ? 1_555 D DG 2 O6 ? ? A DC 123 D DG 104 1_555 ? ? ? ? ? ? WATSON-CRICK    ? ? ? 
hydrog48 hydrog ? ? A DC 19 O2 ? ? ? 1_555 D DG 2 N2 ? ? A DC 123 D DG 104 1_555 ? ? ? ? ? ? WATSON-CRICK    ? ? ? 
hydrog49 hydrog ? ? A DA 20 N1 ? ? ? 1_555 D DT 1 N3 ? ? A DA 124 D DT 103 1_555 ? ? ? ? ? ? WATSON-CRICK    ? ? ? 
hydrog50 hydrog ? ? A DA 20 N6 ? ? ? 1_555 D DT 1 O4 ? ? A DA 124 D DT 103 1_555 ? ? ? ? ? ? WATSON-CRICK    ? ? ? 
# 
_struct_conn_type.id          hydrog 
_struct_conn_type.criteria    ? 
_struct_conn_type.reference   ? 
# 
_pdbx_entry_details.entry_id                   9PLZ 
_pdbx_entry_details.compound_details           ? 
_pdbx_entry_details.source_details             ? 
_pdbx_entry_details.nonpolymer_details         ? 
_pdbx_entry_details.sequence_details           ? 
_pdbx_entry_details.has_ligand_of_interest     ? 
_pdbx_entry_details.has_protein_modification   N 
# 
loop_
_pdbx_validate_rmsd_bond.id 
_pdbx_validate_rmsd_bond.PDB_model_num 
_pdbx_validate_rmsd_bond.auth_atom_id_1 
_pdbx_validate_rmsd_bond.auth_asym_id_1 
_pdbx_validate_rmsd_bond.auth_comp_id_1 
_pdbx_validate_rmsd_bond.auth_seq_id_1 
_pdbx_validate_rmsd_bond.PDB_ins_code_1 
_pdbx_validate_rmsd_bond.label_alt_id_1 
_pdbx_validate_rmsd_bond.auth_atom_id_2 
_pdbx_validate_rmsd_bond.auth_asym_id_2 
_pdbx_validate_rmsd_bond.auth_comp_id_2 
_pdbx_validate_rmsd_bond.auth_seq_id_2 
_pdbx_validate_rmsd_bond.PDB_ins_code_2 
_pdbx_validate_rmsd_bond.label_alt_id_2 
_pdbx_validate_rmsd_bond.bond_value 
_pdbx_validate_rmsd_bond.bond_target_value 
_pdbx_validate_rmsd_bond.bond_deviation 
_pdbx_validate_rmsd_bond.bond_standard_deviation 
_pdbx_validate_rmsd_bond.linker_flag 
1 1 N9    A DA 107 ? ? C4    A DA 107 ? ? 1.334 1.374 -0.040 0.006 N 
2 1 "O3'" A DC 123 ? ? "C3'" A DC 123 ? ? 1.381 1.419 -0.038 0.006 N 
3 1 "O3'" B DC 120 ? ? "C3'" B DC 120 ? ? 1.378 1.419 -0.041 0.006 N 
4 1 "O3'" C DG 213 ? ? "C3'" C DG 213 ? ? 1.379 1.419 -0.040 0.006 N 
# 
loop_
_pdbx_validate_rmsd_angle.id 
_pdbx_validate_rmsd_angle.PDB_model_num 
_pdbx_validate_rmsd_angle.auth_atom_id_1 
_pdbx_validate_rmsd_angle.auth_asym_id_1 
_pdbx_validate_rmsd_angle.auth_comp_id_1 
_pdbx_validate_rmsd_angle.auth_seq_id_1 
_pdbx_validate_rmsd_angle.PDB_ins_code_1 
_pdbx_validate_rmsd_angle.label_alt_id_1 
_pdbx_validate_rmsd_angle.auth_atom_id_2 
_pdbx_validate_rmsd_angle.auth_asym_id_2 
_pdbx_validate_rmsd_angle.auth_comp_id_2 
_pdbx_validate_rmsd_angle.auth_seq_id_2 
_pdbx_validate_rmsd_angle.PDB_ins_code_2 
_pdbx_validate_rmsd_angle.label_alt_id_2 
_pdbx_validate_rmsd_angle.auth_atom_id_3 
_pdbx_validate_rmsd_angle.auth_asym_id_3 
_pdbx_validate_rmsd_angle.auth_comp_id_3 
_pdbx_validate_rmsd_angle.auth_seq_id_3 
_pdbx_validate_rmsd_angle.PDB_ins_code_3 
_pdbx_validate_rmsd_angle.label_alt_id_3 
_pdbx_validate_rmsd_angle.angle_value 
_pdbx_validate_rmsd_angle.angle_target_value 
_pdbx_validate_rmsd_angle.angle_deviation 
_pdbx_validate_rmsd_angle.angle_standard_deviation 
_pdbx_validate_rmsd_angle.linker_flag 
1  1 "C3'" A DG 105 ? ? "C2'" A DG 105 ? ? "C1'" A DG 105 ? ? 97.02  102.40 -5.38 0.80 N 
2  1 "O4'" A DC 106 ? ? "C4'" A DC 106 ? ? "C3'" A DC 106 ? ? 100.63 104.50 -3.87 0.40 N 
3  1 "C3'" A DG 108 ? ? "C2'" A DG 108 ? ? "C1'" A DG 108 ? ? 97.16  102.40 -5.24 0.80 N 
4  1 "O4'" A DG 108 ? ? "C1'" A DG 108 ? ? N9    A DG 108 ? ? 111.99 108.30 3.69  0.30 N 
5  1 "O4'" A DC 109 ? ? "C1'" A DC 109 ? ? N1    A DC 109 ? ? 111.47 108.30 3.17  0.30 N 
6  1 "C3'" A DT 111 ? ? "C2'" A DT 111 ? ? "C1'" A DT 111 ? ? 97.43  102.40 -4.97 0.80 N 
7  1 "O4'" A DT 111 ? ? "C1'" A DT 111 ? ? N1    A DT 111 ? ? 112.43 108.30 4.13  0.30 N 
8  1 "O4'" A DA 114 ? ? "C1'" A DA 114 ? ? N9    A DA 114 ? ? 111.30 108.30 3.00  0.30 N 
9  1 "C3'" A DC 119 ? ? "C2'" A DC 119 ? ? "C1'" A DC 119 ? ? 96.70  102.40 -5.70 0.80 N 
10 1 "O4'" A DA 120 ? ? "C4'" A DA 120 ? ? "C3'" A DA 120 ? ? 101.44 104.50 -3.06 0.40 N 
11 1 "C3'" B DC 120 ? ? "C2'" B DC 120 ? ? "C1'" B DC 120 ? ? 96.75  102.40 -5.65 0.80 N 
12 1 "O4'" B DC 124 ? ? "C1'" B DC 124 ? ? N1    B DC 124 ? ? 111.76 108.30 3.46  0.30 N 
13 1 "O4'" D DT 103 ? ? "C1'" D DT 103 ? ? N1    D DT 103 ? ? 110.75 108.30 2.45  0.30 N 
14 1 "O4'" D DG 108 ? ? "C4'" D DG 108 ? ? "C3'" D DG 108 ? ? 101.21 104.50 -3.29 0.40 N 
# 
loop_
_space_group_symop.id 
_space_group_symop.operation_xyz 
1  x,y,z                
2  x+1/4,-z+1/4,y+3/4   
3  x+1/4,z+3/4,-y+3/4   
4  z+1/4,y+3/4,-x+3/4   
5  -z+1/4,y+3/4,x+1/4   
6  -y+1/4,x+3/4,z+1/4   
7  y+1/4,-x+1/4,z+3/4   
8  z,x,y                
9  y,z,x                
10 -y,-z+1/2,x          
11 z,-x,-y+1/2          
12 -y+1/2,z,-x          
13 -z,-x+1/2,y          
14 -z+1/2,x,-y          
15 y,-z,-x+1/2          
16 x,-y,-z+1/2          
17 -x+1/2,y,-z          
18 -x,-y+1/2,z          
19 y+1/4,x+3/4,-z+3/4   
20 -y+1/4,-x+1/4,-z+1/4 
21 z+1/4,-y+1/4,x+3/4   
22 -z+1/4,-y+1/4,-x+1/4 
23 -x+1/4,z+3/4,y+1/4   
24 -x+1/4,-z+1/4,-y+1/4 
25 x+1/2,y+1/2,z+1/2    
26 x+3/4,-z+3/4,y+5/4   
27 x+3/4,z+5/4,-y+5/4   
28 z+3/4,y+5/4,-x+5/4   
29 -z+3/4,y+5/4,x+3/4   
30 -y+3/4,x+5/4,z+3/4   
31 y+3/4,-x+3/4,z+5/4   
32 z+1/2,x+1/2,y+1/2    
33 y+1/2,z+1/2,x+1/2    
34 -y+1/2,-z+1,x+1/2    
35 z+1/2,-x+1/2,-y+1    
36 -y+1,z+1/2,-x+1/2    
37 -z+1/2,-x+1,y+1/2    
38 -z+1,x+1/2,-y+1/2    
39 y+1/2,-z+1/2,-x+1    
40 x+1/2,-y+1/2,-z+1    
41 -x+1,y+1/2,-z+1/2    
42 -x+1/2,-y+1,z+1/2    
43 y+3/4,x+5/4,-z+5/4   
44 -y+3/4,-x+3/4,-z+3/4 
45 z+3/4,-y+3/4,x+5/4   
46 -z+3/4,-y+3/4,-x+3/4 
47 -x+3/4,z+5/4,y+3/4   
48 -x+3/4,-z+3/4,-y+3/4 
# 
loop_
_pdbx_refine_tls.id 
_pdbx_refine_tls.pdbx_refine_id 
_pdbx_refine_tls.details 
_pdbx_refine_tls.method 
_pdbx_refine_tls.origin_x 
_pdbx_refine_tls.origin_y 
_pdbx_refine_tls.origin_z 
_pdbx_refine_tls.T[1][1] 
_pdbx_refine_tls.T[1][1]_esd 
_pdbx_refine_tls.T[1][2] 
_pdbx_refine_tls.T[1][2]_esd 
_pdbx_refine_tls.T[1][3] 
_pdbx_refine_tls.T[1][3]_esd 
_pdbx_refine_tls.T[2][2] 
_pdbx_refine_tls.T[2][2]_esd 
_pdbx_refine_tls.T[2][3] 
_pdbx_refine_tls.T[2][3]_esd 
_pdbx_refine_tls.T[3][3] 
_pdbx_refine_tls.T[3][3]_esd 
_pdbx_refine_tls.L[1][1] 
_pdbx_refine_tls.L[1][1]_esd 
_pdbx_refine_tls.L[1][2] 
_pdbx_refine_tls.L[1][2]_esd 
_pdbx_refine_tls.L[1][3] 
_pdbx_refine_tls.L[1][3]_esd 
_pdbx_refine_tls.L[2][2] 
_pdbx_refine_tls.L[2][2]_esd 
_pdbx_refine_tls.L[2][3] 
_pdbx_refine_tls.L[2][3]_esd 
_pdbx_refine_tls.L[3][3] 
_pdbx_refine_tls.L[3][3]_esd 
_pdbx_refine_tls.S[1][1] 
_pdbx_refine_tls.S[1][1]_esd 
_pdbx_refine_tls.S[1][2] 
_pdbx_refine_tls.S[1][2]_esd 
_pdbx_refine_tls.S[1][3] 
_pdbx_refine_tls.S[1][3]_esd 
_pdbx_refine_tls.S[2][1] 
_pdbx_refine_tls.S[2][1]_esd 
_pdbx_refine_tls.S[2][2] 
_pdbx_refine_tls.S[2][2]_esd 
_pdbx_refine_tls.S[2][3] 
_pdbx_refine_tls.S[2][3]_esd 
_pdbx_refine_tls.S[3][1] 
_pdbx_refine_tls.S[3][1]_esd 
_pdbx_refine_tls.S[3][2] 
_pdbx_refine_tls.S[3][2]_esd 
_pdbx_refine_tls.S[3][3] 
_pdbx_refine_tls.S[3][3]_esd 
1 'X-RAY DIFFRACTION' ? refined -0.11773817003  0.60852944895   -0.2796677116 5.53957912346 ? 1.334876262586 ? -1.722014159284 ? 5.46288490752 ? -2.34533776677  ? 5.60551205969 ? 9.56293751484  ? 5.09161310840 ? -1.97138366602 ? 2.88681907084  ? -1.01054152110 ? 0.45979187777  ? 4.57140277030  ? -1.36024470114  ? 6.76052856144   ? 1.683633887961  ? -0.39198674584 ? 2.52345197647   ? 4.64096296092   ? 2.19819926257   ? -1.26592370598 ? 
2 'X-RAY DIFFRACTION' ? refined 1.2221965481    -1.60297789895  0.0899242906  8.11237497107 ? 1.25413711509  ? -1.61857637330  ? 3.81853239507 ? -1.2993647923   ? 4.09621156842 ? 10.72055100350 ? 3.05039748388 ? -4.03113793227 ? 0.905056104    ? -1.03535022931 ? 1.87904797623  ? 0.43467083149  ? -3.27765446654  ? 3.18665507909   ? 1.62119632531   ? 0.322675934998 ? 0.810097001172  ? 1.21199151454   ? -1.075449969090 ? 2.301566102396 ? 
3 'X-RAY DIFFRACTION' ? refined 20.5719533200   -8.907692883437 7.87691825493 5.06815262244 ? 1.630380500318 ? -0.73769033264  ? 7.23908819321 ? -0.395722008180 ? 2.8298032885  ? 1.31960343923  ? 3.46652955677 ? 1.75702477675  ? 10.89168927255 ? 2.19196831069  ? 5.75355935399  ? -1.1386774581  ? -8.311022782955 ? 2.22150533896   ? -4.083740427295 ? -3.22017066998 ? 2.63273103578   ? -0.05223790031  ? 0.32379132689   ? 4.42345924452  ? 
4 'X-RAY DIFFRACTION' ? refined -19.05779750005 7.6673782970    -6.4552381090 8.8055711579  ? 1.50917502222  ? 1.95413413924   ? 3.96782759555 ? 2.836726585430  ? 10.6758898726 ? 2.27035035327  ? 1.4911957184  ? 3.667359516408 ? 0.96956080655  ? 2.41287145839  ? 5.982901164689 ? -0.46000409327 ? -2.09502041106  ? -2.959016037020 ? 0.89139479733   ? 0.11877509789  ? -3.331752998664 ? -0.958905536009 ? -1.35236344696  ? -3.78874599707 ? 
# 
loop_
_pdbx_refine_tls_group.id 
_pdbx_refine_tls_group.pdbx_refine_id 
_pdbx_refine_tls_group.refine_tls_id 
_pdbx_refine_tls_group.beg_label_asym_id 
_pdbx_refine_tls_group.beg_label_seq_id 
_pdbx_refine_tls_group.beg_auth_asym_id 
_pdbx_refine_tls_group.beg_auth_seq_id 
_pdbx_refine_tls_group.beg_PDB_ins_code 
_pdbx_refine_tls_group.end_label_asym_id 
_pdbx_refine_tls_group.end_label_seq_id 
_pdbx_refine_tls_group.end_auth_asym_id 
_pdbx_refine_tls_group.end_auth_seq_id 
_pdbx_refine_tls_group.end_PDB_ins_code 
_pdbx_refine_tls_group.selection 
_pdbx_refine_tls_group.selection_details 
1 'X-RAY DIFFRACTION' 1 A ? A 105 ? A ? A 124 ? ? 
;(chain 'A' and resid 105 through 124)
;
2 'X-RAY DIFFRACTION' 2 B ? B 119 ? B ? B 125 ? ? 
;(chain 'B' and resid 119 through 125)
;
3 'X-RAY DIFFRACTION' 3 C ? C 209 ? C ? C 214 ? ? 
;(chain 'C' and resid 209 through 214)
;
4 'X-RAY DIFFRACTION' 4 D ? D 103 ? D ? D 109 ? ? 
;(chain 'D' and resid 103 through 109)
;
# 
loop_
_chem_comp_atom.comp_id 
_chem_comp_atom.atom_id 
_chem_comp_atom.type_symbol 
_chem_comp_atom.pdbx_aromatic_flag 
_chem_comp_atom.pdbx_stereo_config 
_chem_comp_atom.pdbx_ordinal 
DA OP3    O N N 1   
DA P      P N N 2   
DA OP1    O N N 3   
DA OP2    O N N 4   
DA "O5'"  O N N 5   
DA "C5'"  C N N 6   
DA "C4'"  C N R 7   
DA "O4'"  O N N 8   
DA "C3'"  C N S 9   
DA "O3'"  O N N 10  
DA "C2'"  C N N 11  
DA "C1'"  C N R 12  
DA N9     N Y N 13  
DA C8     C Y N 14  
DA N7     N Y N 15  
DA C5     C Y N 16  
DA C6     C Y N 17  
DA N6     N N N 18  
DA N1     N Y N 19  
DA C2     C Y N 20  
DA N3     N Y N 21  
DA C4     C Y N 22  
DA HOP3   H N N 23  
DA HOP2   H N N 24  
DA "H5'"  H N N 25  
DA "H5''" H N N 26  
DA "H4'"  H N N 27  
DA "H3'"  H N N 28  
DA "HO3'" H N N 29  
DA "H2'"  H N N 30  
DA "H2''" H N N 31  
DA "H1'"  H N N 32  
DA H8     H N N 33  
DA H61    H N N 34  
DA H62    H N N 35  
DA H2     H N N 36  
DC OP3    O N N 37  
DC P      P N N 38  
DC OP1    O N N 39  
DC OP2    O N N 40  
DC "O5'"  O N N 41  
DC "C5'"  C N N 42  
DC "C4'"  C N R 43  
DC "O4'"  O N N 44  
DC "C3'"  C N S 45  
DC "O3'"  O N N 46  
DC "C2'"  C N N 47  
DC "C1'"  C N R 48  
DC N1     N N N 49  
DC C2     C N N 50  
DC O2     O N N 51  
DC N3     N N N 52  
DC C4     C N N 53  
DC N4     N N N 54  
DC C5     C N N 55  
DC C6     C N N 56  
DC HOP3   H N N 57  
DC HOP2   H N N 58  
DC "H5'"  H N N 59  
DC "H5''" H N N 60  
DC "H4'"  H N N 61  
DC "H3'"  H N N 62  
DC "HO3'" H N N 63  
DC "H2'"  H N N 64  
DC "H2''" H N N 65  
DC "H1'"  H N N 66  
DC H41    H N N 67  
DC H42    H N N 68  
DC H5     H N N 69  
DC H6     H N N 70  
DG OP3    O N N 71  
DG P      P N N 72  
DG OP1    O N N 73  
DG OP2    O N N 74  
DG "O5'"  O N N 75  
DG "C5'"  C N N 76  
DG "C4'"  C N R 77  
DG "O4'"  O N N 78  
DG "C3'"  C N S 79  
DG "O3'"  O N N 80  
DG "C2'"  C N N 81  
DG "C1'"  C N R 82  
DG N9     N Y N 83  
DG C8     C Y N 84  
DG N7     N Y N 85  
DG C5     C Y N 86  
DG C6     C N N 87  
DG O6     O N N 88  
DG N1     N N N 89  
DG C2     C N N 90  
DG N2     N N N 91  
DG N3     N N N 92  
DG C4     C Y N 93  
DG HOP3   H N N 94  
DG HOP2   H N N 95  
DG "H5'"  H N N 96  
DG "H5''" H N N 97  
DG "H4'"  H N N 98  
DG "H3'"  H N N 99  
DG "HO3'" H N N 100 
DG "H2'"  H N N 101 
DG "H2''" H N N 102 
DG "H1'"  H N N 103 
DG H8     H N N 104 
DG H1     H N N 105 
DG H21    H N N 106 
DG H22    H N N 107 
DT OP3    O N N 108 
DT P      P N N 109 
DT OP1    O N N 110 
DT OP2    O N N 111 
DT "O5'"  O N N 112 
DT "C5'"  C N N 113 
DT "C4'"  C N R 114 
DT "O4'"  O N N 115 
DT "C3'"  C N S 116 
DT "O3'"  O N N 117 
DT "C2'"  C N N 118 
DT "C1'"  C N R 119 
DT N1     N N N 120 
DT C2     C N N 121 
DT O2     O N N 122 
DT N3     N N N 123 
DT C4     C N N 124 
DT O4     O N N 125 
DT C5     C N N 126 
DT C7     C N N 127 
DT C6     C N N 128 
DT HOP3   H N N 129 
DT HOP2   H N N 130 
DT "H5'"  H N N 131 
DT "H5''" H N N 132 
DT "H4'"  H N N 133 
DT "H3'"  H N N 134 
DT "HO3'" H N N 135 
DT "H2'"  H N N 136 
DT "H2''" H N N 137 
DT "H1'"  H N N 138 
DT H3     H N N 139 
DT H71    H N N 140 
DT H72    H N N 141 
DT H73    H N N 142 
DT H6     H N N 143 
# 
loop_
_chem_comp_bond.comp_id 
_chem_comp_bond.atom_id_1 
_chem_comp_bond.atom_id_2 
_chem_comp_bond.value_order 
_chem_comp_bond.pdbx_aromatic_flag 
_chem_comp_bond.pdbx_stereo_config 
_chem_comp_bond.pdbx_ordinal 
DA OP3   P      sing N N 1   
DA OP3   HOP3   sing N N 2   
DA P     OP1    doub N N 3   
DA P     OP2    sing N N 4   
DA P     "O5'"  sing N N 5   
DA OP2   HOP2   sing N N 6   
DA "O5'" "C5'"  sing N N 7   
DA "C5'" "C4'"  sing N N 8   
DA "C5'" "H5'"  sing N N 9   
DA "C5'" "H5''" sing N N 10  
DA "C4'" "O4'"  sing N N 11  
DA "C4'" "C3'"  sing N N 12  
DA "C4'" "H4'"  sing N N 13  
DA "O4'" "C1'"  sing N N 14  
DA "C3'" "O3'"  sing N N 15  
DA "C3'" "C2'"  sing N N 16  
DA "C3'" "H3'"  sing N N 17  
DA "O3'" "HO3'" sing N N 18  
DA "C2'" "C1'"  sing N N 19  
DA "C2'" "H2'"  sing N N 20  
DA "C2'" "H2''" sing N N 21  
DA "C1'" N9     sing N N 22  
DA "C1'" "H1'"  sing N N 23  
DA N9    C8     sing Y N 24  
DA N9    C4     sing Y N 25  
DA C8    N7     doub Y N 26  
DA C8    H8     sing N N 27  
DA N7    C5     sing Y N 28  
DA C5    C6     sing Y N 29  
DA C5    C4     doub Y N 30  
DA C6    N6     sing N N 31  
DA C6    N1     doub Y N 32  
DA N6    H61    sing N N 33  
DA N6    H62    sing N N 34  
DA N1    C2     sing Y N 35  
DA C2    N3     doub Y N 36  
DA C2    H2     sing N N 37  
DA N3    C4     sing Y N 38  
DC OP3   P      sing N N 39  
DC OP3   HOP3   sing N N 40  
DC P     OP1    doub N N 41  
DC P     OP2    sing N N 42  
DC P     "O5'"  sing N N 43  
DC OP2   HOP2   sing N N 44  
DC "O5'" "C5'"  sing N N 45  
DC "C5'" "C4'"  sing N N 46  
DC "C5'" "H5'"  sing N N 47  
DC "C5'" "H5''" sing N N 48  
DC "C4'" "O4'"  sing N N 49  
DC "C4'" "C3'"  sing N N 50  
DC "C4'" "H4'"  sing N N 51  
DC "O4'" "C1'"  sing N N 52  
DC "C3'" "O3'"  sing N N 53  
DC "C3'" "C2'"  sing N N 54  
DC "C3'" "H3'"  sing N N 55  
DC "O3'" "HO3'" sing N N 56  
DC "C2'" "C1'"  sing N N 57  
DC "C2'" "H2'"  sing N N 58  
DC "C2'" "H2''" sing N N 59  
DC "C1'" N1     sing N N 60  
DC "C1'" "H1'"  sing N N 61  
DC N1    C2     sing N N 62  
DC N1    C6     sing N N 63  
DC C2    O2     doub N N 64  
DC C2    N3     sing N N 65  
DC N3    C4     doub N N 66  
DC C4    N4     sing N N 67  
DC C4    C5     sing N N 68  
DC N4    H41    sing N N 69  
DC N4    H42    sing N N 70  
DC C5    C6     doub N N 71  
DC C5    H5     sing N N 72  
DC C6    H6     sing N N 73  
DG OP3   P      sing N N 74  
DG OP3   HOP3   sing N N 75  
DG P     OP1    doub N N 76  
DG P     OP2    sing N N 77  
DG P     "O5'"  sing N N 78  
DG OP2   HOP2   sing N N 79  
DG "O5'" "C5'"  sing N N 80  
DG "C5'" "C4'"  sing N N 81  
DG "C5'" "H5'"  sing N N 82  
DG "C5'" "H5''" sing N N 83  
DG "C4'" "O4'"  sing N N 84  
DG "C4'" "C3'"  sing N N 85  
DG "C4'" "H4'"  sing N N 86  
DG "O4'" "C1'"  sing N N 87  
DG "C3'" "O3'"  sing N N 88  
DG "C3'" "C2'"  sing N N 89  
DG "C3'" "H3'"  sing N N 90  
DG "O3'" "HO3'" sing N N 91  
DG "C2'" "C1'"  sing N N 92  
DG "C2'" "H2'"  sing N N 93  
DG "C2'" "H2''" sing N N 94  
DG "C1'" N9     sing N N 95  
DG "C1'" "H1'"  sing N N 96  
DG N9    C8     sing Y N 97  
DG N9    C4     sing Y N 98  
DG C8    N7     doub Y N 99  
DG C8    H8     sing N N 100 
DG N7    C5     sing Y N 101 
DG C5    C6     sing N N 102 
DG C5    C4     doub Y N 103 
DG C6    O6     doub N N 104 
DG C6    N1     sing N N 105 
DG N1    C2     sing N N 106 
DG N1    H1     sing N N 107 
DG C2    N2     sing N N 108 
DG C2    N3     doub N N 109 
DG N2    H21    sing N N 110 
DG N2    H22    sing N N 111 
DG N3    C4     sing N N 112 
DT OP3   P      sing N N 113 
DT OP3   HOP3   sing N N 114 
DT P     OP1    doub N N 115 
DT P     OP2    sing N N 116 
DT P     "O5'"  sing N N 117 
DT OP2   HOP2   sing N N 118 
DT "O5'" "C5'"  sing N N 119 
DT "C5'" "C4'"  sing N N 120 
DT "C5'" "H5'"  sing N N 121 
DT "C5'" "H5''" sing N N 122 
DT "C4'" "O4'"  sing N N 123 
DT "C4'" "C3'"  sing N N 124 
DT "C4'" "H4'"  sing N N 125 
DT "O4'" "C1'"  sing N N 126 
DT "C3'" "O3'"  sing N N 127 
DT "C3'" "C2'"  sing N N 128 
DT "C3'" "H3'"  sing N N 129 
DT "O3'" "HO3'" sing N N 130 
DT "C2'" "C1'"  sing N N 131 
DT "C2'" "H2'"  sing N N 132 
DT "C2'" "H2''" sing N N 133 
DT "C1'" N1     sing N N 134 
DT "C1'" "H1'"  sing N N 135 
DT N1    C2     sing N N 136 
DT N1    C6     sing N N 137 
DT C2    O2     doub N N 138 
DT C2    N3     sing N N 139 
DT N3    C4     sing N N 140 
DT N3    H3     sing N N 141 
DT C4    O4     doub N N 142 
DT C4    C5     sing N N 143 
DT C5    C7     sing N N 144 
DT C5    C6     doub N N 145 
DT C7    H71    sing N N 146 
DT C7    H72    sing N N 147 
DT C7    H73    sing N N 148 
DT C6    H6     sing N N 149 
# 
loop_
_ndb_struct_conf_na.entry_id 
_ndb_struct_conf_na.feature 
9PLZ 'double helix'        
9PLZ 'b-form double helix' 
# 
loop_
_ndb_struct_na_base_pair.model_number 
_ndb_struct_na_base_pair.i_label_asym_id 
_ndb_struct_na_base_pair.i_label_comp_id 
_ndb_struct_na_base_pair.i_label_seq_id 
_ndb_struct_na_base_pair.i_symmetry 
_ndb_struct_na_base_pair.j_label_asym_id 
_ndb_struct_na_base_pair.j_label_comp_id 
_ndb_struct_na_base_pair.j_label_seq_id 
_ndb_struct_na_base_pair.j_symmetry 
_ndb_struct_na_base_pair.shear 
_ndb_struct_na_base_pair.stretch 
_ndb_struct_na_base_pair.stagger 
_ndb_struct_na_base_pair.buckle 
_ndb_struct_na_base_pair.propeller 
_ndb_struct_na_base_pair.opening 
_ndb_struct_na_base_pair.pair_number 
_ndb_struct_na_base_pair.pair_name 
_ndb_struct_na_base_pair.i_auth_asym_id 
_ndb_struct_na_base_pair.i_auth_seq_id 
_ndb_struct_na_base_pair.i_PDB_ins_code 
_ndb_struct_na_base_pair.j_auth_asym_id 
_ndb_struct_na_base_pair.j_auth_seq_id 
_ndb_struct_na_base_pair.j_PDB_ins_code 
_ndb_struct_na_base_pair.hbond_type_28 
_ndb_struct_na_base_pair.hbond_type_12 
1 A DG 1  1_555 C DC 6 1_555 -0.066 -0.162 0.248  1.069  -8.041  -4.299 1  A_DG105:DC214_C A 105 ? C 214 ? 19 1 
1 A DC 2  1_555 C DG 5 1_555 2.146  0.688  0.545  28.727 -22.603 19.753 2  A_DC106:DG213_C A 106 ? C 213 ? ?  1 
1 A DA 3  1_555 C DT 4 1_555 0.749  -0.157 -0.255 -3.775 2.333   -4.404 3  A_DA107:DT212_C A 107 ? C 212 ? 20 1 
1 A DG 4  1_555 C DC 3 1_555 -0.121 -0.294 -0.249 -0.613 4.448   2.422  4  A_DG108:DC211_C A 108 ? C 211 ? 19 1 
1 A DC 5  1_555 C DG 2 1_555 0.099  -0.368 0.016  1.455  3.687   2.855  5  A_DC109:DG210_C A 109 ? C 210 ? 19 1 
1 A DC 6  1_555 C DG 1 1_555 0.205  -0.371 -0.090 -0.310 3.625   1.636  6  A_DC110:DG209_C A 110 ? C 209 ? 19 1 
1 A DT 7  1_555 B DA 7 1_555 -1.343 0.001  1.395  -1.684 -3.911  25.388 7  A_DT111:DA125_B A 111 ? B 125 ? ?  1 
1 A DG 8  1_555 B DC 6 1_555 -0.274 -0.167 0.400  2.118  6.823   6.756  8  A_DG112:DC124_B A 112 ? B 124 ? 19 1 
1 A DT 9  1_555 B DA 5 1_555 -0.281 0.004  0.011  5.004  3.601   5.909  9  A_DT113:DA123_B A 113 ? B 123 ? 20 1 
1 A DA 10 1_555 B DT 4 1_555 -0.349 -0.244 0.001  -4.156 0.770   5.474  10 A_DA114:DT122_B A 114 ? B 122 ? 20 1 
1 A DC 11 1_555 B DG 3 1_555 0.075  -0.292 -0.046 0.313  -4.989  0.443  11 A_DC115:DG121_B A 115 ? B 121 ? 19 1 
1 A DG 12 1_555 B DC 2 1_555 -0.224 -0.265 0.184  -3.698 -9.560  -3.384 12 A_DG116:DC120_B A 116 ? B 120 ? 19 1 
1 A DG 13 1_555 B DC 1 1_555 -0.327 -0.291 -0.603 -1.155 -12.636 7.625  13 A_DG117:DC119_B A 117 ? B 119 ? 19 1 
1 A DA 14 1_555 D DT 7 1_555 0.548  -0.251 -0.144 -5.378 -4.435  9.792  14 A_DA118:DT109_D A 118 ? D 109 ? 20 1 
1 A DC 15 1_555 D DG 6 1_555 0.202  -0.148 0.328  1.877  0.626   3.733  15 A_DC119:DG108_D A 119 ? D 108 ? 19 1 
1 A DA 16 1_555 D DT 5 1_555 0.555  -0.003 0.114  -7.294 -10.048 4.273  16 A_DA120:DT107_D A 120 ? D 107 ? 20 1 
1 A DG 17 1_555 D DC 4 1_555 -0.218 -0.397 -0.126 -3.323 -9.890  4.542  17 A_DG121:DC106_D A 121 ? D 106 ? 19 1 
1 A DT 18 1_555 D DA 3 1_555 -0.245 -0.425 -0.243 1.788  -8.543  0.154  18 A_DT122:DA105_D A 122 ? D 105 ? 20 1 
1 A DC 19 1_555 D DG 2 1_555 0.252  -0.096 0.214  -3.932 -0.098  -0.332 19 A_DC123:DG104_D A 123 ? D 104 ? 19 1 
1 A DA 20 1_555 D DT 1 1_555 0.427  -0.316 -0.524 -5.047 -4.238  3.476  20 A_DA124:DT103_D A 124 ? D 103 ? 20 1 
# 
loop_
_ndb_struct_na_base_pair_step.model_number 
_ndb_struct_na_base_pair_step.i_label_asym_id_1 
_ndb_struct_na_base_pair_step.i_label_comp_id_1 
_ndb_struct_na_base_pair_step.i_label_seq_id_1 
_ndb_struct_na_base_pair_step.i_symmetry_1 
_ndb_struct_na_base_pair_step.j_label_asym_id_1 
_ndb_struct_na_base_pair_step.j_label_comp_id_1 
_ndb_struct_na_base_pair_step.j_label_seq_id_1 
_ndb_struct_na_base_pair_step.j_symmetry_1 
_ndb_struct_na_base_pair_step.i_label_asym_id_2 
_ndb_struct_na_base_pair_step.i_label_comp_id_2 
_ndb_struct_na_base_pair_step.i_label_seq_id_2 
_ndb_struct_na_base_pair_step.i_symmetry_2 
_ndb_struct_na_base_pair_step.j_label_asym_id_2 
_ndb_struct_na_base_pair_step.j_label_comp_id_2 
_ndb_struct_na_base_pair_step.j_label_seq_id_2 
_ndb_struct_na_base_pair_step.j_symmetry_2 
_ndb_struct_na_base_pair_step.shift 
_ndb_struct_na_base_pair_step.slide 
_ndb_struct_na_base_pair_step.rise 
_ndb_struct_na_base_pair_step.tilt 
_ndb_struct_na_base_pair_step.roll 
_ndb_struct_na_base_pair_step.twist 
_ndb_struct_na_base_pair_step.x_displacement 
_ndb_struct_na_base_pair_step.y_displacement 
_ndb_struct_na_base_pair_step.helical_rise 
_ndb_struct_na_base_pair_step.inclination 
_ndb_struct_na_base_pair_step.tip 
_ndb_struct_na_base_pair_step.helical_twist 
_ndb_struct_na_base_pair_step.step_number 
_ndb_struct_na_base_pair_step.step_name 
_ndb_struct_na_base_pair_step.i_auth_asym_id_1 
_ndb_struct_na_base_pair_step.i_auth_seq_id_1 
_ndb_struct_na_base_pair_step.i_PDB_ins_code_1 
_ndb_struct_na_base_pair_step.j_auth_asym_id_1 
_ndb_struct_na_base_pair_step.j_auth_seq_id_1 
_ndb_struct_na_base_pair_step.j_PDB_ins_code_1 
_ndb_struct_na_base_pair_step.i_auth_asym_id_2 
_ndb_struct_na_base_pair_step.i_auth_seq_id_2 
_ndb_struct_na_base_pair_step.i_PDB_ins_code_2 
_ndb_struct_na_base_pair_step.j_auth_asym_id_2 
_ndb_struct_na_base_pair_step.j_auth_seq_id_2 
_ndb_struct_na_base_pair_step.j_PDB_ins_code_2 
1 A DG 1  1_555 C DC 6 1_555 A DC 2  1_555 C DG 5 1_555 0.669  2.038  3.171 5.479  -3.068 55.517 2.347  -0.410  3.111 -3.282 
-5.861 55.843 1  AA_DG105DC106:DG213DC214_CC A 105 ? C 214 ? A 106 ? C 213 ? 
1 A DC 2  1_555 C DG 5 1_555 A DA 3  1_555 C DT 4 1_555 -1.374 0.880  4.576 -4.490 9.357  34.373 -0.533 1.290   4.782 15.403 7.392 
35.860 2  AA_DC106DA107:DT212DG213_CC A 106 ? C 213 ? A 107 ? C 212 ? 
1 A DA 3  1_555 C DT 4 1_555 A DG 4  1_555 C DC 3 1_555 1.154  0.114  3.162 -4.491 9.689  28.354 -1.640 -3.072  2.835 18.951 8.784 
30.260 3  AA_DA107DG108:DC211DT212_CC A 107 ? C 212 ? A 108 ? C 211 ? 
1 A DG 4  1_555 C DC 3 1_555 A DC 5  1_555 C DG 2 1_555 0.347  -0.759 3.142 0.446  3.507  45.577 -1.269 -0.409  3.082 4.519  
-0.575 45.707 4  AA_DG108DC109:DG210DC211_CC A 108 ? C 211 ? A 109 ? C 210 ? 
1 A DC 5  1_555 C DG 2 1_555 A DC 6  1_555 C DG 1 1_555 -1.529 -1.960 2.993 -0.099 5.429  26.352 -5.408 3.265   2.551 11.750 0.215 
26.896 5  AA_DC109DC110:DG209DG210_CC A 109 ? C 210 ? A 110 ? C 209 ? 
1 A DC 6  1_555 C DG 1 1_555 A DT 7  1_555 B DA 7 1_555 -0.424 -0.643 3.574 -6.355 1.314  4.644  -9.022 -18.236 2.313 11.028 
53.320 7.979  6  AA_DC110DT111:DA125DG209_BC A 110 ? C 209 ? A 111 ? B 125 ? 
1 A DT 7  1_555 B DA 7 1_555 A DG 8  1_555 B DC 6 1_555 -0.633 1.253  3.256 1.507  7.468  52.440 0.915  0.809   3.375 8.401  
-1.695 52.952 7  AA_DT111DG112:DC124DA125_BB A 111 ? B 125 ? A 112 ? B 124 ? 
1 A DG 8  1_555 B DC 6 1_555 A DT 9  1_555 B DA 5 1_555 -1.051 -0.455 3.161 3.650  1.320  31.191 -1.073 2.588   3.001 2.442  
-6.756 31.425 8  AA_DG112DT113:DA123DC124_BB A 112 ? B 124 ? A 113 ? B 123 ? 
1 A DT 9  1_555 B DA 5 1_555 A DA 10 1_555 B DT 4 1_555 0.661  0.404  3.760 2.085  2.312  32.209 0.252  -0.758  3.813 4.155  
-3.747 32.356 9  AA_DT113DA114:DT122DA123_BB A 113 ? B 123 ? A 114 ? B 122 ? 
1 A DA 10 1_555 B DT 4 1_555 A DC 11 1_555 B DG 3 1_555 -1.255 0.299  2.861 -0.240 3.261  34.442 0.059  2.078   2.885 5.492  0.404 
34.592 10 AA_DA114DC115:DG121DT122_BB A 114 ? B 122 ? A 115 ? B 121 ? 
1 A DC 11 1_555 B DG 3 1_555 A DG 12 1_555 B DC 2 1_555 1.245  0.935  3.217 4.987  4.639  32.902 0.835  -1.312  3.459 8.083  
-8.689 33.581 11 AA_DC115DG116:DC120DG121_BB A 115 ? B 121 ? A 116 ? B 120 ? 
1 A DG 12 1_555 B DC 2 1_555 A DG 13 1_555 B DC 1 1_555 0.224  2.785  3.548 -1.216 -3.007 41.251 4.281  -0.454  3.338 -4.260 1.723 
41.373 12 AA_DG116DG117:DC119DC120_BB A 116 ? B 120 ? A 117 ? B 119 ? 
1 A DG 13 1_555 B DC 1 1_555 A DA 14 1_555 D DT 7 1_555 0.393  0.005  3.559 -6.865 -1.962 37.336 0.277  -1.547  3.431 -3.030 
10.605 37.988 13 AA_DG117DA118:DT109DC119_DB A 117 ? B 119 ? A 118 ? D 109 ? 
1 A DA 14 1_555 D DT 7 1_555 A DC 15 1_555 D DG 6 1_555 -0.972 0.984  2.964 -0.249 8.420  27.277 0.166  1.918   3.130 17.336 0.513 
28.525 14 AA_DA118DC119:DG108DT109_DD A 118 ? D 109 ? A 119 ? D 108 ? 
1 A DC 15 1_555 D DG 6 1_555 A DA 16 1_555 D DT 5 1_555 -0.190 0.993  3.649 0.239  2.018  48.538 1.034  0.252   3.684 2.453  
-0.290 48.578 15 AA_DC119DA120:DT107DG108_DD A 119 ? D 108 ? A 120 ? D 107 ? 
1 A DA 16 1_555 D DT 5 1_555 A DG 17 1_555 D DC 4 1_555 0.137  0.090  3.023 -6.052 5.292  26.155 -1.024 -1.679  2.881 11.357 
12.988 27.342 16 AA_DA120DG121:DC106DT107_DD A 120 ? D 107 ? A 121 ? D 106 ? 
1 A DG 17 1_555 D DC 4 1_555 A DT 18 1_555 D DA 3 1_555 -0.687 -1.120 2.706 -0.875 4.266  38.212 -2.132 0.955   2.586 6.491  1.331 
38.450 17 AA_DG121DT122:DA105DC106_DD A 121 ? D 106 ? A 122 ? D 105 ? 
1 A DT 18 1_555 D DA 3 1_555 A DC 19 1_555 D DG 2 1_555 0.479  -0.847 3.257 0.565  4.684  26.144 -3.046 -0.898  3.070 10.248 
-1.235 26.559 18 AA_DT122DC123:DG104DA105_DD A 122 ? D 105 ? A 123 ? D 104 ? 
1 A DC 19 1_555 D DG 2 1_555 A DA 20 1_555 D DT 1 1_555 0.414  2.141  3.333 2.743  9.613  41.979 1.877  -0.268  3.731 13.195 
-3.766 43.100 19 AA_DC123DA124:DT103DG104_DD A 123 ? D 104 ? A 124 ? D 103 ? 
# 
loop_
_pdbx_audit_support.funding_organization 
_pdbx_audit_support.country 
_pdbx_audit_support.grant_number 
_pdbx_audit_support.ordinal 
'Office of Naval Research (ONR)'                   'United States' N000141912596 1 
'Department of Energy (DOE, United States)'        'United States' DE-SC0007991  2 
'National Science Foundation (NSF, United States)' 'United States' CCF-2106790   3 
'National Science Foundation (NSF, United States)' 'United States' GCR-2317843   4 
# 
_pdbx_initial_refinement_model.id               1 
_pdbx_initial_refinement_model.entity_id_list   ? 
_pdbx_initial_refinement_model.type             'experimental model' 
_pdbx_initial_refinement_model.source_name      PDB 
_pdbx_initial_refinement_model.accession_code   8D93 
_pdbx_initial_refinement_model.details          ? 
# 
_space_group.name_H-M_alt     'I 41 3 2' 
_space_group.name_Hall        'I 4bd 2c 3' 
_space_group.IT_number        214 
_space_group.crystal_system   cubic 
_space_group.id               1 
# 
_atom_sites.entry_id                    9PLZ 
_atom_sites.Cartn_transf_matrix[1][1]   ? 
_atom_sites.Cartn_transf_matrix[1][2]   ? 
_atom_sites.Cartn_transf_matrix[1][3]   ? 
_atom_sites.Cartn_transf_matrix[2][1]   ? 
_atom_sites.Cartn_transf_matrix[2][2]   ? 
_atom_sites.Cartn_transf_matrix[2][3]   ? 
_atom_sites.Cartn_transf_matrix[3][1]   ? 
_atom_sites.Cartn_transf_matrix[3][2]   ? 
_atom_sites.Cartn_transf_matrix[3][3]   ? 
_atom_sites.Cartn_transf_vector[1]      ? 
_atom_sites.Cartn_transf_vector[2]      ? 
_atom_sites.Cartn_transf_vector[3]      ? 
_atom_sites.Cartn_transform_axes        ? 
_atom_sites.fract_transf_matrix[1][1]   0.00526685 
_atom_sites.fract_transf_matrix[1][2]   0.00004429 
_atom_sites.fract_transf_matrix[1][3]   0.00295633 
_atom_sites.fract_transf_matrix[2][1]   0.00273603 
_atom_sites.fract_transf_matrix[2][2]   -0.00236221 
_atom_sites.fract_transf_matrix[2][3]   -0.00483898 
_atom_sites.fract_transf_matrix[3][1]   0.00112072 
_atom_sites.fract_transf_matrix[3][2]   0.00555874 
_atom_sites.fract_transf_matrix[3][3]   -0.00207990 
_atom_sites.fract_transf_vector[1]      0.059605 
_atom_sites.fract_transf_vector[2]      -0.044938 
_atom_sites.fract_transf_vector[3]      0.071223 
_atom_sites.solution_primary            ? 
_atom_sites.solution_secondary          ? 
_atom_sites.solution_hydrogens          ? 
_atom_sites.special_details             ? 
# 
loop_
_atom_type.symbol 
_atom_type.scat_dispersion_real 
_atom_type.scat_dispersion_imag 
_atom_type.scat_Cromer_Mann_a1 
_atom_type.scat_Cromer_Mann_a2 
_atom_type.scat_Cromer_Mann_a3 
_atom_type.scat_Cromer_Mann_a4 
_atom_type.scat_Cromer_Mann_b1 
_atom_type.scat_Cromer_Mann_b2 
_atom_type.scat_Cromer_Mann_b3 
_atom_type.scat_Cromer_Mann_b4 
_atom_type.scat_Cromer_Mann_c 
_atom_type.scat_source 
_atom_type.scat_dispersion_source 
C ? ? 5.96793  ? ? ? 14.89577 ? ? ? 0.0 
;1-Gaussian fit: Grosse-Kunstleve RW, Sauter NK, Adams PD: Newsletter of the IUCr Commission on Crystallographic Computing 2004, 3, 22-31.
;
? 
N ? ? 6.96715  ? ? ? 11.43723 ? ? ? 0.0 
;1-Gaussian fit: Grosse-Kunstleve RW, Sauter NK, Adams PD: Newsletter of the IUCr Commission on Crystallographic Computing 2004, 3, 22-31.
;
? 
O ? ? 7.96527  ? ? ? 9.05267  ? ? ? 0.0 
;1-Gaussian fit: Grosse-Kunstleve RW, Sauter NK, Adams PD: Newsletter of the IUCr Commission on Crystallographic Computing 2004, 3, 22-31.
;
? 
P ? ? 14.90797 ? ? ? 11.91318 ? ? ? 0.0 
;1-Gaussian fit: Grosse-Kunstleve RW, Sauter NK, Adams PD: Newsletter of the IUCr Commission on Crystallographic Computing 2004, 3, 22-31.
;
? 
# 
loop_
_atom_site.group_PDB 
_atom_site.id 
_atom_site.type_symbol 
_atom_site.label_atom_id 
_atom_site.label_alt_id 
_atom_site.label_comp_id 
_atom_site.label_asym_id 
_atom_site.label_entity_id 
_atom_site.label_seq_id 
_atom_site.pdbx_PDB_ins_code 
_atom_site.Cartn_x 
_atom_site.Cartn_y 
_atom_site.Cartn_z 
_atom_site.occupancy 
_atom_site.B_iso_or_equiv 
_atom_site.pdbx_formal_charge 
_atom_site.auth_seq_id 
_atom_site.auth_comp_id 
_atom_site.auth_asym_id 
_atom_site.auth_atom_id 
_atom_site.pdbx_PDB_model_num 
ATOM 1   O "O5'" . DG A 1 1  ? 18.18334  -18.60512 14.66172  1.000 535.32981 ? 105 DG A "O5'" 1 
ATOM 2   C "C5'" . DG A 1 1  ? 19.44683  -17.98393 14.54673  1.000 535.95898 ? 105 DG A "C5'" 1 
ATOM 3   C "C4'" . DG A 1 1  ? 19.77830  -17.20111 15.80476  1.000 541.14951 ? 105 DG A "C4'" 1 
ATOM 4   O "O4'" . DG A 1 1  ? 21.14433  -16.70461 15.70779  1.000 542.85652 ? 105 DG A "O4'" 1 
ATOM 5   C "C3'" . DG A 1 1  ? 18.93744  -15.94231 16.03194  1.000 534.30511 ? 105 DG A "C3'" 1 
ATOM 6   O "O3'" . DG A 1 1  ? 18.99110  -15.57790 17.43464  1.000 542.88871 ? 105 DG A "O3'" 1 
ATOM 7   C "C2'" . DG A 1 1  ? 19.73309  -14.94337 15.20702  1.000 529.16193 ? 105 DG A "C2'" 1 
ATOM 8   C "C1'" . DG A 1 1  ? 21.09882  -15.29161 15.76137  1.000 536.90267 ? 105 DG A "C1'" 1 
ATOM 9   N N9    . DG A 1 1  ? 22.27001  -14.72454 15.07530  1.000 534.44548 ? 105 DG A N9    1 
ATOM 10  C C8    . DG A 1 1  ? 22.94469  -15.24263 13.97559  1.000 531.33811 ? 105 DG A C8    1 
ATOM 11  N N7    . DG A 1 1  ? 23.98470  -14.53030 13.62175  1.000 529.55927 ? 105 DG A N7    1 
ATOM 12  C C5    . DG A 1 1  ? 24.01586  -13.48632 14.56308  1.000 533.23741 ? 105 DG A C5    1 
ATOM 13  C C6    . DG A 1 1  ? 24.92094  -12.40250 14.69773  1.000 534.27768 ? 105 DG A C6    1 
ATOM 14  O O6    . DG A 1 1  ? 25.89548  -12.14118 13.98140  1.000 531.75958 ? 105 DG A O6    1 
ATOM 15  N N1    . DG A 1 1  ? 24.59449  -11.56210 15.78428  1.000 538.92188 ? 105 DG A N1    1 
ATOM 16  C C2    . DG A 1 1  ? 23.53319  -11.75000 16.63149  1.000 542.20817 ? 105 DG A C2    1 
ATOM 17  N N2    . DG A 1 1  ? 23.38115  -10.83378 17.60925  1.000 547.02714 ? 105 DG A N2    1 
ATOM 18  N N3    . DG A 1 1  ? 22.67448  -12.77059 16.52346  1.000 541.09202 ? 105 DG A N3    1 
ATOM 19  C C4    . DG A 1 1  ? 22.97838  -13.59752 15.46565  1.000 536.50206 ? 105 DG A C4    1 
ATOM 20  P P     . DC A 1 2  ? 17.65698  -15.51860 18.32919  1.000 545.36314 ? 106 DC A P     1 
ATOM 21  O OP1   . DC A 1 2  ? 17.92675  -16.24671 19.59179  1.000 556.68489 ? 106 DC A OP1   1 
ATOM 22  O OP2   . DC A 1 2  ? 16.57238  -15.96967 17.43098  1.000 537.40353 ? 106 DC A OP2   1 
ATOM 23  O "O5'" . DC A 1 2  ? 17.47145  -13.95395 18.68715  1.000 544.76050 ? 106 DC A "O5'" 1 
ATOM 24  C "C5'" . DC A 1 2  ? 17.02873  -12.98644 17.68463  1.000 535.50479 ? 106 DC A "C5'" 1 
ATOM 25  C "C4'" . DC A 1 2  ? 17.37969  -11.55484 18.11694  1.000 537.44298 ? 106 DC A "C4'" 1 
ATOM 26  O "O4'" . DC A 1 2  ? 18.38756  -11.01153 17.24932  1.000 533.18163 ? 106 DC A "O4'" 1 
ATOM 27  C "C3'" . DC A 1 2  ? 16.30218  -10.50895 17.98081  1.000 533.15273 ? 106 DC A "C3'" 1 
ATOM 28  O "O3'" . DC A 1 2  ? 16.83212  -9.30112  18.54144  1.000 537.10603 ? 106 DC A "O3'" 1 
ATOM 29  C "C2'" . DC A 1 2  ? 16.24786  -10.38260 16.47322  1.000 522.93470 ? 106 DC A "C2'" 1 
ATOM 30  C "C1'" . DC A 1 2  ? 17.74283  -10.28327 16.20177  1.000 524.13000 ? 106 DC A "C1'" 1 
ATOM 31  N N1    . DC A 1 2  ? 18.13016  -10.91983 15.02905  1.000 518.16344 ? 106 DC A N1    1 
ATOM 32  C C2    . DC A 1 2  ? 19.46088  -10.83027 14.65404  1.000 518.55763 ? 106 DC A C2    1 
ATOM 33  O O2    . DC A 1 2  ? 20.23673  -10.14217 15.34470  1.000 523.74594 ? 106 DC A O2    1 
ATOM 34  N N3    . DC A 1 2  ? 19.86395  -11.48117 13.54627  1.000 513.53877 ? 106 DC A N3    1 
ATOM 35  C C4    . DC A 1 2  ? 18.98905  -12.21033 12.84925  1.000 508.54969 ? 106 DC A C4    1 
ATOM 36  N N4    . DC A 1 2  ? 19.44298  -12.84289 11.76450  1.000 504.33435 ? 106 DC A N4    1 
ATOM 37  C C5    . DC A 1 2  ? 17.61350  -12.32437 13.23802  1.000 508.00302 ? 106 DC A C5    1 
ATOM 38  C C6    . DC A 1 2  ? 17.23431  -11.67019 14.33077  1.000 512.86784 ? 106 DC A C6    1 
ATOM 39  P P     . DA A 1 3  ? 15.85976  -8.16158  19.11502  1.000 538.54206 ? 107 DA A P     1 
ATOM 40  O OP1   . DA A 1 3  ? 16.01954  -8.07403  20.59575  1.000 549.44358 ? 107 DA A OP1   1 
ATOM 41  O OP2   . DA A 1 3  ? 14.54336  -8.48470  18.51590  1.000 532.07486 ? 107 DA A OP2   1 
ATOM 42  O "O5'" . DA A 1 3  ? 16.36290  -6.80896  18.39188  1.000 533.91858 ? 107 DA A "O5'" 1 
ATOM 43  C "C5'" . DA A 1 3  ? 17.44794  -6.00814  18.93188  1.000 539.42695 ? 107 DA A "C5'" 1 
ATOM 44  C "C4'" . DA A 1 3  ? 17.72873  -4.77978  18.05195  1.000 540.01374 ? 107 DA A "C4'" 1 
ATOM 45  O "O4'" . DA A 1 3  ? 18.26513  -5.21014  16.77588  1.000 526.64798 ? 107 DA A "O4'" 1 
ATOM 46  C "C3'" . DA A 1 3  ? 16.51340  -3.91615  17.69387  1.000 550.03458 ? 107 DA A "C3'" 1 
ATOM 47  O "O3'" . DA A 1 3  ? 16.93418  -2.56794  17.39691  1.000 560.85758 ? 107 DA A "O3'" 1 
ATOM 48  C "C2'" . DA A 1 3  ? 15.99780  -4.61805  16.44332  1.000 530.83686 ? 107 DA A "C2'" 1 
ATOM 49  C "C1'" . DA A 1 3  ? 17.31423  -4.95651  15.76298  1.000 520.22608 ? 107 DA A "C1'" 1 
ATOM 50  N N9    . DA A 1 3  ? 17.27727  -6.10904  14.90601  1.000 512.29019 ? 107 DA A N9    1 
ATOM 51  C C8    . DA A 1 3  ? 16.43451  -7.18987  14.94601  1.000 511.50750 ? 107 DA A C8    1 
ATOM 52  N N7    . DA A 1 3  ? 16.69497  -8.07170  14.01903  1.000 506.71117 ? 107 DA A N7    1 
ATOM 53  C C5    . DA A 1 3  ? 17.78884  -7.52426  13.36531  1.000 504.39056 ? 107 DA A C5    1 
ATOM 54  C C6    . DA A 1 3  ? 18.55581  -7.94735  12.28492  1.000 499.71362 ? 107 DA A C6    1 
ATOM 55  N N6    . DA A 1 3  ? 18.32563  -9.08284  11.64668  1.000 496.61655 ? 107 DA A N6    1 
ATOM 56  N N1    . DA A 1 3  ? 19.57380  -7.14329  11.87098  1.000 498.57145 ? 107 DA A N1    1 
ATOM 57  C C2    . DA A 1 3  ? 19.78589  -6.00893  12.51941  1.000 501.99475 ? 107 DA A C2    1 
ATOM 58  N N3    . DA A 1 3  ? 19.13144  -5.51330  13.54221  1.000 506.76492 ? 107 DA A N3    1 
ATOM 59  C C4    . DA A 1 3  ? 18.14056  -6.32775  13.91296  1.000 507.68171 ? 107 DA A C4    1 
ATOM 60  P P     . DG A 1 4  ? 15.87882  -1.35427  17.39898  1.000 557.68146 ? 108 DG A P     1 
ATOM 61  O OP1   . DG A 1 4  ? 16.28173  -0.44276  18.50524  1.000 575.56007 ? 108 DG A OP1   1 
ATOM 62  O OP2   . DG A 1 4  ? 14.51515  -1.93106  17.36069  1.000 551.63708 ? 108 DG A OP2   1 
ATOM 63  O "O5'" . DG A 1 4  ? 16.10863  -0.64911  15.98035  1.000 550.30884 ? 108 DG A "O5'" 1 
ATOM 64  C "C5'" . DG A 1 4  ? 17.40748  -0.26422  15.60201  1.000 551.76747 ? 108 DG A "C5'" 1 
ATOM 65  C "C4'" . DG A 1 4  ? 17.65601  -0.58368  14.14850  1.000 531.80845 ? 108 DG A "C4'" 1 
ATOM 66  O "O4'" . DG A 1 4  ? 17.55852  -2.02013  13.91550  1.000 515.13926 ? 108 DG A "O4'" 1 
ATOM 67  C "C3'" . DG A 1 4  ? 16.67438  0.05488   13.15467  1.000 526.10627 ? 108 DG A "C3'" 1 
ATOM 68  O "O3'" . DG A 1 4  ? 17.42183  0.44294   12.02903  1.000 512.82865 ? 108 DG A "O3'" 1 
ATOM 69  C "C2'" . DG A 1 4  ? 15.76911  -1.12125  12.81915  1.000 511.32839 ? 108 DG A "C2'" 1 
ATOM 70  C "C1'" . DG A 1 4  ? 16.84663  -2.16629  12.72545  1.000 499.66952 ? 108 DG A "C1'" 1 
ATOM 71  N N9    . DG A 1 4  ? 16.39660  -3.53366  12.52483  1.000 496.38090 ? 108 DG A N9    1 
ATOM 72  C C8    . DG A 1 4  ? 15.48429  -4.26156  13.25100  1.000 499.31582 ? 108 DG A C8    1 
ATOM 73  N N7    . DG A 1 4  ? 15.30331  -5.47227  12.78284  1.000 496.30260 ? 108 DG A N7    1 
ATOM 74  C C5    . DG A 1 4  ? 16.12835  -5.51888  11.65988  1.000 491.10646 ? 108 DG A C5    1 
ATOM 75  C C6    . DG A 1 4  ? 16.35858  -6.55342  10.72197  1.000 486.57346 ? 108 DG A C6    1 
ATOM 76  O O6    . DG A 1 4  ? 15.86857  -7.69109  10.69464  1.000 486.16972 ? 108 DG A O6    1 
ATOM 77  N N1    . DG A 1 4  ? 17.28621  -6.16232  9.74243   1.000 482.61610 ? 108 DG A N1    1 
ATOM 78  C C2    . DG A 1 4  ? 17.89558  -4.93318  9.67875   1.000 482.77669 ? 108 DG A C2    1 
ATOM 79  N N2    . DG A 1 4  ? 18.75427  -4.72437  8.66616   1.000 478.70605 ? 108 DG A N2    1 
ATOM 80  N N3    . DG A 1 4  ? 17.68315  -3.97049  10.54525  1.000 486.96491 ? 108 DG A N3    1 
ATOM 81  C C4    . DG A 1 4  ? 16.79816  -4.33216  11.50283  1.000 491.05373 ? 108 DG A C4    1 
ATOM 82  P P     . DC A 1 5  ? 16.76453  1.20376   10.78040  1.000 518.41814 ? 109 DC A P     1 
ATOM 83  O OP1   . DC A 1 5  ? 16.47372  2.59178   11.19671  1.000 530.10801 ? 109 DC A OP1   1 
ATOM 84  O OP2   . DC A 1 5  ? 15.66858  0.40509   10.21473  1.000 511.48353 ? 109 DC A OP2   1 
ATOM 85  O "O5'" . DC A 1 5  ? 17.95006  1.17942   9.70785   1.000 495.70314 ? 109 DC A "O5'" 1 
ATOM 86  C "C5'" . DC A 1 5  ? 17.75014  1.70123   8.42494   1.000 477.93616 ? 109 DC A "C5'" 1 
ATOM 87  C "C4'" . DC A 1 5  ? 17.83750  0.61405   7.37701   1.000 472.00098 ? 109 DC A "C4'" 1 
ATOM 88  O "O4'" . DC A 1 5  ? 17.55294  -0.68860  7.97338   1.000 473.99682 ? 109 DC A "O4'" 1 
ATOM 89  C "C3'" . DC A 1 5  ? 16.83200  0.77791   6.23286   1.000 465.79799 ? 109 DC A "C3'" 1 
ATOM 90  O "O3'" . DC A 1 5  ? 17.45135  0.52836   4.98850   1.000 460.51695 ? 109 DC A "O3'" 1 
ATOM 91  C "C2'" . DC A 1 5  ? 15.80569  -0.28662  6.54390   1.000 465.69893 ? 109 DC A "C2'" 1 
ATOM 92  C "C1'" . DC A 1 5  ? 16.69554  -1.37093  7.09673   1.000 468.58475 ? 109 DC A "C1'" 1 
ATOM 93  N N1    . DC A 1 5  ? 15.90883  -2.38739  7.79916   1.000 470.82122 ? 109 DC A N1    1 
ATOM 94  C C2    . DC A 1 5  ? 15.76009  -3.64563  7.23070   1.000 467.69292 ? 109 DC A C2    1 
ATOM 95  O O2    . DC A 1 5  ? 16.35564  -3.89510  6.18138   1.000 463.50759 ? 109 DC A O2    1 
ATOM 96  N N3    . DC A 1 5  ? 14.96898  -4.55888  7.85267   1.000 469.69121 ? 109 DC A N3    1 
ATOM 97  C C4    . DC A 1 5  ? 14.34432  -4.24602  8.98035   1.000 474.52551 ? 109 DC A C4    1 
ATOM 98  N N4    . DC A 1 5  ? 13.58062  -5.18166  9.56898   1.000 476.50319 ? 109 DC A N4    1 
ATOM 99  C C5    . DC A 1 5  ? 14.47290  -2.95338  9.56234   1.000 479.30179 ? 109 DC A C5    1 
ATOM 100 C C6    . DC A 1 5  ? 15.24241  -2.06186  8.93086   1.000 475.86424 ? 109 DC A C6    1 
ATOM 101 P P     . DC A 1 6  ? 16.64245  0.77280   3.61510   1.000 464.18380 ? 110 DC A P     1 
ATOM 102 O OP1   . DC A 1 6  ? 16.56881  2.22534   3.35112   1.000 464.19826 ? 110 DC A OP1   1 
ATOM 103 O OP2   . DC A 1 6  ? 15.37719  0.01819   3.67792   1.000 463.04659 ? 110 DC A OP2   1 
ATOM 104 O "O5'" . DC A 1 6  ? 17.58236  0.11276   2.49093   1.000 460.00810 ? 110 DC A "O5'" 1 
ATOM 105 C "C5'" . DC A 1 6  ? 17.99494  -1.25456  2.59953   1.000 460.31509 ? 110 DC A "C5'" 1 
ATOM 106 C "C4'" . DC A 1 6  ? 17.27806  -2.10206  1.57151   1.000 455.61699 ? 110 DC A "C4'" 1 
ATOM 107 O "O4'" . DC A 1 6  ? 16.70468  -3.26851  2.23190   1.000 457.45855 ? 110 DC A "O4'" 1 
ATOM 108 C "C3'" . DC A 1 6  ? 16.12248  -1.37284  0.86476   1.000 452.26830 ? 110 DC A "C3'" 1 
ATOM 109 O "O3'" . DC A 1 6  ? 16.17162  -1.59219  -0.51415  1.000 447.59841 ? 110 DC A "O3'" 1 
ATOM 110 C "C2'" . DC A 1 6  ? 14.88120  -2.00022  1.47322   1.000 453.25970 ? 110 DC A "C2'" 1 
ATOM 111 C "C1'" . DC A 1 6  ? 15.35030  -3.39249  1.87369   1.000 454.82180 ? 110 DC A "C1'" 1 
ATOM 112 N N1    . DC A 1 6  ? 14.55849  -3.93574  3.02964   1.000 458.36657 ? 110 DC A N1    1 
ATOM 113 C C2    . DC A 1 6  ? 14.03316  -5.21458  2.95242   1.000 457.55773 ? 110 DC A C2    1 
ATOM 114 O O2    . DC A 1 6  ? 14.27687  -5.88878  1.94398   1.000 454.20207 ? 110 DC A O2    1 
ATOM 115 N N3    . DC A 1 6  ? 13.28289  -5.68182  3.99094   1.000 460.84154 ? 110 DC A N3    1 
ATOM 116 C C4    . DC A 1 6  ? 13.04933  -4.90700  5.05660   1.000 464.93802 ? 110 DC A C4    1 
ATOM 117 N N4    . DC A 1 6  ? 12.30738  -5.40197  6.05881   1.000 468.41135 ? 110 DC A N4    1 
ATOM 118 C C5    . DC A 1 6  ? 13.55559  -3.58653  5.13360   1.000 465.97172 ? 110 DC A C5    1 
ATOM 119 C C6    . DC A 1 6  ? 14.30011  -3.14478  4.11164   1.000 462.52804 ? 110 DC A C6    1 
ATOM 120 P P     . DT A 1 7  ? 15.56081  -0.54272  -1.58011  1.000 442.72649 ? 111 DT A P     1 
ATOM 121 O OP1   . DT A 1 7  ? 16.44658  0.64387   -1.61212  1.000 443.75157 ? 111 DT A OP1   1 
ATOM 122 O OP2   . DT A 1 7  ? 14.11267  -0.27092  -1.37184  1.000 442.70735 ? 111 DT A OP2   1 
ATOM 123 O "O5'" . DT A 1 7  ? 15.75514  -1.42015  -2.88772  1.000 438.75473 ? 111 DT A "O5'" 1 
ATOM 124 C "C5'" . DT A 1 7  ? 16.12109  -2.81090  -2.70811  1.000 439.28862 ? 111 DT A "C5'" 1 
ATOM 125 C "C4'" . DT A 1 7  ? 14.92521  -3.69192  -2.97344  1.000 437.63380 ? 111 DT A "C4'" 1 
ATOM 126 O "O4'" . DT A 1 7  ? 14.24980  -4.10244  -1.73852  1.000 440.52848 ? 111 DT A "O4'" 1 
ATOM 127 C "C3'" . DT A 1 7  ? 13.83928  -2.99720  -3.79400  1.000 434.81382 ? 111 DT A "C3'" 1 
ATOM 128 O "O3'" . DT A 1 7  ? 13.34907  -3.89284  -4.72888  1.000 432.18390 ? 111 DT A "O3'" 1 
ATOM 129 C "C2'" . DT A 1 7  ? 12.77250  -2.68652  -2.75724  1.000 436.90296 ? 111 DT A "C2'" 1 
ATOM 130 C "C1'" . DT A 1 7  ? 12.85767  -3.97511  -1.99974  1.000 438.73153 ? 111 DT A "C1'" 1 
ATOM 131 N N1    . DT A 1 7  ? 12.04150  -4.02558  -0.75998  1.000 441.73260 ? 111 DT A N1    1 
ATOM 132 C C2    . DT A 1 7  ? 11.22642  -5.10944  -0.55321  1.000 441.58713 ? 111 DT A C2    1 
ATOM 133 O O2    . DT A 1 7  ? 11.16293  -6.04546  -1.31751  1.000 439.28511 ? 111 DT A O2    1 
ATOM 134 N N3    . DT A 1 7  ? 10.50409  -5.07392  0.59268   1.000 444.60407 ? 111 DT A N3    1 
ATOM 135 C C4    . DT A 1 7  ? 10.49532  -4.07756  1.52899   1.000 447.97006 ? 111 DT A C4    1 
ATOM 136 O O4    . DT A 1 7  ? 9.80311   -4.13692  2.52921   1.000 450.96170 ? 111 DT A O4    1 
ATOM 137 C C5    . DT A 1 7  ? 11.34791  -2.95378  1.24386   1.000 448.04069 ? 111 DT A C5    1 
ATOM 138 C C7    . DT A 1 7  ? 11.41930  -1.80864  2.19728   1.000 452.07418 ? 111 DT A C7    1 
ATOM 139 C C6    . DT A 1 7  ? 12.05911  -2.97421  0.11461   1.000 444.76905 ? 111 DT A C6    1 
ATOM 140 P P     . DG A 1 8  ? 13.29312  -3.45703  -6.26325  1.000 429.21379 ? 112 DG A P     1 
ATOM 141 O OP1   . DG A 1 8  ? 14.61675  -3.82829  -6.82897  1.000 428.92299 ? 112 DG A OP1   1 
ATOM 142 O OP2   . DG A 1 8  ? 12.78730  -2.05524  -6.27872  1.000 429.26472 ? 112 DG A OP2   1 
ATOM 143 O "O5'" . DG A 1 8  ? 12.15603  -4.37604  -6.91735  1.000 427.29299 ? 112 DG A "O5'" 1 
ATOM 144 C "C5'" . DG A 1 8  ? 12.20599  -5.79440  -6.80399  1.000 427.63482 ? 112 DG A "C5'" 1 
ATOM 145 C "C4'" . DG A 1 8  ? 10.81362  -6.37317  -6.96260  1.000 426.54344 ? 112 DG A "C4'" 1 
ATOM 146 O "O4'" . DG A 1 8  ? 10.13305  -6.37565  -5.67942  1.000 428.42675 ? 112 DG A "O4'" 1 
ATOM 147 C "C3'" . DG A 1 8  ? 9.90167   -5.59587  -7.90021  1.000 424.46022 ? 112 DG A "C3'" 1 
ATOM 148 O "O3'" . DG A 1 8  ? 8.97429   -6.49986  -8.48638  1.000 423.19133 ? 112 DG A "O3'" 1 
ATOM 149 C "C2'" . DG A 1 8  ? 9.22371   -4.60559  -6.94907  1.000 425.77550 ? 112 DG A "C2'" 1 
ATOM 150 C "C1'" . DG A 1 8  ? 9.05804   -5.45504  -5.69583  1.000 427.78750 ? 112 DG A "C1'" 1 
ATOM 151 N N9    . DG A 1 8  ? 9.07216   -4.70923  -4.43703  1.000 430.51112 ? 112 DG A N9    1 
ATOM 152 C C8    . DG A 1 8  ? 9.76784   -3.56899  -4.14242  1.000 431.88333 ? 112 DG A C8    1 
ATOM 153 N N7    . DG A 1 8  ? 9.58911   -3.15569  -2.90983  1.000 434.94236 ? 112 DG A N7    1 
ATOM 154 C C5    . DG A 1 8  ? 8.71871   -4.08687  -2.36374  1.000 435.48661 ? 112 DG A C5    1 
ATOM 155 C C6    . DG A 1 8  ? 8.15104   -4.17530  -1.06055  1.000 438.68723 ? 112 DG A C6    1 
ATOM 156 O O6    . DG A 1 8  ? 8.30382   -3.41901  -0.08870  1.000 442.02707 ? 112 DG A O6    1 
ATOM 157 N N1    . DG A 1 8  ? 7.32482   -5.28945  -0.94731  1.000 438.07482 ? 112 DG A N1    1 
ATOM 158 C C2    . DG A 1 8  ? 7.08140   -6.18561  -1.96167  1.000 434.93213 ? 112 DG A C2    1 
ATOM 159 N N2    . DG A 1 8  ? 6.26017   -7.19690  -1.68471  1.000 434.94491 ? 112 DG A N2    1 
ATOM 160 N N3    . DG A 1 8  ? 7.59819   -6.10449  -3.16616  1.000 432.27652 ? 112 DG A N3    1 
ATOM 161 C C4    . DG A 1 8  ? 8.39946   -5.04387  -3.29745  1.000 432.66108 ? 112 DG A C4    1 
ATOM 162 P P     . DT A 1 9  ? 7.91935   -6.03554  -9.61364  1.000 426.41306 ? 113 DT A P     1 
ATOM 163 O OP1   . DT A 1 9  ? 8.30913   -6.69720  -10.89544 1.000 425.35192 ? 113 DT A OP1   1 
ATOM 164 O OP2   . DT A 1 9  ? 7.69998   -4.56741  -9.51643  1.000 426.74387 ? 113 DT A OP2   1 
ATOM 165 O "O5'" . DT A 1 9  ? 6.56911   -6.71530  -9.11514  1.000 426.39844 ? 113 DT A "O5'" 1 
ATOM 166 C "C5'" . DT A 1 9  ? 6.52706   -7.25101  -7.80317  1.000 427.99541 ? 113 DT A "C5'" 1 
ATOM 167 C "C4'" . DT A 1 9  ? 5.30536   -8.11019  -7.62146  1.000 427.67217 ? 113 DT A "C4'" 1 
ATOM 168 O "O4'" . DT A 1 9  ? 4.87933   -8.05379  -6.24487  1.000 429.52269 ? 113 DT A "O4'" 1 
ATOM 169 C "C3'" . DT A 1 9  ? 4.10886   -7.66468  -8.42712  1.000 426.19138 ? 113 DT A "C3'" 1 
ATOM 170 O "O3'" . DT A 1 9  ? 3.32884   -8.81372  -8.75112  1.000 425.45484 ? 113 DT A "O3'" 1 
ATOM 171 C "C2'" . DT A 1 9  ? 3.41749   -6.65282  -7.50055  1.000 427.41101 ? 113 DT A "C2'" 1 
ATOM 172 C "C1'" . DT A 1 9  ? 3.86638   -7.08349  -6.09762  1.000 429.49962 ? 113 DT A "C1'" 1 
ATOM 173 N N1    . DT A 1 9  ? 4.38923   -5.97153  -5.25571  1.000 431.54822 ? 113 DT A N1    1 
ATOM 174 C C2    . DT A 1 9  ? 4.02950   -5.92214  -3.93886  1.000 434.03972 ? 113 DT A C2    1 
ATOM 175 O O2    . DT A 1 9  ? 3.30549   -6.74653  -3.41997  1.000 434.49373 ? 113 DT A O2    1 
ATOM 176 N N3    . DT A 1 9  ? 4.55097   -4.87039  -3.24302  1.000 436.32158 ? 113 DT A N3    1 
ATOM 177 C C4    . DT A 1 9  ? 5.37670   -3.88810  -3.71896  1.000 436.15488 ? 113 DT A C4    1 
ATOM 178 O O4    . DT A 1 9  ? 5.79176   -2.98699  -3.00232  1.000 438.60428 ? 113 DT A O4    1 
ATOM 179 C C5    . DT A 1 9  ? 5.72164   -3.99349  -5.11273  1.000 433.27368 ? 113 DT A C5    1 
ATOM 180 C C7    . DT A 1 9  ? 6.60445   -2.96698  -5.74372  1.000 432.97132 ? 113 DT A C7    1 
ATOM 181 C C6    . DT A 1 9  ? 5.21179   -5.01420  -5.80954  1.000 431.25293 ? 113 DT A C6    1 
ATOM 182 P P     . DA A 1 10 ? 1.78117   -8.97120  -8.36305  1.000 415.59340 ? 114 DA A P     1 
ATOM 183 O OP1   . DA A 1 10 ? 1.47554   -10.32631 -8.86665  1.000 414.93750 ? 114 DA A OP1   1 
ATOM 184 O OP2   . DA A 1 10 ? 1.05401   -7.78657  -8.89438  1.000 415.14745 ? 114 DA A OP2   1 
ATOM 185 O "O5'" . DA A 1 10 ? 1.75265   -9.09534  -6.74955  1.000 417.57982 ? 114 DA A "O5'" 1 
ATOM 186 C "C5'" . DA A 1 10 ? 0.66218   -9.73973  -6.07158  1.000 418.04848 ? 114 DA A "C5'" 1 
ATOM 187 C "C4'" . DA A 1 10 ? -0.37316  -8.71743  -5.62424  1.000 418.64053 ? 114 DA A "C4'" 1 
ATOM 188 O "O4'" . DA A 1 10 ? 0.30888   -7.56589  -5.03073  1.000 420.31815 ? 114 DA A "O4'" 1 
ATOM 189 C "C3'" . DA A 1 10 ? -1.27087  -8.15011  -6.75436  1.000 417.06993 ? 114 DA A "C3'" 1 
ATOM 190 O "O3'" . DA A 1 10 ? -2.70311  -8.24387  -6.43073  1.000 417.27501 ? 114 DA A "O3'" 1 
ATOM 191 C "C2'" . DA A 1 10 ? -0.84373  -6.66993  -6.82387  1.000 417.95182 ? 114 DA A "C2'" 1 
ATOM 192 C "C1'" . DA A 1 10 ? -0.40804  -6.40557  -5.38758  1.000 420.33754 ? 114 DA A "C1'" 1 
ATOM 193 N N9    . DA A 1 10 ? 0.42638   -5.19164  -5.24146  1.000 421.64696 ? 114 DA A N9    1 
ATOM 194 C C8    . DA A 1 10 ? 1.17659   -4.59957  -6.22097  1.000 420.58583 ? 114 DA A C8    1 
ATOM 195 N N7    . DA A 1 10 ? 1.80927   -3.51947  -5.83583  1.000 422.25341 ? 114 DA A N7    1 
ATOM 196 C C5    . DA A 1 10 ? 1.43254   -3.35972  -4.51797  1.000 429.51280 ? 114 DA A C5    1 
ATOM 197 C C6    . DA A 1 10 ? 1.76488   -2.38784  -3.56033  1.000 445.80395 ? 114 DA A C6    1 
ATOM 198 N N6    . DA A 1 10 ? 2.58169   -1.35530  -3.80316  1.000 460.56719 ? 114 DA A N6    1 
ATOM 199 N N1    . DA A 1 10 ? 1.22943   -2.51098  -2.34411  1.000 444.01340 ? 114 DA A N1    1 
ATOM 200 C C2    . DA A 1 10 ? 0.40813   -3.54135  -2.09054  1.000 429.85847 ? 114 DA A C2    1 
ATOM 201 N N3    . DA A 1 10 ? 0.01048   -4.51953  -2.90899  1.000 426.86048 ? 114 DA A N3    1 
ATOM 202 C C4    . DA A 1 10 ? 0.57202   -4.37456  -4.12350  1.000 424.50359 ? 114 DA A C4    1 
ATOM 203 P P     . DC A 1 11 ? -3.57164  -9.61774  -6.43681  1.000 412.64304 ? 115 DC A P     1 
ATOM 204 O OP1   . DC A 1 11 ? -2.68376  -10.78951 -6.21638  1.000 412.71975 ? 115 DC A OP1   1 
ATOM 205 O OP2   . DC A 1 11 ? -4.54717  -9.56945  -7.57531  1.000 411.23675 ? 115 DC A OP2   1 
ATOM 206 O "O5'" . DC A 1 11 ? -4.42638  -9.44379  -5.07864  1.000 414.53263 ? 115 DC A "O5'" 1 
ATOM 207 C "C5'" . DC A 1 11 ? -3.80677  -8.76896  -3.90808  1.000 417.01513 ? 115 DC A "C5'" 1 
ATOM 208 C "C4'" . DC A 1 11 ? -4.78286  -7.84112  -3.14637  1.000 419.08771 ? 115 DC A "C4'" 1 
ATOM 209 O "O4'" . DC A 1 11 ? -4.04139  -6.74161  -2.52201  1.000 423.09962 ? 115 DC A "O4'" 1 
ATOM 210 C "C3'" . DC A 1 11 ? -5.89008  -7.21356  -3.99840  1.000 418.17225 ? 115 DC A "C3'" 1 
ATOM 211 O "O3'" . DC A 1 11 ? -7.19791  -7.71383  -3.61408  1.000 418.41471 ? 115 DC A "O3'" 1 
ATOM 212 C "C2'" . DC A 1 11 ? -5.79250  -5.72009  -3.75093  1.000 420.49288 ? 115 DC A "C2'" 1 
ATOM 213 C "C1'" . DC A 1 11 ? -4.67131  -5.50282  -2.76712  1.000 426.07892 ? 115 DC A "C1'" 1 
ATOM 214 N N1    . DC A 1 11 ? -3.71389  -4.58051  -3.34445  1.000 430.80605 ? 115 DC A N1    1 
ATOM 215 C C2    . DC A 1 11 ? -3.21431  -3.54310  -2.59531  1.000 446.77669 ? 115 DC A C2    1 
ATOM 216 O O2    . DC A 1 11 ? -3.54537  -3.44151  -1.41312  1.000 441.69324 ? 115 DC A O2    1 
ATOM 217 N N3    . DC A 1 11 ? -2.35197  -2.68397  -3.18660  1.000 463.71170 ? 115 DC A N3    1 
ATOM 218 C C4    . DC A 1 11 ? -2.02797  -2.83010  -4.46664  1.000 463.80707 ? 115 DC A C4    1 
ATOM 219 N N4    . DC A 1 11 ? -1.17141  -1.96754  -5.00613  1.000 478.75989 ? 115 DC A N4    1 
ATOM 220 C C5    . DC A 1 11 ? -2.55453  -3.87042  -5.25277  1.000 442.32314 ? 115 DC A C5    1 
ATOM 221 C C6    . DC A 1 11 ? -3.39432  -4.70802  -4.66156  1.000 428.14820 ? 115 DC A C6    1 
ATOM 222 P P     . DG A 1 12 ? -8.56781  -6.92037  -3.95446  1.000 438.19554 ? 116 DG A P     1 
ATOM 223 O OP1   . DG A 1 12 ? -9.48252  -7.95039  -4.51354  1.000 436.17068 ? 116 DG A OP1   1 
ATOM 224 O OP2   . DG A 1 12 ? -8.39716  -5.75130  -4.85829  1.000 438.39217 ? 116 DG A OP2   1 
ATOM 225 O "O5'" . DG A 1 12 ? -9.05704  -6.42609  -2.49474  1.000 441.68646 ? 116 DG A "O5'" 1 
ATOM 226 C "C5'" . DG A 1 12 ? -8.09264  -6.21334  -1.42932  1.000 443.99046 ? 116 DG A "C5'" 1 
ATOM 227 C "C4'" . DG A 1 12 ? -8.11694  -4.76568  -0.95912  1.000 447.38339 ? 116 DG A "C4'" 1 
ATOM 228 O "O4'" . DG A 1 12 ? -7.07827  -3.96771  -1.61203  1.000 446.94738 ? 116 DG A "O4'" 1 
ATOM 229 C "C3'" . DG A 1 12 ? -9.41711  -4.03324  -1.25399  1.000 448.55049 ? 116 DG A "C3'" 1 
ATOM 230 O "O3'" . DG A 1 12 ? -9.67634  -3.10956  -0.21431  1.000 452.98956 ? 116 DG A "O3'" 1 
ATOM 231 C "C2'" . DG A 1 12 ? -9.09108  -3.33793  -2.56156  1.000 447.00222 ? 116 DG A "C2'" 1 
ATOM 232 C "C1'" . DG A 1 12 ? -7.69607  -2.85672  -2.24607  1.000 447.90026 ? 116 DG A "C1'" 1 
ATOM 233 N N9    . DG A 1 12 ? -6.92279  -2.49362  -3.41948  1.000 445.87515 ? 116 DG A N9    1 
ATOM 234 C C8    . DG A 1 12 ? -6.98849  -3.06579  -4.66473  1.000 442.61197 ? 116 DG A C8    1 
ATOM 235 N N7    . DG A 1 12 ? -6.16304  -2.54783  -5.51649  1.000 455.80182 ? 116 DG A N7    1 
ATOM 236 C C5    . DG A 1 12 ? -5.52692  -1.55378  -4.79708  1.000 469.39452 ? 116 DG A C5    1 
ATOM 237 C C6    . DG A 1 12 ? -4.53923  -0.65303  -5.20440  1.000 486.29597 ? 116 DG A C6    1 
ATOM 238 O O6    . DG A 1 12 ? -4.02091  -0.55312  -6.32007  1.000 490.21158 ? 116 DG A O6    1 
ATOM 239 N N1    . DG A 1 12 ? -4.16623  0.19816   -4.17157  1.000 491.22799 ? 116 DG A N1    1 
ATOM 240 C C2    . DG A 1 12 ? -4.68385  0.17427   -2.89709  1.000 478.24732 ? 116 DG A C2    1 
ATOM 241 N N2    . DG A 1 12 ? -4.19490  1.08198   -2.03628  1.000 480.18336 ? 116 DG A N2    1 
ATOM 242 N N3    . DG A 1 12 ? -5.61929  -0.67452  -2.50107  1.000 461.62693 ? 116 DG A N3    1 
ATOM 243 C C4    . DG A 1 12 ? -5.98714  -1.50669  -3.50385  1.000 459.33191 ? 116 DG A C4    1 
ATOM 244 P P     . DG A 1 13 ? -10.48804 -3.62430  1.06327   1.000 436.10542 ? 117 DG A P     1 
ATOM 245 O OP1   . DG A 1 13 ? -9.66902  -4.69726  1.68473   1.000 435.31570 ? 117 DG A OP1   1 
ATOM 246 O OP2   . DG A 1 13 ? -11.82749 -3.99797  0.51601   1.000 434.54808 ? 117 DG A OP2   1 
ATOM 247 O "O5'" . DG A 1 13 ? -10.57158 -2.34623  2.05098   1.000 441.76433 ? 117 DG A "O5'" 1 
ATOM 248 C "C5'" . DG A 1 13 ? -9.39984  -1.79755  2.65903   1.000 444.24934 ? 117 DG A "C5'" 1 
ATOM 249 C "C4'" . DG A 1 13 ? -9.41265  -0.30437  2.47656   1.000 447.41177 ? 117 DG A "C4'" 1 
ATOM 250 O "O4'" . DG A 1 13 ? -8.92235  -0.02200  1.14479   1.000 445.07585 ? 117 DG A "O4'" 1 
ATOM 251 C "C3'" . DG A 1 13 ? -10.81886 0.30183   2.56206   1.000 450.29427 ? 117 DG A "C3'" 1 
ATOM 252 O "O3'" . DG A 1 13 ? -10.93522 1.49291   3.46727   1.000 456.69436 ? 117 DG A "O3'" 1 
ATOM 253 C "C2'" . DG A 1 13 ? -11.20911 0.59663   1.11576   1.000 447.29247 ? 117 DG A "C2'" 1 
ATOM 254 C "C1'" . DG A 1 13 ? -9.86493  0.74212   0.42050   1.000 452.03953 ? 117 DG A "C1'" 1 
ATOM 255 N N9    . DG A 1 13 ? -9.88496  0.28558   -0.96413  1.000 462.06137 ? 117 DG A N9    1 
ATOM 256 C C8    . DG A 1 13 ? -10.73808 -0.63431  -1.52613  1.000 455.49382 ? 117 DG A C8    1 
ATOM 257 N N7    . DG A 1 13 ? -10.53338 -0.82111  -2.80036  1.000 471.13952 ? 117 DG A N7    1 
ATOM 258 C C5    . DG A 1 13 ? -9.46652  0.01463   -3.09475  1.000 490.19687 ? 117 DG A C5    1 
ATOM 259 C C6    . DG A 1 13 ? -8.79256  0.23801   -4.31461  1.000 511.88721 ? 117 DG A C6    1 
ATOM 260 O O6    . DG A 1 13 ? -8.99763  -0.28784  -5.41837  1.000 518.13323 ? 117 DG A O6    1 
ATOM 261 N N1    . DG A 1 13 ? -7.78090  1.18147   -4.17052  1.000 525.14496 ? 117 DG A N1    1 
ATOM 262 C C2    . DG A 1 13 ? -7.46667  1.82416   -2.99611  1.000 517.89218 ? 117 DG A C2    1 
ATOM 263 N N2    . DG A 1 13 ? -6.46707  2.70813   -3.05233  1.000 531.34096 ? 117 DG A N2    1 
ATOM 264 N N3    . DG A 1 13 ? -8.08388  1.61951   -1.85376  1.000 497.07100 ? 117 DG A N3    1 
ATOM 265 C C4    . DG A 1 13 ? -9.06710  0.70810   -1.97447  1.000 484.69086 ? 117 DG A C4    1 
ATOM 266 P P     . DA A 1 14 ? -9.81515  2.66409   3.64171   1.000 473.17550 ? 118 DA A P     1 
ATOM 267 O OP1   . DA A 1 14 ? -8.57344  2.06909   4.18075   1.000 475.59848 ? 118 DA A OP1   1 
ATOM 268 O OP2   . DA A 1 14 ? -10.40129 3.80591   4.41326   1.000 480.04109 ? 118 DA A OP2   1 
ATOM 269 O "O5'" . DA A 1 14 ? -9.53138  3.20564   2.16147   1.000 472.72401 ? 118 DA A "O5'" 1 
ATOM 270 C "C5'" . DA A 1 14 ? -8.21625  3.67400   1.81761   1.000 489.87279 ? 118 DA A "C5'" 1 
ATOM 271 C "C4'" . DA A 1 14 ? -8.27767  4.80048   0.80806   1.000 501.78813 ? 118 DA A "C4'" 1 
ATOM 272 O "O4'" . DA A 1 14 ? -8.63815  4.27436   -0.49695  1.000 516.77635 ? 118 DA A "O4'" 1 
ATOM 273 C "C3'" . DA A 1 14 ? -9.29027  5.88339   1.13214   1.000 490.18646 ? 118 DA A "C3'" 1 
ATOM 274 O "O3'" . DA A 1 14 ? -8.72293  7.12278   0.85601   1.000 498.15824 ? 118 DA A "O3'" 1 
ATOM 275 C "C2'" . DA A 1 14 ? -10.46359 5.55880   0.19656   1.000 489.38089 ? 118 DA A "C2'" 1 
ATOM 276 C "C1'" . DA A 1 14 ? -9.73996  4.98602   -1.01333  1.000 510.79675 ? 118 DA A "C1'" 1 
ATOM 277 N N9    . DA A 1 14 ? -10.52672 4.06917   -1.87886  1.000 515.41026 ? 118 DA A N9    1 
ATOM 278 C C8    . DA A 1 14 ? -11.49550 3.15369   -1.52519  1.000 499.52508 ? 118 DA A C8    1 
ATOM 279 N N7    . DA A 1 14 ? -11.98560 2.47033   -2.55314  1.000 507.79559 ? 118 DA A N7    1 
ATOM 280 C C5    . DA A 1 14 ? -11.28290 2.96915   -3.63788  1.000 530.42988 ? 118 DA A C5    1 
ATOM 281 C C6    . DA A 1 14 ? -11.30837 2.67915   -5.01681  1.000 546.05510 ? 118 DA A C6    1 
ATOM 282 N N6    . DA A 1 14 ? -12.11643 1.77487   -5.57248  1.000 541.64572 ? 118 DA A N6    1 
ATOM 283 N N1    . DA A 1 14 ? -10.46287 3.37738   -5.81264  1.000 562.35524 ? 118 DA A N1    1 
ATOM 284 C C2    . DA A 1 14 ? -9.66509  4.27886   -5.25879  1.000 565.86048 ? 118 DA A C2    1 
ATOM 285 N N3    . DA A 1 14 ? -9.54752  4.63432   -3.99966  1.000 554.37731 ? 118 DA A N3    1 
ATOM 286 C C4    . DA A 1 14 ? -10.38514 3.94238   -3.23164  1.000 535.67755 ? 118 DA A C4    1 
ATOM 287 P P     . DC A 1 15 ? -8.58772  8.21676   2.01531   1.000 518.99697 ? 119 DC A P     1 
ATOM 288 O OP1   . DC A 1 15 ? -7.15791  8.32157   2.36967   1.000 528.21625 ? 119 DC A OP1   1 
ATOM 289 O OP2   . DC A 1 15 ? -9.53093  7.86733   3.10637   1.000 517.85055 ? 119 DC A OP2   1 
ATOM 290 O "O5'" . DC A 1 15 ? -9.03609  9.55614   1.24893   1.000 519.08109 ? 119 DC A "O5'" 1 
ATOM 291 C "C5'" . DC A 1 15 ? -8.15729  10.13878  0.26055   1.000 537.25879 ? 119 DC A "C5'" 1 
ATOM 292 C "C4'" . DC A 1 15 ? -8.89263  10.63871  -0.99764  1.000 548.73914 ? 119 DC A "C4'" 1 
ATOM 293 O "O4'" . DC A 1 15 ? -9.46411  9.53619   -1.74453  1.000 555.81771 ? 119 DC A "O4'" 1 
ATOM 294 C "C3'" . DC A 1 15 ? -10.06019 11.62982  -0.79227  1.000 531.34367 ? 119 DC A "C3'" 1 
ATOM 295 O "O3'" . DC A 1 15 ? -10.11870 12.52708  -1.90936  1.000 546.92570 ? 119 DC A "O3'" 1 
ATOM 296 C "C2'" . DC A 1 15 ? -11.25438 10.69431  -0.86047  1.000 522.94510 ? 119 DC A "C2'" 1 
ATOM 297 C "C1'" . DC A 1 15 ? -10.78755 9.89927   -2.06088  1.000 545.15398 ? 119 DC A "C1'" 1 
ATOM 298 N N1    . DC A 1 15 ? -11.54178 8.70297   -2.36900  1.000 541.96783 ? 119 DC A N1    1 
ATOM 299 C C2    . DC A 1 15 ? -11.55352 8.26399   -3.68745  1.000 561.93097 ? 119 DC A C2    1 
ATOM 300 O O2    . DC A 1 15 ? -10.93266 8.92394   -4.53005  1.000 579.98860 ? 119 DC A O2    1 
ATOM 301 N N3    . DC A 1 15 ? -12.24476 7.13726   -4.00759  1.000 557.32454 ? 119 DC A N3    1 
ATOM 302 C C4    . DC A 1 15 ? -12.89844 6.46866   -3.05421  1.000 535.63979 ? 119 DC A C4    1 
ATOM 303 N N4    . DC A 1 15 ? -13.57171 5.35551   -3.41220  1.000 531.46059 ? 119 DC A N4    1 
ATOM 304 C C5    . DC A 1 15 ? -12.89318 6.91411   -1.68849  1.000 515.20130 ? 119 DC A C5    1 
ATOM 305 C C6    . DC A 1 15 ? -12.20344 8.02747   -1.39452  1.000 518.63035 ? 119 DC A C6    1 
ATOM 306 P P     . DA A 1 16 ? -8.95617  13.59521  -2.22146  1.000 547.32566 ? 120 DA A P     1 
ATOM 307 O OP1   . DA A 1 16 ? -7.76934  13.41084  -1.34820  1.000 548.26543 ? 120 DA A OP1   1 
ATOM 308 O OP2   . DA A 1 16 ? -9.67848  14.89157  -2.21799  1.000 552.75831 ? 120 DA A OP2   1 
ATOM 309 O "O5'" . DA A 1 16 ? -8.48927  13.25210  -3.72372  1.000 549.97068 ? 120 DA A "O5'" 1 
ATOM 310 C "C5'" . DA A 1 16 ? -9.25838  12.36730  -4.52532  1.000 556.88621 ? 120 DA A "C5'" 1 
ATOM 311 C "C4'" . DA A 1 16 ? -9.22218  12.77189  -5.98757  1.000 545.86105 ? 120 DA A "C4'" 1 
ATOM 312 O "O4'" . DA A 1 16 ? -10.35846 12.19390  -6.63937  1.000 549.55653 ? 120 DA A "O4'" 1 
ATOM 313 C "C3'" . DA A 1 16 ? -9.43708  14.23746  -6.25656  1.000 539.39698 ? 120 DA A "C3'" 1 
ATOM 314 O "O3'" . DA A 1 16 ? -9.18127  14.46737  -7.67226  1.000 535.09885 ? 120 DA A "O3'" 1 
ATOM 315 C "C2'" . DA A 1 16 ? -10.92869 14.36529  -5.88581  1.000 548.33901 ? 120 DA A "C2'" 1 
ATOM 316 C "C1'" . DA A 1 16 ? -11.47838 13.02750  -6.39144  1.000 550.88518 ? 120 DA A "C1'" 1 
ATOM 317 N N9    . DA A 1 16 ? -12.35843 12.29079  -5.48439  1.000 562.24015 ? 120 DA A N9    1 
ATOM 318 C C8    . DA A 1 16 ? -12.56690 12.45413  -4.13695  1.000 549.62403 ? 120 DA A C8    1 
ATOM 319 N N7    . DA A 1 16 ? -13.40486 11.56982  -3.62945  1.000 540.62491 ? 120 DA A N7    1 
ATOM 320 C C5    . DA A 1 16 ? -13.73901 10.77601  -4.72244  1.000 545.59313 ? 120 DA A C5    1 
ATOM 321 C C6    . DA A 1 16 ? -14.58029 9.64388   -4.88828  1.000 542.06960 ? 120 DA A C6    1 
ATOM 322 N N6    . DA A 1 16 ? -15.29115 9.09520   -3.89986  1.000 528.48811 ? 120 DA A N6    1 
ATOM 323 N N1    . DA A 1 16 ? -14.69016 9.11708   -6.14199  1.000 550.63068 ? 120 DA A N1    1 
ATOM 324 C C2    . DA A 1 16 ? -13.98931 9.67369   -7.12112  1.000 557.64805 ? 120 DA A C2    1 
ATOM 325 N N3    . DA A 1 16 ? -13.17852 10.71352  -7.08321  1.000 558.84922 ? 120 DA A N3    1 
ATOM 326 C C4    . DA A 1 16 ? -13.08619 11.21099  -5.84991  1.000 559.29958 ? 120 DA A C4    1 
ATOM 327 P P     . DG A 1 17 ? -9.45769  15.87956  -8.39964  1.000 534.51429 ? 121 DG A P     1 
ATOM 328 O OP1   . DG A 1 17 ? -8.34720  16.11418  -9.35519  1.000 532.12972 ? 121 DG A OP1   1 
ATOM 329 O OP2   . DG A 1 17 ? -9.75646  16.91100  -7.39065  1.000 541.75293 ? 121 DG A OP2   1 
ATOM 330 O "O5'" . DG A 1 17 ? -10.80402 15.61988  -9.22691  1.000 535.50828 ? 121 DG A "O5'" 1 
ATOM 331 C "C5'" . DG A 1 17 ? -10.81868 14.62786  -10.24341 1.000 529.76348 ? 121 DG A "C5'" 1 
ATOM 332 C "C4'" . DG A 1 17 ? -12.23027 14.15238  -10.52950 1.000 530.56112 ? 121 DG A "C4'" 1 
ATOM 333 O "O4'" . DG A 1 17 ? -12.77731 13.47098  -9.37245  1.000 529.28635 ? 121 DG A "O4'" 1 
ATOM 334 C "C3'" . DG A 1 17 ? -13.24131 15.25262  -10.89243 1.000 538.42919 ? 121 DG A "C3'" 1 
ATOM 335 O "O3'" . DG A 1 17 ? -13.86204 14.91826  -12.14883 1.000 537.82619 ? 121 DG A "O3'" 1 
ATOM 336 C "C2'" . DG A 1 17 ? -14.24003 15.20128  -9.72568  1.000 541.39763 ? 121 DG A "C2'" 1 
ATOM 337 C "C1'" . DG A 1 17 ? -14.14144 13.74664  -9.33891  1.000 533.90819 ? 121 DG A "C1'" 1 
ATOM 338 N N9    . DG A 1 17 ? -14.65925 13.40105  -8.02701  1.000 537.56724 ? 121 DG A N9    1 
ATOM 339 C C8    . DG A 1 17 ? -14.38611 13.97791  -6.80455  1.000 538.22883 ? 121 DG A C8    1 
ATOM 340 N N7    . DG A 1 17 ? -15.01306 13.40280  -5.81457  1.000 538.06871 ? 121 DG A N7    1 
ATOM 341 C C5    . DG A 1 17 ? -15.74688 12.40638  -6.43972  1.000 533.86341 ? 121 DG A C5    1 
ATOM 342 C C6    . DG A 1 17 ? -16.61246 11.45539  -5.90833  1.000 531.77946 ? 121 DG A C6    1 
ATOM 343 O O6    . DG A 1 17 ? -16.93217 11.29202  -4.72976  1.000 533.37835 ? 121 DG A O6    1 
ATOM 344 N N1    . DG A 1 17 ? -17.13087 10.62667  -6.90567  1.000 527.67845 ? 121 DG A N1    1 
ATOM 345 C C2    . DG A 1 17 ? -16.84123 10.72115  -8.24098  1.000 529.88766 ? 121 DG A C2    1 
ATOM 346 N N2    . DG A 1 17 ? -17.43151 9.84698   -9.05947  1.000 528.03677 ? 121 DG A N2    1 
ATOM 347 N N3    . DG A 1 17 ? -16.03179 11.60359  -8.74026  1.000 534.62891 ? 121 DG A N3    1 
ATOM 348 C C4    . DG A 1 17 ? -15.51655 12.39918  -7.78827  1.000 540.86996 ? 121 DG A C4    1 
ATOM 349 P P     . DT A 1 18 ? -14.72572 15.98433  -13.00102 1.000 539.01503 ? 122 DT A P     1 
ATOM 350 O OP1   . DT A 1 18 ? -14.01766 16.25681  -14.27545 1.000 539.70247 ? 122 DT A OP1   1 
ATOM 351 O OP2   . DT A 1 18 ? -15.06802 17.13955  -12.15434 1.000 533.56045 ? 122 DT A OP2   1 
ATOM 352 O "O5'" . DT A 1 18 ? -16.07533 15.17789  -13.28838 1.000 539.27395 ? 122 DT A "O5'" 1 
ATOM 353 C "C5'" . DT A 1 18 ? -16.39950 14.08018  -12.44615 1.000 537.56389 ? 122 DT A "C5'" 1 
ATOM 354 C "C4'" . DT A 1 18 ? -17.41041 13.17712  -13.09703 1.000 535.98769 ? 122 DT A "C4'" 1 
ATOM 355 O "O4'" . DT A 1 18 ? -17.85657 12.20051  -12.12571 1.000 534.17081 ? 122 DT A "O4'" 1 
ATOM 356 C "C3'" . DT A 1 18 ? -18.67099 13.88548  -13.52733 1.000 540.60960 ? 122 DT A "C3'" 1 
ATOM 357 O "O3'" . DT A 1 18 ? -19.35973 13.08800  -14.42688 1.000 540.53913 ? 122 DT A "O3'" 1 
ATOM 358 C "C2'" . DT A 1 18 ? -19.41453 13.97153  -12.21680 1.000 540.93829 ? 122 DT A "C2'" 1 
ATOM 359 C "C1'" . DT A 1 18 ? -19.10247 12.61329  -11.59779 1.000 540.87865 ? 122 DT A "C1'" 1 
ATOM 360 N N1    . DT A 1 18 ? -18.98844 12.72363  -10.17871 1.000 545.16156 ? 122 DT A N1    1 
ATOM 361 C C2    . DT A 1 18 ? -19.68632 11.87399  -9.37125  1.000 539.05685 ? 122 DT A C2    1 
ATOM 362 O O2    . DT A 1 18 ? -20.37461 10.95803  -9.78991  1.000 535.60539 ? 122 DT A O2    1 
ATOM 363 N N3    . DT A 1 18 ? -19.51047 12.11573  -8.03897  1.000 538.89989 ? 122 DT A N3    1 
ATOM 364 C C4    . DT A 1 18 ? -18.76137 13.11913  -7.45814  1.000 542.18849 ? 122 DT A C4    1 
ATOM 365 O O4    . DT A 1 18 ? -18.66619 13.26592  -6.24825  1.000 539.22349 ? 122 DT A O4    1 
ATOM 366 C C5    . DT A 1 18 ? -18.08504 13.97807  -8.37018  1.000 542.68890 ? 122 DT A C5    1 
ATOM 367 C C7    . DT A 1 18 ? -17.24968 15.10265  -7.85440  1.000 538.19697 ? 122 DT A C7    1 
ATOM 368 C C6    . DT A 1 18 ? -18.23850 13.75180  -9.66857  1.000 550.53552 ? 122 DT A C6    1 
ATOM 369 P P     . DC A 1 19 ? -20.77204 13.56270  -15.01699 1.000 548.39156 ? 123 DC A P     1 
ATOM 370 O OP1   . DC A 1 19 ? -20.55790 13.61587  -16.47536 1.000 546.54260 ? 123 DC A OP1   1 
ATOM 371 O OP2   . DC A 1 19 ? -21.24027 14.81857  -14.37250 1.000 543.47547 ? 123 DC A OP2   1 
ATOM 372 O "O5'" . DC A 1 19 ? -21.74299 12.31434  -14.70234 1.000 551.82722 ? 123 DC A "O5'" 1 
ATOM 373 C "C5'" . DC A 1 19 ? -21.69162 11.63182  -13.44265 1.000 552.83835 ? 123 DC A "C5'" 1 
ATOM 374 C "C4'" . DC A 1 19 ? -22.93880 11.94091  -12.65676 1.000 551.51832 ? 123 DC A "C4'" 1 
ATOM 375 O "O4'" . DC A 1 19 ? -22.64032 12.14208  -11.24931 1.000 550.45333 ? 123 DC A "O4'" 1 
ATOM 376 C "C3'" . DC A 1 19 ? -23.63226 13.22768  -13.09833 1.000 544.63770 ? 123 DC A "C3'" 1 
ATOM 377 O "O3'" . DC A 1 19 ? -24.99813 13.03892  -13.02793 1.000 540.57338 ? 123 DC A "O3'" 1 
ATOM 378 C "C2'" . DC A 1 19 ? -23.17228 14.21839  -12.05048 1.000 540.70312 ? 123 DC A "C2'" 1 
ATOM 379 C "C1'" . DC A 1 19 ? -23.30783 13.32281  -10.85541 1.000 542.20387 ? 123 DC A "C1'" 1 
ATOM 380 N N1    . DC A 1 19 ? -22.70305 13.84398  -9.65337  1.000 539.58048 ? 123 DC A N1    1 
ATOM 381 C C2    . DC A 1 19 ? -23.12914 13.35227  -8.42426  1.000 538.77205 ? 123 DC A C2    1 
ATOM 382 O O2    . DC A 1 19 ? -24.00988 12.48089  -8.40522  1.000 540.29606 ? 123 DC A O2    1 
ATOM 383 N N3    . DC A 1 19 ? -22.56729 13.83731  -7.29600  1.000 537.64327 ? 123 DC A N3    1 
ATOM 384 C C4    . DC A 1 19 ? -21.62237 14.77602  -7.38051  1.000 535.94731 ? 123 DC A C4    1 
ATOM 385 N N4    . DC A 1 19 ? -21.08695 15.22752  -6.24277  1.000 534.78358 ? 123 DC A N4    1 
ATOM 386 C C5    . DC A 1 19 ? -21.17965 15.29146  -8.63624  1.000 535.69397 ? 123 DC A C5    1 
ATOM 387 C C6    . DC A 1 19 ? -21.74933 14.80605  -9.73627  1.000 538.61434 ? 123 DC A C6    1 
ATOM 388 P P     . DA A 1 20 ? -25.77527 12.50463  -14.31731 1.000 569.06882 ? 124 DA A P     1 
ATOM 389 O OP1   . DA A 1 20 ? -25.14339 11.22274  -14.72729 1.000 577.94894 ? 124 DA A OP1   1 
ATOM 390 O OP2   . DA A 1 20 ? -25.81167 13.65665  -15.25343 1.000 557.44078 ? 124 DA A OP2   1 
ATOM 391 O "O5'" . DA A 1 20 ? -27.25503 12.21389  -13.77442 1.000 556.14976 ? 124 DA A "O5'" 1 
ATOM 392 C "C5'" . DA A 1 20 ? -27.47839 11.15992  -12.83215 1.000 560.91638 ? 124 DA A "C5'" 1 
ATOM 393 C "C4'" . DA A 1 20 ? -28.43796 11.59833  -11.73755 1.000 549.39177 ? 124 DA A "C4'" 1 
ATOM 394 O "O4'" . DA A 1 20 ? -27.70173 12.30657  -10.70752 1.000 551.94454 ? 124 DA A "O4'" 1 
ATOM 395 C "C3'" . DA A 1 20 ? -29.54848 12.54371  -12.18660 1.000 543.48364 ? 124 DA A "C3'" 1 
ATOM 396 O "O3'" . DA A 1 20 ? -30.74732 12.26888  -11.45657 1.000 541.80939 ? 124 DA A "O3'" 1 
ATOM 397 C "C2'" . DA A 1 20 ? -28.97720 13.92433  -11.85054 1.000 539.07596 ? 124 DA A "C2'" 1 
ATOM 398 C "C1'" . DA A 1 20 ? -28.19078 13.62706  -10.58244 1.000 541.55477 ? 124 DA A "C1'" 1 
ATOM 399 N N9    . DA A 1 20 ? -27.05395 14.51700  -10.34356 1.000 540.43819 ? 124 DA A N9    1 
ATOM 400 C C8    . DA A 1 20 ? -26.31296 15.21287  -11.26340 1.000 539.50961 ? 124 DA A C8    1 
ATOM 401 N N7    . DA A 1 20 ? -25.34541 15.92585  -10.72766 1.000 538.48778 ? 124 DA A N7    1 
ATOM 402 C C5    . DA A 1 20 ? -25.46096 15.66465  -9.37460  1.000 538.80593 ? 124 DA A C5    1 
ATOM 403 C C6    . DA A 1 20 ? -24.73919 16.10827  -8.26023  1.000 538.06826 ? 124 DA A C6    1 
ATOM 404 N N6    . DA A 1 20 ? -23.70841 16.93941  -8.34139  1.000 536.88383 ? 124 DA A N6    1 
ATOM 405 N N1    . DA A 1 20 ? -25.12574 15.65628  -7.04780  1.000 538.55570 ? 124 DA A N1    1 
ATOM 406 C C2    . DA A 1 20 ? -26.15772 14.82481  -6.97461  1.000 539.72260 ? 124 DA A C2    1 
ATOM 407 N N3    . DA A 1 20 ? -26.90951 14.34215  -7.94491  1.000 540.52551 ? 124 DA A N3    1 
ATOM 408 C C4    . DA A 1 20 ? -26.50532 14.80463  -9.13013  1.000 539.98751 ? 124 DA A C4    1 
ATOM 409 P P     . DC B 2 1  ? -1.24936  3.20878   -10.15983 1.000 454.64882 ? 119 DC B P     1 
ATOM 410 O OP1   . DC B 2 1  ? -0.87883  3.51040   -11.56288 1.000 451.08632 ? 119 DC B OP1   1 
ATOM 411 O OP2   . DC B 2 1  ? -1.62720  1.83798   -9.76782  1.000 453.07606 ? 119 DC B OP2   1 
ATOM 412 O "O5'" . DC B 2 1  ? -2.39999  4.20961   -9.66472  1.000 461.96355 ? 119 DC B "O5'" 1 
ATOM 413 C "C5'" . DC B 2 1  ? -2.12699  5.61027   -9.55170  1.000 465.88005 ? 119 DC B "C5'" 1 
ATOM 414 C "C4'" . DC B 2 1  ? -2.78306  6.20275   -8.31913  1.000 473.07418 ? 119 DC B "C4'" 1 
ATOM 415 O "O4'" . DC B 2 1  ? -4.13161  5.68998   -8.21005  1.000 475.45617 ? 119 DC B "O4'" 1 
ATOM 416 C "C3'" . DC B 2 1  ? -2.09850  5.85842   -7.00117  1.000 473.88528 ? 119 DC B "C3'" 1 
ATOM 417 O "O3'" . DC B 2 1  ? -2.26475  6.91387   -6.08413  1.000 480.92471 ? 119 DC B "O3'" 1 
ATOM 418 C "C2'" . DC B 2 1  ? -2.85117  4.61800   -6.55701  1.000 473.22560 ? 119 DC B "C2'" 1 
ATOM 419 C "C1'" . DC B 2 1  ? -4.25404  4.93949   -7.02351  1.000 476.64988 ? 119 DC B "C1'" 1 
ATOM 420 N N1    . DC B 2 1  ? -5.09460  3.74351   -7.28739  1.000 474.39743 ? 119 DC B N1    1 
ATOM 421 C C2    . DC B 2 1  ? -5.97157  3.33231   -6.30583  1.000 478.34630 ? 119 DC B C2    1 
ATOM 422 O O2    . DC B 2 1  ? -6.00198  3.95954   -5.24960  1.000 483.58639 ? 119 DC B O2    1 
ATOM 423 N N3    . DC B 2 1  ? -6.75455  2.25283   -6.51722  1.000 476.65642 ? 119 DC B N3    1 
ATOM 424 C C4    . DC B 2 1  ? -6.68350  1.60032   -7.66745  1.000 471.52409 ? 119 DC B C4    1 
ATOM 425 N N4    . DC B 2 1  ? -7.48064  0.53733   -7.82811  1.000 470.49979 ? 119 DC B N4    1 
ATOM 426 C C5    . DC B 2 1  ? -5.79078  2.00788   -8.69908  1.000 467.55279 ? 119 DC B C5    1 
ATOM 427 C C6    . DC B 2 1  ? -5.01390  3.07450   -8.46594  1.000 468.99534 ? 119 DC B C6    1 
ATOM 428 P P     . DC B 2 2  ? -1.29031  8.18335   -6.15260  1.000 469.17340 ? 120 DC B P     1 
ATOM 429 O OP1   . DC B 2 2  ? -2.04063  9.31259   -6.72214  1.000 473.85428 ? 120 DC B OP1   1 
ATOM 430 O OP2   . DC B 2 2  ? -0.04050  7.75731   -6.79544  1.000 462.06869 ? 120 DC B OP2   1 
ATOM 431 O "O5'" . DC B 2 2  ? -0.90727  8.46091   -4.64067  1.000 474.50083 ? 120 DC B "O5'" 1 
ATOM 432 C "C5'" . DC B 2 2  ? 0.26929   7.90392   -4.12992  1.000 471.26615 ? 120 DC B "C5'" 1 
ATOM 433 C "C4'" . DC B 2 2  ? -0.03761  6.90918   -3.02775  1.000 472.70245 ? 120 DC B "C4'" 1 
ATOM 434 O "O4'" . DC B 2 2  ? -0.86663  5.83132   -3.53628  1.000 469.00723 ? 120 DC B "O4'" 1 
ATOM 435 C "C3'" . DC B 2 2  ? 1.18897   6.20121   -2.44195  1.000 470.21240 ? 120 DC B "C3'" 1 
ATOM 436 O "O3'" . DC B 2 2  ? 0.89185   5.78298   -1.16309  1.000 474.49747 ? 120 DC B "O3'" 1 
ATOM 437 C "C2'" . DC B 2 2  ? 1.27208   4.99299   -3.32236  1.000 465.67520 ? 120 DC B "C2'" 1 
ATOM 438 C "C1'" . DC B 2 2  ? -0.18855  4.62712   -3.25948  1.000 464.58123 ? 120 DC B "C1'" 1 
ATOM 439 N N1    . DC B 2 2  ? -0.56327  3.64406   -4.20805  1.000 458.94086 ? 120 DC B N1    1 
ATOM 440 C C2    . DC B 2 2  ? -1.62426  2.80119   -3.91404  1.000 460.10775 ? 120 DC B C2    1 
ATOM 441 O O2    . DC B 2 2  ? -2.22612  2.93977   -2.83286  1.000 465.91794 ? 120 DC B O2    1 
ATOM 442 N N3    . DC B 2 2  ? -1.96811  1.85932   -4.82104  1.000 455.17679 ? 120 DC B N3    1 
ATOM 443 C C4    . DC B 2 2  ? -1.28579  1.75506   -5.96690  1.000 449.44325 ? 120 DC B C4    1 
ATOM 444 N N4    . DC B 2 2  ? -1.66224  0.81853   -6.83626  1.000 445.33454 ? 120 DC B N4    1 
ATOM 445 C C5    . DC B 2 2  ? -0.18939  2.61030   -6.27250  1.000 448.00502 ? 120 DC B C5    1 
ATOM 446 C C6    . DC B 2 2  ? 0.13761   3.52841   -5.36835  1.000 452.79049 ? 120 DC B C6    1 
ATOM 447 P P     . DG B 2 3  ? 1.16983   6.73873   0.08609   1.000 466.34151 ? 121 DG B P     1 
ATOM 448 O OP1   . DG B 2 3  ? 1.31629   8.15779   -0.35085  1.000 469.16959 ? 121 DG B OP1   1 
ATOM 449 O OP2   . DG B 2 3  ? 2.26845   6.09052   0.82860   1.000 471.93649 ? 121 DG B OP2   1 
ATOM 450 O "O5'" . DG B 2 3  ? -0.16306  6.56784   0.94560   1.000 472.60869 ? 121 DG B "O5'" 1 
ATOM 451 C "C5'" . DG B 2 3  ? -1.04723  5.46819   0.67280   1.000 469.42967 ? 121 DG B "C5'" 1 
ATOM 452 C "C4'" . DG B 2 3  ? -1.42661  4.76215   1.95617   1.000 473.89362 ? 121 DG B "C4'" 1 
ATOM 453 O "O4'" . DG B 2 3  ? -1.59941  3.37294   1.67386   1.000 468.57109 ? 121 DG B "O4'" 1 
ATOM 454 C "C3'" . DG B 2 3  ? -0.34044  4.74997   3.01089   1.000 476.88641 ? 121 DG B "C3'" 1 
ATOM 455 O "O3'" . DG B 2 3  ? -0.90112  4.27766   4.26475   1.000 482.88258 ? 121 DG B "O3'" 1 
ATOM 456 C "C2'" . DG B 2 3  ? 0.62857   3.75096   2.39053   1.000 468.85098 ? 121 DG B "C2'" 1 
ATOM 457 C "C1'" . DG B 2 3  ? -0.33797  2.74987   1.77103   1.000 464.76557 ? 121 DG B "C1'" 1 
ATOM 458 N N9    . DG B 2 3  ? -0.00663  2.34485   0.45067   1.000 456.85514 ? 121 DG B N9    1 
ATOM 459 C C8    . DG B 2 3  ? 0.84485   2.93287   -0.44459  1.000 457.07241 ? 121 DG B C8    1 
ATOM 460 N N7    . DG B 2 3  ? 0.88006   2.30930   -1.58042  1.000 452.58235 ? 121 DG B N7    1 
ATOM 461 C C5    . DG B 2 3  ? -0.04167  1.28482   -1.41564  1.000 448.55661 ? 121 DG B C5    1 
ATOM 462 C C6    . DG B 2 3  ? -0.45014  0.26694   -2.29243  1.000 442.89228 ? 121 DG B C6    1 
ATOM 463 O O6    . DG B 2 3  ? -0.07687  0.06613   -3.44635  1.000 439.98002 ? 121 DG B O6    1 
ATOM 464 N N1    . DG B 2 3  ? -1.40468  -0.57177  -1.70514  1.000 443.39268 ? 121 DG B N1    1 
ATOM 465 C C2    . DG B 2 3  ? -1.88455  -0.43156  -0.42651  1.000 449.91866 ? 121 DG B C2    1 
ATOM 466 N N2    . DG B 2 3  ? -2.80006  -1.32113  -0.01232  1.000 451.55094 ? 121 DG B N2    1 
ATOM 467 N N3    . DG B 2 3  ? -1.49685  0.51244   0.39111   1.000 454.85086 ? 121 DG B N3    1 
ATOM 468 C C4    . DG B 2 3  ? -0.58081  1.31870   -0.16946  1.000 452.55323 ? 121 DG B C4    1 
ATOM 469 P P     . DT B 2 4  ? 0.01150   3.70554   5.46365   1.000 463.66772 ? 122 DT B P     1 
ATOM 470 O OP1   . DT B 2 4  ? -0.74530  3.85302   6.73207   1.000 472.50400 ? 122 DT B OP1   1 
ATOM 471 O OP2   . DT B 2 4  ? 1.32369   4.37585   5.40968   1.000 463.21163 ? 122 DT B OP2   1 
ATOM 472 O "O5'" . DT B 2 4  ? 0.13765   2.14206   5.10375   1.000 456.99981 ? 122 DT B "O5'" 1 
ATOM 473 C "C5'" . DT B 2 4  ? -1.05504  1.36899   4.90034   1.000 455.82802 ? 122 DT B "C5'" 1 
ATOM 474 C "C4'" . DT B 2 4  ? -0.72980  -0.05708  4.52432   1.000 449.82136 ? 122 DT B "C4'" 1 
ATOM 475 O "O4'" . DT B 2 4  ? -0.31529  -0.10725  3.14657   1.000 441.98465 ? 122 DT B "O4'" 1 
ATOM 476 C "C3'" . DT B 2 4  ? 0.41326   -0.68114  5.31187   1.000 450.87782 ? 122 DT B "C3'" 1 
ATOM 477 O "O3'" . DT B 2 4  ? 0.11080   -2.04282  5.56798   1.000 449.98541 ? 122 DT B "O3'" 1 
ATOM 478 C "C2'" . DT B 2 4  ? 1.59896   -0.52945  4.35849   1.000 447.56640 ? 122 DT B "C2'" 1 
ATOM 479 C "C1'" . DT B 2 4  ? 0.88710   -0.82469  3.07248   1.000 438.93839 ? 122 DT B "C1'" 1 
ATOM 480 N N1    . DT B 2 4  ? 1.56627   -0.42847  1.85903   1.000 436.90296 ? 122 DT B N1    1 
ATOM 481 C C2    . DT B 2 4  ? 1.32005   -1.17122  0.75907   1.000 431.91862 ? 122 DT B C2    1 
ATOM 482 O O2    . DT B 2 4  ? 0.59349   -2.14131  0.77298   1.000 429.17290 ? 122 DT B O2    1 
ATOM 483 N N3    . DT B 2 4  ? 1.93991   -0.76686  -0.36729  1.000 430.56771 ? 122 DT B N3    1 
ATOM 484 C C4    . DT B 2 4  ? 2.78385   0.31467   -0.49930  1.000 433.62577 ? 122 DT B C4    1 
ATOM 485 O O4    . DT B 2 4  ? 3.29199   0.61118   -1.56859  1.000 432.38416 ? 122 DT B O4    1 
ATOM 486 C C5    . DT B 2 4  ? 3.00448   1.07357   0.69910   1.000 438.69325 ? 122 DT B C5    1 
ATOM 487 C C7    . DT B 2 4  ? 3.90137   2.26934   0.66217   1.000 442.48577 ? 122 DT B C7    1 
ATOM 488 C C6    . DT B 2 4  ? 2.38614   0.67317   1.82231   1.000 440.17366 ? 122 DT B C6    1 
ATOM 489 P P     . DA B 2 5  ? 0.75885   -2.75165  6.85192   1.000 455.01111 ? 123 DA B P     1 
ATOM 490 O OP1   . DA B 2 5  ? 0.71830   -1.75269  7.93898   1.000 463.21490 ? 123 DA B OP1   1 
ATOM 491 O OP2   . DA B 2 5  ? 2.03508   -3.35014  6.42582   1.000 450.03783 ? 123 DA B OP2   1 
ATOM 492 O "O5'" . DA B 2 5  ? -0.24075  -3.93293  7.28458   1.000 456.79995 ? 123 DA B "O5'" 1 
ATOM 493 C "C5'" . DA B 2 5  ? -1.06696  -4.61029  6.32675   1.000 451.48121 ? 123 DA B "C5'" 1 
ATOM 494 C "C4'" . DA B 2 5  ? -0.29495  -5.63471  5.47719   1.000 444.58716 ? 123 DA B "C4'" 1 
ATOM 495 O "O4'" . DA B 2 5  ? 0.34595   -4.95473  4.38039   1.000 438.80622 ? 123 DA B "O4'" 1 
ATOM 496 C "C3'" . DA B 2 5  ? 0.80423   -6.44046  6.18863   1.000 446.29390 ? 123 DA B "C3'" 1 
ATOM 497 O "O3'" . DA B 2 5  ? 0.31781   -7.81518  6.55106   1.000 447.68140 ? 123 DA B "O3'" 1 
ATOM 498 C "C2'" . DA B 2 5  ? 2.00816   -6.40470  5.20965   1.000 439.60875 ? 123 DA B "C2'" 1 
ATOM 499 C "C1'" . DA B 2 5  ? 1.45037   -5.69405  3.95542   1.000 434.32160 ? 123 DA B "C1'" 1 
ATOM 500 N N9    . DA B 2 5  ? 2.36097   -4.75222  3.26214   1.000 430.61977 ? 123 DA B N9    1 
ATOM 501 C C8    . DA B 2 5  ? 2.85948   -3.56609  3.73090   1.000 433.91454 ? 123 DA B C8    1 
ATOM 502 N N7    . DA B 2 5  ? 3.60802   -2.91713  2.86483   1.000 430.18024 ? 123 DA B N7    1 
ATOM 503 C C5    . DA B 2 5  ? 3.57356   -3.72001  1.74085   1.000 424.40083 ? 123 DA B C5    1 
ATOM 504 C C6    . DA B 2 5  ? 4.16232   -3.60935  0.45952   1.000 419.06023 ? 123 DA B C6    1 
ATOM 505 N N6    . DA B 2 5  ? 4.93809   -2.59574  0.08384   1.000 419.05682 ? 123 DA B N6    1 
ATOM 506 N N1    . DA B 2 5  ? 3.91319   -4.59371  -0.42982  1.000 413.07429 ? 123 DA B N1    1 
ATOM 507 C C2    . DA B 2 5  ? 3.13986   -5.60783  -0.05103  1.000 413.92668 ? 123 DA B C2    1 
ATOM 508 N N3    . DA B 2 5  ? 2.54361   -5.82542  1.11142   1.000 418.95632 ? 123 DA B N3    1 
ATOM 509 C C4    . DA B 2 5  ? 2.79675   -4.84054  1.96892   1.000 423.62396 ? 123 DA B C4    1 
ATOM 510 P P     . DC B 2 6  ? 0.77759   -9.16099  5.78921   1.000 442.28495 ? 124 DC B P     1 
ATOM 511 O OP1   . DC B 2 6  ? -0.22730  -10.22132 6.03702   1.000 444.28567 ? 124 DC B OP1   1 
ATOM 512 O OP2   . DC B 2 6  ? 2.16878   -9.42944  6.19144   1.000 443.05964 ? 124 DC B OP2   1 
ATOM 513 O "O5'" . DC B 2 6  ? 0.67068   -8.79155  4.24828   1.000 434.44636 ? 124 DC B "O5'" 1 
ATOM 514 C "C5'" . DC B 2 6  ? 0.76255   -9.78750  3.30111   1.000 429.23422 ? 124 DC B "C5'" 1 
ATOM 515 C "C4'" . DC B 2 6  ? 2.15754   -9.84951  2.71022   1.000 424.73518 ? 124 DC B "C4'" 1 
ATOM 516 O "O4'" . DC B 2 6  ? 2.74942   -8.52769  2.59654   1.000 423.84832 ? 124 DC B "O4'" 1 
ATOM 517 C "C3'" . DC B 2 6  ? 3.18501   -10.69037 3.49732   1.000 427.56697 ? 124 DC B "C3'" 1 
ATOM 518 O "O3'" . DC B 2 6  ? 3.81774   -11.62323 2.61214   1.000 422.65550 ? 124 DC B "O3'" 1 
ATOM 519 C "C2'" . DC B 2 6  ? 4.20246   -9.63032  3.95508   1.000 428.98665 ? 124 DC B "C2'" 1 
ATOM 520 C "C1'" . DC B 2 6  ? 4.12448   -8.73973  2.74550   1.000 422.98096 ? 124 DC B "C1'" 1 
ATOM 521 N N1    . DC B 2 6  ? 4.88940   -7.44385  2.76978   1.000 422.76794 ? 124 DC B N1    1 
ATOM 522 C C2    . DC B 2 6  ? 5.63188   -7.11808  1.65035   1.000 416.42079 ? 124 DC B C2    1 
ATOM 523 O O2    . DC B 2 6  ? 5.63096   -7.90933  0.71944   1.000 411.53394 ? 124 DC B O2    1 
ATOM 524 N N3    . DC B 2 6  ? 6.33382   -5.96184  1.61305   1.000 416.11121 ? 124 DC B N3    1 
ATOM 525 C C4    . DC B 2 6  ? 6.30104   -5.14398  2.65278   1.000 422.15443 ? 124 DC B C4    1 
ATOM 526 N N4    . DC B 2 6  ? 7.00302   -4.00487  2.57219   1.000 422.02799 ? 124 DC B N4    1 
ATOM 527 C C5    . DC B 2 6  ? 5.53917   -5.45670  3.82152   1.000 428.97226 ? 124 DC B C5    1 
ATOM 528 C C6    . DC B 2 6  ? 4.86179   -6.61663  3.83662   1.000 428.88443 ? 124 DC B C6    1 
ATOM 529 P P     . DA B 2 7  ? 3.02625   -12.86000 1.93092   1.000 447.38585 ? 125 DA B P     1 
ATOM 530 O OP1   . DA B 2 7  ? 1.86763   -12.40515 1.12963   1.000 452.93316 ? 125 DA B OP1   1 
ATOM 531 O OP2   . DA B 2 7  ? 2.78100   -13.87259 2.97668   1.000 449.67616 ? 125 DA B OP2   1 
ATOM 532 O "O5'" . DA B 2 7  ? 4.11390   -13.44600 0.89740   1.000 435.98978 ? 125 DA B "O5'" 1 
ATOM 533 C "C5'" . DA B 2 7  ? 4.79789   -12.54641 -0.02099  1.000 430.51546 ? 125 DA B "C5'" 1 
ATOM 534 C "C4'" . DA B 2 7  ? 6.24949   -12.96489 -0.26389  1.000 428.21268 ? 125 DA B "C4'" 1 
ATOM 535 O "O4'" . DA B 2 7  ? 7.08930   -11.77912 -0.32369  1.000 426.35988 ? 125 DA B "O4'" 1 
ATOM 536 C "C3'" . DA B 2 7  ? 6.85785   -13.84709 0.81374   1.000 433.44527 ? 125 DA B "C3'" 1 
ATOM 537 O "O3'" . DA B 2 7  ? 6.73633   -15.20030 0.44649   1.000 433.23769 ? 125 DA B "O3'" 1 
ATOM 538 C "C2'" . DA B 2 7  ? 8.31611   -13.41447 0.82991   1.000 431.94305 ? 125 DA B "C2'" 1 
ATOM 539 C "C1'" . DA B 2 7  ? 8.23450   -11.93886 0.48758   1.000 429.21852 ? 125 DA B "C1'" 1 
ATOM 540 N N9    . DA B 2 7  ? 8.11365   -11.05833 1.65324   1.000 434.66738 ? 125 DA B N9    1 
ATOM 541 C C8    . DA B 2 7  ? 7.37861   -11.27427 2.78265   1.000 441.20178 ? 125 DA B C8    1 
ATOM 542 N N7    . DA B 2 7  ? 7.45555   -10.30465 3.65785   1.000 445.51793 ? 125 DA B N7    1 
ATOM 543 C C5    . DA B 2 7  ? 8.29455   -9.38544  3.06181   1.000 441.49860 ? 125 DA B C5    1 
ATOM 544 C C6    . DA B 2 7  ? 8.76901   -8.12825  3.48210   1.000 443.46368 ? 125 DA B C6    1 
ATOM 545 N N6    . DA B 2 7  ? 8.45724   -7.58628  4.66437   1.000 450.50513 ? 125 DA B N6    1 
ATOM 546 N N1    . DA B 2 7  ? 9.60074   -7.46224  2.65070   1.000 438.33662 ? 125 DA B N1    1 
ATOM 547 C C2    . DA B 2 7  ? 9.91401   -8.02423  1.48012   1.000 431.71583 ? 125 DA B C2    1 
ATOM 548 N N3    . DA B 2 7  ? 9.53072   -9.20148  0.98412   1.000 429.51688 ? 125 DA B N3    1 
ATOM 549 C C4    . DA B 2 7  ? 8.71192   -9.83419  1.82944   1.000 434.68739 ? 125 DA B C4    1 
ATOM 550 P P     . DG C 3 1  ? 11.64904  -16.66375 6.77001   1.000 461.91239 ? 209 DG C P     1 
ATOM 551 O OP1   . DG C 3 1  ? 11.84021  -15.57634 7.74944   1.000 466.70898 ? 209 DG C OP1   1 
ATOM 552 O OP2   . DG C 3 1  ? 10.73711  -17.78643 7.05704   1.000 468.20440 ? 209 DG C OP2   1 
ATOM 553 O "O5'" . DG C 3 1  ? 11.13539  -15.98909 5.43562   1.000 459.94138 ? 209 DG C "O5'" 1 
ATOM 554 C "C5'" . DG C 3 1  ? 11.75742  -14.83039 4.96882   1.000 455.47356 ? 209 DG C "C5'" 1 
ATOM 555 C "C4'" . DG C 3 1  ? 11.80057  -14.85375 3.45492   1.000 446.85605 ? 209 DG C "C4'" 1 
ATOM 556 O "O4'" . DG C 3 1  ? 10.71531  -14.07848 2.90896   1.000 452.40121 ? 209 DG C "O4'" 1 
ATOM 557 C "C3'" . DG C 3 1  ? 13.08855  -14.33224 2.81811   1.000 435.57847 ? 209 DG C "C3'" 1 
ATOM 558 O "O3'" . DG C 3 1  ? 13.65846  -15.37287 1.98700   1.000 425.52178 ? 209 DG C "O3'" 1 
ATOM 559 C "C2'" . DG C 3 1  ? 12.65158  -13.12065 1.97583   1.000 436.42372 ? 209 DG C "C2'" 1 
ATOM 560 C "C1'" . DG C 3 1  ? 11.20103  -12.87753 2.38980   1.000 448.06628 ? 209 DG C "C1'" 1 
ATOM 561 N N9    . DG C 3 1  ? 11.02230  -11.83167 3.38438   1.000 454.41526 ? 209 DG C N9    1 
ATOM 562 C C8    . DG C 3 1  ? 10.27441  -11.88567 4.53472   1.000 463.19973 ? 209 DG C C8    1 
ATOM 563 N N7    . DG C 3 1  ? 10.30014  -10.78337 5.22111   1.000 464.67438 ? 209 DG C N7    1 
ATOM 564 C C5    . DG C 3 1  ? 11.11028  -9.94859  4.47281   1.000 457.28485 ? 209 DG C C5    1 
ATOM 565 C C6    . DG C 3 1  ? 11.51475  -8.62672  4.71489   1.000 458.87655 ? 209 DG C C6    1 
ATOM 566 O O6    . DG C 3 1  ? 11.21743  -7.89326  5.67442   1.000 465.70604 ? 209 DG C O6    1 
ATOM 567 N N1    . DG C 3 1  ? 12.34140  -8.16029  3.69297   1.000 453.09952 ? 209 DG C N1    1 
ATOM 568 C C2    . DG C 3 1  ? 12.73068  -8.89047  2.59459   1.000 445.99629 ? 209 DG C C2    1 
ATOM 569 N N2    . DG C 3 1  ? 13.53207  -8.28562  1.71218   1.000 441.86400 ? 209 DG C N2    1 
ATOM 570 N N3    . DG C 3 1  ? 12.35137  -10.11831 2.36589   1.000 443.57782 ? 209 DG C N3    1 
ATOM 571 C C4    . DG C 3 1  ? 11.55311  -10.58509 3.34188   1.000 451.38352 ? 209 DG C C4    1 
ATOM 572 P P     . DG C 3 2  ? 15.25580  -15.57189 1.82643   1.000 406.10017 ? 210 DG C P     1 
ATOM 573 O OP1   . DG C 3 2  ? 15.69336  -14.69749 0.69127   1.000 398.04375 ? 210 DG C OP1   1 
ATOM 574 O OP2   . DG C 3 2  ? 15.49477  -17.03850 1.71836   1.000 396.03905 ? 210 DG C OP2   1 
ATOM 575 O "O5'" . DG C 3 2  ? 15.87311  -15.16723 3.27044   1.000 413.67028 ? 210 DG C "O5'" 1 
ATOM 576 C "C5'" . DG C 3 2  ? 16.89033  -14.15123 3.37614   1.000 410.46067 ? 210 DG C "C5'" 1 
ATOM 577 C "C4'" . DG C 3 2  ? 16.30249  -12.81234 2.99720   1.000 417.82964 ? 210 DG C "C4'" 1 
ATOM 578 O "O4'" . DG C 3 2  ? 15.43042  -12.37109 4.04996   1.000 430.71343 ? 210 DG C "O4'" 1 
ATOM 579 C "C3'" . DG C 3 2  ? 17.28541  -11.65987 2.77735   1.000 414.73543 ? 210 DG C "C3'" 1 
ATOM 580 O "O3'" . DG C 3 2  ? 17.66111  -11.53952 1.32275   1.000 404.45263 ? 210 DG C "O3'" 1 
ATOM 581 C "C2'" . DG C 3 2  ? 16.47115  -10.43518 3.27770   1.000 426.01168 ? 210 DG C "C2'" 1 
ATOM 582 C "C1'" . DG C 3 2  ? 15.14242  -11.04868 3.78031   1.000 433.97192 ? 210 DG C "C1'" 1 
ATOM 583 N N9    . DG C 3 2  ? 14.53695  -10.44808 4.97807   1.000 450.29862 ? 210 DG C N9    1 
ATOM 584 C C8    . DG C 3 2  ? 13.60839  -11.03429 5.81073   1.000 463.17028 ? 210 DG C C8    1 
ATOM 585 N N7    . DG C 3 2  ? 13.21812  -10.26008 6.78246   1.000 477.44060 ? 210 DG C N7    1 
ATOM 586 C C5    . DG C 3 2  ? 13.93226  -9.08967  6.58498   1.000 474.08407 ? 210 DG C C5    1 
ATOM 587 C C6    . DG C 3 2  ? 13.93022  -7.89048  7.31901   1.000 483.57452 ? 210 DG C C6    1 
ATOM 588 O O6    . DG C 3 2  ? 13.27469  -7.61540  8.33273   1.000 493.34648 ? 210 DG C O6    1 
ATOM 589 N N1    . DG C 3 2  ? 14.81010  -6.95385  6.76949   1.000 477.23460 ? 210 DG C N1    1 
ATOM 590 C C2    . DG C 3 2  ? 15.57490  -7.15865  5.64979   1.000 464.09199 ? 210 DG C C2    1 
ATOM 591 N N2    . DG C 3 2  ? 16.36908  -6.15773  5.25461   1.000 458.21118 ? 210 DG C N2    1 
ATOM 592 N N3    . DG C 3 2  ? 15.57442  -8.26469  4.96078   1.000 453.44111 ? 210 DG C N3    1 
ATOM 593 C C4    . DG C 3 2  ? 14.73656  -9.18595  5.47252   1.000 459.19766 ? 210 DG C C4    1 
ATOM 594 P P     . DC C 3 3  ? 19.20611  -11.55327 0.80057   1.000 391.90450 ? 211 DC C P     1 
ATOM 595 O OP1   . DC C 3 3  ? 19.23309  -11.28805 -0.65862  1.000 386.59480 ? 211 DC C OP1   1 
ATOM 596 O OP2   . DC C 3 3  ? 19.87861  -12.78055 1.24951   1.000 387.07227 ? 211 DC C OP2   1 
ATOM 597 O "O5'" . DC C 3 3  ? 19.91712  -10.37267 1.61649   1.000 398.54782 ? 211 DC C "O5'" 1 
ATOM 598 C "C5'" . DC C 3 3  ? 19.26721  -9.10203  1.77262   1.000 409.00727 ? 211 DC C "C5'" 1 
ATOM 599 C "C4'" . DC C 3 3  ? 20.15694  -8.13054  2.51600   1.000 411.99779 ? 211 DC C "C4'" 1 
ATOM 600 O "O4'" . DC C 3 3  ? 19.46333  -7.59095  3.68117   1.000 422.31371 ? 211 DC C "O4'" 1 
ATOM 601 C "C3'" . DC C 3 3  ? 21.42873  -8.74813  3.04860   1.000 405.41378 ? 211 DC C "C3'" 1 
ATOM 602 O "O3'" . DC C 3 3  ? 22.43972  -7.77399  3.08591   1.000 405.41286 ? 211 DC C "O3'" 1 
ATOM 603 C "C2'" . DC C 3 3  ? 21.00514  -9.16599  4.43808   1.000 412.62309 ? 211 DC C "C2'" 1 
ATOM 604 C "C1'" . DC C 3 3  ? 20.12556  -8.00185  4.85481   1.000 423.22219 ? 211 DC C "C1'" 1 
ATOM 605 N N1    . DC C 3 3  ? 19.10745  -8.38340  5.81359   1.000 430.71159 ? 211 DC C N1    1 
ATOM 606 C C2    . DC C 3 3  ? 18.74920  -7.50290  6.81358   1.000 437.47211 ? 211 DC C C2    1 
ATOM 607 O O2    . DC C 3 3  ? 19.31904  -6.41516  6.86952   1.000 437.20022 ? 211 DC C O2    1 
ATOM 608 N N3    . DC C 3 3  ? 17.79148  -7.86978  7.68985   1.000 443.28427 ? 211 DC C N3    1 
ATOM 609 C C4    . DC C 3 3  ? 17.20843  -9.05776  7.57995   1.000 443.96122 ? 211 DC C C4    1 
ATOM 610 N N4    . DC C 3 3  ? 16.26614  -9.38377  8.46817   1.000 456.87288 ? 211 DC C N4    1 
ATOM 611 C C5    . DC C 3 3  ? 17.56678  -9.97102  6.55552   1.000 437.23650 ? 211 DC C C5    1 
ATOM 612 C C6    . DC C 3 3  ? 18.50883  -9.59099  5.70214   1.000 430.01327 ? 211 DC C C6    1 
ATOM 613 P P     . DT C 3 4  ? 23.97871  -8.21742  3.14727   1.000 419.26020 ? 212 DT C P     1 
ATOM 614 O OP1   . DT C 3 4  ? 24.77586  -7.45155  2.15831   1.000 413.38304 ? 212 DT C OP1   1 
ATOM 615 O OP2   . DT C 3 4  ? 23.93833  -9.68835  3.01413   1.000 410.11302 ? 212 DT C OP2   1 
ATOM 616 O "O5'" . DT C 3 4  ? 24.41973  -7.78435  4.63241   1.000 427.05752 ? 212 DT C "O5'" 1 
ATOM 617 C "C5'" . DT C 3 4  ? 25.76779  -7.39730  4.90330   1.000 424.90910 ? 212 DT C "C5'" 1 
ATOM 618 C "C4'" . DT C 3 4  ? 25.82857  -6.38357  6.03658   1.000 434.66536 ? 212 DT C "C4'" 1 
ATOM 619 O "O4'" . DT C 3 4  ? 24.50696  -6.18919  6.59715   1.000 442.90321 ? 212 DT C "O4'" 1 
ATOM 620 C "C3'" . DT C 3 4  ? 26.76132  -6.75342  7.18186   1.000 432.58610 ? 212 DT C "C3'" 1 
ATOM 621 O "O3'" . DT C 3 4  ? 27.78810  -5.73741  7.31314   1.000 434.06835 ? 212 DT C "O3'" 1 
ATOM 622 C "C2'" . DT C 3 4  ? 25.84763  -6.89347  8.41251   1.000 439.98937 ? 212 DT C "C2'" 1 
ATOM 623 C "C1'" . DT C 3 4  ? 24.53816  -6.21701  8.00207   1.000 447.12942 ? 212 DT C "C1'" 1 
ATOM 624 N N1    . DT C 3 4  ? 23.34852  -6.97938  8.43934   1.000 450.41792 ? 212 DT C N1    1 
ATOM 625 C C2    . DT C 3 4  ? 22.54313  -6.51012  9.46158   1.000 457.74927 ? 212 DT C C2    1 
ATOM 626 O O2    . DT C 3 4  ? 22.74996  -5.46412  10.05964  1.000 460.90612 ? 212 DT C O2    1 
ATOM 627 N N3    . DT C 3 4  ? 21.46837  -7.33407  9.73824   1.000 460.44615 ? 212 DT C N3    1 
ATOM 628 C C4    . DT C 3 4  ? 21.14992  -8.52363  9.13837   1.000 457.01090 ? 212 DT C C4    1 
ATOM 629 O O4    . DT C 3 4  ? 20.17299  -9.19142  9.44646   1.000 462.93365 ? 212 DT C O4    1 
ATOM 630 C C5    . DT C 3 4  ? 22.02553  -8.93415  8.09706   1.000 448.11397 ? 212 DT C C5    1 
ATOM 631 C C7    . DT C 3 4  ? 21.76078  -10.21505 7.39221   1.000 441.55014 ? 212 DT C C7    1 
ATOM 632 C C6    . DT C 3 4  ? 23.06826  -8.16093  7.79862   1.000 445.09210 ? 212 DT C C6    1 
ATOM 633 P P     . DG C 3 5  ? 28.00592  -4.89255  8.66625   1.000 470.28242 ? 213 DG C P     1 
ATOM 634 O OP1   . DG C 3 5  ? 26.79141  -4.10496  8.97613   1.000 478.62611 ? 213 DG C OP1   1 
ATOM 635 O OP2   . DG C 3 5  ? 29.27718  -4.16033  8.46772   1.000 468.91492 ? 213 DG C OP2   1 
ATOM 636 O "O5'" . DG C 3 5  ? 28.25027  -6.00377  9.78555   1.000 466.52576 ? 213 DG C "O5'" 1 
ATOM 637 C "C5'" . DG C 3 5  ? 28.89355  -5.65978  10.98152  1.000 469.93917 ? 213 DG C "C5'" 1 
ATOM 638 C "C4'" . DG C 3 5  ? 28.10886  -4.60706  11.73409  1.000 479.28349 ? 213 DG C "C4'" 1 
ATOM 639 O "O4'" . DG C 3 5  ? 26.70495  -4.93941  11.73554  1.000 482.37651 ? 213 DG C "O4'" 1 
ATOM 640 C "C3'" . DG C 3 5  ? 28.45807  -4.51904  13.18656  1.000 482.12314 ? 213 DG C "C3'" 1 
ATOM 641 O "O3'" . DG C 3 5  ? 28.06029  -3.29718  13.68736  1.000 489.13094 ? 213 DG C "O3'" 1 
ATOM 642 C "C2'" . DG C 3 5  ? 27.63647  -5.64198  13.78543  1.000 482.87483 ? 213 DG C "C2'" 1 
ATOM 643 C "C1'" . DG C 3 5  ? 26.38719  -5.62378  12.93371  1.000 483.42468 ? 213 DG C "C1'" 1 
ATOM 644 N N9    . DG C 3 5  ? 25.96611  -6.95164  12.57689  1.000 478.84546 ? 213 DG C N9    1 
ATOM 645 C C8    . DG C 3 5  ? 26.46234  -7.72927  11.55973  1.000 470.06389 ? 213 DG C C8    1 
ATOM 646 N N7    . DG C 3 5  ? 25.89693  -8.88849  11.46673  1.000 467.73108 ? 213 DG C N7    1 
ATOM 647 C C5    . DG C 3 5  ? 24.97228  -8.88066  12.49276  1.000 474.84167 ? 213 DG C C5    1 
ATOM 648 C C6    . DG C 3 5  ? 24.07199  -9.87071  12.87868  1.000 476.34852 ? 213 DG C C6    1 
ATOM 649 O O6    . DG C 3 5  ? 23.91194  -10.99281 12.36263  1.000 470.53123 ? 213 DG C O6    1 
ATOM 650 N N1    . DG C 3 5  ? 23.30558  -9.46172  13.98589  1.000 485.21611 ? 213 DG C N1    1 
ATOM 651 C C2    . DG C 3 5  ? 23.41653  -8.23493  14.62176  1.000 490.54297 ? 213 DG C C2    1 
ATOM 652 N N2    . DG C 3 5  ? 22.59714  -8.01475  15.66296  1.000 497.16919 ? 213 DG C N2    1 
ATOM 653 N N3    . DG C 3 5  ? 24.26977  -7.29773  14.25757  1.000 488.98969 ? 213 DG C N3    1 
ATOM 654 C C4    . DG C 3 5  ? 25.00924  -7.69105  13.19003  1.000 481.69157 ? 213 DG C C4    1 
ATOM 655 P P     . DC C 3 6  ? 29.11716  -2.44022  14.52387  1.000 501.20887 ? 214 DC C P     1 
ATOM 656 O OP1   . DC C 3 6  ? 28.85069  -1.03828  14.13483  1.000 504.74919 ? 214 DC C OP1   1 
ATOM 657 O OP2   . DC C 3 6  ? 30.46228  -3.00526  14.22365  1.000 498.60357 ? 214 DC C OP2   1 
ATOM 658 O "O5'" . DC C 3 6  ? 28.70935  -2.72206  16.07244  1.000 509.17838 ? 214 DC C "O5'" 1 
ATOM 659 C "C5'" . DC C 3 6  ? 28.66237  -4.07770  16.57041  1.000 510.41888 ? 214 DC C "C5'" 1 
ATOM 660 C "C4'" . DC C 3 6  ? 27.87434  -4.23181  17.86707  1.000 517.91638 ? 214 DC C "C4'" 1 
ATOM 661 O "O4'" . DC C 3 6  ? 26.67168  -5.03148  17.62295  1.000 515.00769 ? 214 DC C "O4'" 1 
ATOM 662 C "C3'" . DC C 3 6  ? 28.66532  -4.95447  18.94952  1.000 523.51209 ? 214 DC C "C3'" 1 
ATOM 663 O "O3'" . DC C 3 6  ? 29.03137  -4.04143  19.97119  1.000 531.76494 ? 214 DC C "O3'" 1 
ATOM 664 C "C2'" . DC C 3 6  ? 27.73770  -6.07328  19.46384  1.000 524.46740 ? 214 DC C "C2'" 1 
ATOM 665 C "C1'" . DC C 3 6  ? 26.70482  -6.25217  18.35199  1.000 517.37501 ? 214 DC C "C1'" 1 
ATOM 666 N N1    . DC C 3 6  ? 27.00393  -7.36559  17.38309  1.000 508.79155 ? 214 DC C N1    1 
ATOM 667 C C2    . DC C 3 6  ? 26.11744  -8.45434  17.20456  1.000 506.40546 ? 214 DC C C2    1 
ATOM 668 O O2    . DC C 3 6  ? 25.08229  -8.53399  17.86858  1.000 511.61953 ? 214 DC C O2    1 
ATOM 669 N N3    . DC C 3 6  ? 26.44709  -9.40442  16.29372  1.000 498.88824 ? 214 DC C N3    1 
ATOM 670 C C4    . DC C 3 6  ? 27.56514  -9.29222  15.58487  1.000 494.19763 ? 214 DC C C4    1 
ATOM 671 N N4    . DC C 3 6  ? 27.85955  -10.24280 14.69513  1.000 487.50345 ? 214 DC C N4    1 
ATOM 672 C C5    . DC C 3 6  ? 28.45316  -8.20884  15.75675  1.000 496.76641 ? 214 DC C C5    1 
ATOM 673 C C6    . DC C 3 6  ? 28.13708  -7.28954  16.64812  1.000 503.82205 ? 214 DC C C6    1 
ATOM 674 O "O5'" . DT D 4 1  ? -26.11413 17.06100  3.21302   1.000 599.85776 ? 103 DT D "O5'" 1 
ATOM 675 C "C5'" . DT D 4 1  ? -25.53619 17.20869  1.91309   1.000 598.32567 ? 103 DT D "C5'" 1 
ATOM 676 C "C4'" . DT D 4 1  ? -25.81242 15.98295  1.05421   1.000 598.05426 ? 103 DT D "C4'" 1 
ATOM 677 O "O4'" . DT D 4 1  ? -25.79123 16.33798  -0.36039  1.000 594.65947 ? 103 DT D "O4'" 1 
ATOM 678 C "C3'" . DT D 4 1  ? -24.79301 14.84474  1.18491   1.000 602.49821 ? 103 DT D "C3'" 1 
ATOM 679 O "O3'" . DT D 4 1  ? -25.44160 13.62405  0.96391   1.000 602.71504 ? 103 DT D "O3'" 1 
ATOM 680 C "C2'" . DT D 4 1  ? -23.87002 15.13707  0.02869   1.000 601.61089 ? 103 DT D "C2'" 1 
ATOM 681 C "C1'" . DT D 4 1  ? -24.93046 15.42602  -1.01160  1.000 596.65009 ? 103 DT D "C1'" 1 
ATOM 682 N N1    . DT D 4 1  ? -24.40009 16.01313  -2.28532  1.000 594.30531 ? 103 DT D N1    1 
ATOM 683 C C2    . DT D 4 1  ? -25.05824 15.77886  -3.48122  1.000 590.75998 ? 103 DT D C2    1 
ATOM 684 O O2    . DT D 4 1  ? -26.08909 15.13419  -3.56693  1.000 589.28208 ? 103 DT D O2    1 
ATOM 685 N N3    . DT D 4 1  ? -24.46685 16.36555  -4.57811  1.000 589.01190 ? 103 DT D N3    1 
ATOM 686 C C4    . DT D 4 1  ? -23.31121 17.10171  -4.61559  1.000 590.51315 ? 103 DT D C4    1 
ATOM 687 O O4    . DT D 4 1  ? -22.85885 17.57219  -5.65719  1.000 588.86521 ? 103 DT D O4    1 
ATOM 688 C C5    . DT D 4 1  ? -22.67003 17.29270  -3.33817  1.000 594.23007 ? 103 DT D C5    1 
ATOM 689 C C7    . DT D 4 1  ? -21.40895 18.08910  -3.24652  1.000 596.20844 ? 103 DT D C7    1 
ATOM 690 C C6    . DT D 4 1  ? -23.23324 16.73969  -2.25108  1.000 595.90774 ? 103 DT D C6    1 
ATOM 691 P P     . DG D 4 2  ? -26.01477 12.79310  2.19794   1.000 605.68669 ? 104 DG D P     1 
ATOM 692 O OP1   . DG D 4 2  ? -26.65771 13.76903  3.11092   1.000 604.47694 ? 104 DG D OP1   1 
ATOM 693 O OP2   . DG D 4 2  ? -24.92538 11.90914  2.67812   1.000 610.77353 ? 104 DG D OP2   1 
ATOM 694 O "O5'" . DG D 4 2  ? -27.16145 11.88865  1.55140   1.000 603.45909 ? 104 DG D "O5'" 1 
ATOM 695 C "C5'" . DG D 4 2  ? -27.29447 10.51762  1.92589   1.000 606.63653 ? 104 DG D "C5'" 1 
ATOM 696 C "C4'" . DG D 4 2  ? -26.74907 9.63052   0.83210   1.000 606.88522 ? 104 DG D "C4'" 1 
ATOM 697 O "O4'" . DG D 4 2  ? -26.35248 10.48100  -0.25608  1.000 603.58161 ? 104 DG D "O4'" 1 
ATOM 698 C "C3'" . DG D 4 2  ? -25.49984 8.84238   1.21879   1.000 611.89823 ? 104 DG D "C3'" 1 
ATOM 699 O "O3'" . DG D 4 2  ? -25.81419 7.44953   1.66205   1.000 615.02468 ? 104 DG D "O3'" 1 
ATOM 700 C "C2'" . DG D 4 2  ? -24.61268 8.88241   -0.02403  1.000 610.62182 ? 104 DG D "C2'" 1 
ATOM 701 C "C1'" . DG D 4 2  ? -25.28423 9.90119   -0.94193  1.000 605.21662 ? 104 DG D "C1'" 1 
ATOM 702 N N9    . DG D 4 2  ? -24.37710 10.94328  -1.32405  1.000 604.41874 ? 104 DG D N9    1 
ATOM 703 C C8    . DG D 4 2  ? -23.54832 11.66195  -0.50193  1.000 606.86210 ? 104 DG D C8    1 
ATOM 704 N N7    . DG D 4 2  ? -22.81067 12.51670  -1.14066  1.000 605.57019 ? 104 DG D N7    1 
ATOM 705 C C5    . DG D 4 2  ? -23.18404 12.35087  -2.46634  1.000 602.03408 ? 104 DG D C5    1 
ATOM 706 C C6    . DG D 4 2  ? -22.72799 13.01134  -3.62650  1.000 599.39907 ? 104 DG D C6    1 
ATOM 707 O O6    . DG D 4 2  ? -21.87334 13.90932  -3.71206  1.000 599.75287 ? 104 DG D O6    1 
ATOM 708 N N1    . DG D 4 2  ? -23.36641 12.52835  -4.77459  1.000 596.17370 ? 104 DG D N1    1 
ATOM 709 C C2    . DG D 4 2  ? -24.33044 11.53648  -4.78545  1.000 595.58548 ? 104 DG D C2    1 
ATOM 710 N N2    . DG D 4 2  ? -24.82766 11.19523  -5.98426  1.000 592.31201 ? 104 DG D N2    1 
ATOM 711 N N3    . DG D 4 2  ? -24.75443 10.90897  -3.69976  1.000 598.16829 ? 104 DG D N3    1 
ATOM 712 C C4    . DG D 4 2  ? -24.14991 11.38044  -2.58515  1.000 601.25578 ? 104 DG D C4    1 
ATOM 713 P P     . DA D 4 3  ? -26.63657 6.37030   0.76685   1.000 613.20870 ? 105 DA D P     1 
ATOM 714 O OP1   . DA D 4 3  ? -28.05149 6.80324   0.69523   1.000 609.32903 ? 105 DA D OP1   1 
ATOM 715 O OP2   . DA D 4 3  ? -26.36852 5.04125   1.39169   1.000 617.96740 ? 105 DA D OP2   1 
ATOM 716 O "O5'" . DA D 4 3  ? -25.94503 6.40064   -0.70716  1.000 610.78900 ? 105 DA D "O5'" 1 
ATOM 717 C "C5'" . DA D 4 3  ? -26.73338 6.70875   -1.91423  1.000 605.61102 ? 105 DA D "C5'" 1 
ATOM 718 C "C4'" . DA D 4 3  ? -25.92090 6.53155   -3.20652  1.000 604.28521 ? 105 DA D "C4'" 1 
ATOM 719 O "O4'" . DA D 4 3  ? -25.25250 7.76585   -3.55004  1.000 602.62652 ? 105 DA D "O4'" 1 
ATOM 720 C "C3'" . DA D 4 3  ? -24.81617 5.46127   -3.15345  1.000 608.43195 ? 105 DA D "C3'" 1 
ATOM 721 O "O3'" . DA D 4 3  ? -25.22378 4.18199   -3.77345  1.000 608.29575 ? 105 DA D "O3'" 1 
ATOM 722 C "C2'" . DA D 4 3  ? -23.62817 6.08346   -3.87723  1.000 607.77618 ? 105 DA D "C2'" 1 
ATOM 723 C "C1'" . DA D 4 3  ? -24.11160 7.45142   -4.31059  1.000 603.50317 ? 105 DA D "C1'" 1 
ATOM 724 N N9    . DA D 4 3  ? -23.12092 8.44148   -4.04960  1.000 604.50698 ? 105 DA D N9    1 
ATOM 725 C C8    . DA D 4 3  ? -22.62093 8.80198   -2.83494  1.000 607.91040 ? 105 DA D C8    1 
ATOM 726 N N7    . DA D 4 3  ? -21.71175 9.73371   -2.90336  1.000 608.09213 ? 105 DA D N7    1 
ATOM 727 C C5    . DA D 4 3  ? -21.60821 9.98094   -4.26070  1.000 604.64632 ? 105 DA D C5    1 
ATOM 728 C C6    . DA D 4 3  ? -20.81196 10.85973  -5.00205  1.000 603.21107 ? 105 DA D C6    1 
ATOM 729 N N6    . DA D 4 3  ? -19.92877 11.69170  -4.44056  1.000 605.18273 ? 105 DA D N6    1 
ATOM 730 N N1    . DA D 4 3  ? -20.94794 10.83827  -6.34796  1.000 599.76960 ? 105 DA D N1    1 
ATOM 731 C C2    . DA D 4 3  ? -21.83372 10.00268  -6.89863  1.000 597.82325 ? 105 DA D C2    1 
ATOM 732 N N3    . DA D 4 3  ? -22.63021 9.12843   -6.30138  1.000 598.92592 ? 105 DA D N3    1 
ATOM 733 C C4    . DA D 4 3  ? -22.46096 9.17063   -4.97383  1.000 602.42665 ? 105 DA D C4    1 
ATOM 734 P P     . DC D 4 4  ? -25.46894 4.01032   -5.36532  1.000 603.97378 ? 106 DC D P     1 
ATOM 735 O OP1   . DC D 4 4  ? -26.42383 5.05405   -5.84475  1.000 599.16130 ? 106 DC D OP1   1 
ATOM 736 O OP2   . DC D 4 4  ? -25.78656 2.55673   -5.49532  1.000 605.57185 ? 106 DC D OP2   1 
ATOM 737 O "O5'" . DC D 4 4  ? -24.04632 4.28622   -6.09752  1.000 604.20872 ? 106 DC D "O5'" 1 
ATOM 738 C "C5'" . DC D 4 4  ? -24.04188 4.50867   -7.53818  1.000 600.09996 ? 106 DC D "C5'" 1 
ATOM 739 C "C4'" . DC D 4 4  ? -22.66906 4.85070   -8.13379  1.000 600.48667 ? 106 DC D "C4'" 1 
ATOM 740 O "O4'" . DC D 4 4  ? -22.26662 6.20288   -7.79937  1.000 600.08497 ? 106 DC D "O4'" 1 
ATOM 741 C "C3'" . DC D 4 4  ? -21.47956 4.00410   -7.70164  1.000 604.95649 ? 106 DC D "C3'" 1 
ATOM 742 O "O3'" . DC D 4 4  ? -21.48174 2.65554   -8.32554  1.000 605.29845 ? 106 DC D "O3'" 1 
ATOM 743 C "C2'" . DC D 4 4  ? -20.32139 4.87384   -8.18278  1.000 604.40446 ? 106 DC D "C2'" 1 
ATOM 744 C "C1'" . DC D 4 4  ? -20.86630 6.30285   -8.03095  1.000 601.86855 ? 106 DC D "C1'" 1 
ATOM 745 N N1    . DC D 4 4  ? -20.24637 7.03713   -6.92349  1.000 604.80458 ? 106 DC D N1    1 
ATOM 746 C C2    . DC D 4 4  ? -19.42535 8.11892   -7.20743  1.000 604.12089 ? 106 DC D C2    1 
ATOM 747 O O2    . DC D 4 4  ? -19.26786 8.44907   -8.38871  1.000 601.01646 ? 106 DC D O2    1 
ATOM 748 N N3    . DC D 4 4  ? -18.86186 8.79410   -6.18255  1.000 606.85024 ? 106 DC D N3    1 
ATOM 749 C C4    . DC D 4 4  ? -19.06630 8.39899   -4.92375  1.000 610.16182 ? 106 DC D C4    1 
ATOM 750 N N4    . DC D 4 4  ? -18.48894 9.10090   -3.94160  1.000 612.74031 ? 106 DC D N4    1 
ATOM 751 C C5    . DC D 4 4  ? -19.89772 7.28509   -4.61518  1.000 610.98583 ? 106 DC D C5    1 
ATOM 752 C C6    . DC D 4 4  ? -20.45797 6.63688   -5.63755  1.000 608.28433 ? 106 DC D C6    1 
ATOM 753 P P     . DT D 4 5  ? -20.65477 2.28725   -9.67282  1.000 603.53874 ? 107 DT D P     1 
ATOM 754 O OP1   . DT D 4 5  ? -20.97132 3.28419   -10.72647 1.000 598.79243 ? 107 DT D OP1   1 
ATOM 755 O OP2   . DT D 4 5  ? -20.94212 0.84935   -9.87394  1.000 604.63917 ? 107 DT D OP2   1 
ATOM 756 O "O5'" . DT D 4 5  ? -19.08645 2.35068   -9.30089  1.000 606.88327 ? 107 DT D "O5'" 1 
ATOM 757 C "C5'" . DT D 4 5  ? -18.08580 1.94189   -10.27355 1.000 606.25791 ? 107 DT D "C5'" 1 
ATOM 758 C "C4'" . DT D 4 5  ? -17.81315 3.03619   -11.31650 1.000 602.43042 ? 107 DT D "C4'" 1 
ATOM 759 O "O4'" . DT D 4 5  ? -17.90457 4.34852   -10.68827 1.000 602.36635 ? 107 DT D "O4'" 1 
ATOM 760 C "C3'" . DT D 4 5  ? -16.41264 3.00960   -11.90785 1.000 602.86436 ? 107 DT D "C3'" 1 
ATOM 761 O "O3'" . DT D 4 5  ? -16.34165 3.78077   -13.14346 1.000 598.76187 ? 107 DT D "O3'" 1 
ATOM 762 C "C2'" . DT D 4 5  ? -15.65596 3.69199   -10.79441 1.000 606.14397 ? 107 DT D "C2'" 1 
ATOM 763 C "C1'" . DT D 4 5  ? -16.59684 4.83801   -10.43424 1.000 604.45060 ? 107 DT D "C1'" 1 
ATOM 764 N N1    . DT D 4 5  ? -16.49854 5.26561   -8.98351  1.000 607.95794 ? 107 DT D N1    1 
ATOM 765 C C2    . DT D 4 5  ? -15.88822 6.46142   -8.65391  1.000 608.40063 ? 107 DT D C2    1 
ATOM 766 O O2    . DT D 4 5  ? -15.41468 7.21812   -9.47924  1.000 606.16783 ? 107 DT D O2    1 
ATOM 767 N N3    . DT D 4 5  ? -15.86811 6.73402   -7.29956  1.000 611.67016 ? 107 DT D N3    1 
ATOM 768 C C4    . DT D 4 5  ? -16.36821 5.95782   -6.28010  1.000 614.48183 ? 107 DT D C4    1 
ATOM 769 O O4    . DT D 4 5  ? -16.29847 6.29047   -5.09707  1.000 617.29737 ? 107 DT D O4    1 
ATOM 770 C C5    . DT D 4 5  ? -16.98636 4.72557   -6.69780  1.000 613.95280 ? 107 DT D C5    1 
ATOM 771 C C7    . DT D 4 5  ? -17.57494 3.79720   -5.67942  1.000 617.00234 ? 107 DT D C7    1 
ATOM 772 C C6    . DT D 4 5  ? -17.01275 4.44104   -8.00799  1.000 610.77073 ? 107 DT D C6    1 
ATOM 773 P P     . DG D 4 6  ? -15.18530 3.49291   -14.23759 1.000 597.71451 ? 108 DG D P     1 
ATOM 774 O OP1   . DG D 4 6  ? -15.82983 3.22453   -15.53993 1.000 593.60602 ? 108 DG D OP1   1 
ATOM 775 O OP2   . DG D 4 6  ? -14.26418 2.47775   -13.68776 1.000 601.43569 ? 108 DG D OP2   1 
ATOM 776 O "O5'" . DG D 4 6  ? -14.37390 4.87601   -14.34375 1.000 597.16800 ? 108 DG D "O5'" 1 
ATOM 777 C "C5'" . DG D 4 6  ? -13.89204 5.50572   -13.15397 1.000 600.41150 ? 108 DG D "C5'" 1 
ATOM 778 C "C4'" . DG D 4 6  ? -12.72014 6.45771   -13.41322 1.000 600.49647 ? 108 DG D "C4'" 1 
ATOM 779 O "O4'" . DG D 4 6  ? -12.18349 6.87110   -12.13834 1.000 604.24321 ? 108 DG D "O4'" 1 
ATOM 780 C "C3'" . DG D 4 6  ? -11.50113 5.84576   -14.06027 1.000 600.85428 ? 108 DG D "C3'" 1 
ATOM 781 O "O3'" . DG D 4 6  ? -10.51442 6.91384   -14.31110 1.000 600.66304 ? 108 DG D "O3'" 1 
ATOM 782 C "C2'" . DG D 4 6  ? -11.06014 4.94075   -12.91140 1.000 605.14911 ? 108 DG D "C2'" 1 
ATOM 783 C "C1'" . DG D 4 6  ? -11.27696 5.86813   -11.69816 1.000 607.38143 ? 108 DG D "C1'" 1 
ATOM 784 N N9    . DG D 4 6  ? -11.87571 5.23811   -10.51163 1.000 610.32228 ? 108 DG D N9    1 
ATOM 785 C C8    . DG D 4 6  ? -12.67895 4.12901   -10.45546 1.000 610.49508 ? 108 DG D C8    1 
ATOM 786 N N7    . DG D 4 6  ? -13.10397 3.84444   -9.24672  1.000 613.50515 ? 108 DG D N7    1 
ATOM 787 C C5    . DG D 4 6  ? -12.55476 4.83406   -8.46003  1.000 615.32878 ? 108 DG D C5    1 
ATOM 788 C C6    . DG D 4 6  ? -12.64909 5.05142   -7.06707  1.000 618.72558 ? 108 DG D C6    1 
ATOM 789 O O6    . DG D 4 6  ? -13.27162 4.38922   -6.21844  1.000 620.88890 ? 108 DG D O6    1 
ATOM 790 N N1    . DG D 4 6  ? -11.92186 6.17870   -6.68052  1.000 619.60606 ? 108 DG D N1    1 
ATOM 791 C C2    . DG D 4 6  ? -11.20072 6.98206   -7.53742  1.000 617.56061 ? 108 DG D C2    1 
ATOM 792 N N2    . DG D 4 6  ? -10.56065 8.02580   -6.99005  1.000 618.97476 ? 108 DG D N2    1 
ATOM 793 N N3    . DG D 4 6  ? -11.10310 6.78202   -8.83671  1.000 614.42941 ? 108 DG D N3    1 
ATOM 794 C C4    . DG D 4 6  ? -11.80052 5.70158   -9.22816  1.000 613.42725 ? 108 DG D C4    1 
ATOM 795 P P     . DT D 4 7  ? -9.54222  6.93123   -15.60683 1.000 598.43140 ? 109 DT D P     1 
ATOM 796 O OP1   . DT D 4 7  ? -9.41042  8.33385   -16.08444 1.000 596.57026 ? 109 DT D OP1   1 
ATOM 797 O OP2   . DT D 4 7  ? -9.93768  5.85302   -16.54479 1.000 596.14599 ? 109 DT D OP2   1 
ATOM 798 O "O5'" . DT D 4 7  ? -8.12363  6.52969   -15.00274 1.000 601.86727 ? 109 DT D "O5'" 1 
ATOM 799 C "C5'" . DT D 4 7  ? -7.97648  5.29307   -14.33329 1.000 604.48588 ? 109 DT D "C5'" 1 
ATOM 800 C "C4'" . DT D 4 7  ? -7.16903  5.46027   -13.06510 1.000 608.53103 ? 109 DT D "C4'" 1 
ATOM 801 O "O4'" . DT D 4 7  ? -8.03077  5.83131   -11.95570 1.000 610.39110 ? 109 DT D "O4'" 1 
ATOM 802 C "C3'" . DT D 4 7  ? -6.49202  4.20559   -12.57894 1.000 611.11457 ? 109 DT D "C3'" 1 
ATOM 803 O "O3'" . DT D 4 7  ? -5.33822  3.96118   -13.30961 1.000 610.23878 ? 109 DT D "O3'" 1 
ATOM 804 C "C2'" . DT D 4 7  ? -6.18930  4.59390   -11.14110 1.000 614.93114 ? 109 DT D "C2'" 1 
ATOM 805 C "C1'" . DT D 4 7  ? -7.49009  5.29639   -10.74992 1.000 614.42375 ? 109 DT D "C1'" 1 
ATOM 806 N N1    . DT D 4 7  ? -8.50879  4.37075   -10.12106 1.000 615.72901 ? 109 DT D N1    1 
ATOM 807 C C2    . DT D 4 7  ? -8.81077  4.49782   -8.78805  1.000 618.89503 ? 109 DT D C2    1 
ATOM 808 O O2    . DT D 4 7  ? -8.30327  5.34021   -8.06704  1.000 620.70621 ? 109 DT D O2    1 
ATOM 809 N N3    . DT D 4 7  ? -9.75819  3.59405   -8.33481  1.000 619.88430 ? 109 DT D N3    1 
ATOM 810 C C4    . DT D 4 7  ? -10.39076 2.59877   -9.04228  1.000 618.20710 ? 109 DT D C4    1 
ATOM 811 O O4    . DT D 4 7  ? -11.22824 1.84450   -8.53206  1.000 619.45828 ? 109 DT D O4    1 
ATOM 812 C C5    . DT D 4 7  ? -10.02292 2.52175   -10.43172 1.000 614.87999 ? 109 DT D C5    1 
ATOM 813 C C7    . DT D 4 7  ? -10.64911 1.48735   -11.32316 1.000 612.77383 ? 109 DT D C7    1 
ATOM 814 C C6    . DT D 4 7  ? -9.10559  3.38909   -10.89054 1.000 613.82494 ? 109 DT D C6    1 
# 
loop_
_atom_site_anisotrop.id 
_atom_site_anisotrop.type_symbol 
_atom_site_anisotrop.pdbx_label_atom_id 
_atom_site_anisotrop.pdbx_label_alt_id 
_atom_site_anisotrop.pdbx_label_comp_id 
_atom_site_anisotrop.pdbx_label_asym_id 
_atom_site_anisotrop.pdbx_label_seq_id 
_atom_site_anisotrop.pdbx_PDB_ins_code 
_atom_site_anisotrop.U[1][1] 
_atom_site_anisotrop.U[2][2] 
_atom_site_anisotrop.U[3][3] 
_atom_site_anisotrop.U[1][2] 
_atom_site_anisotrop.U[1][3] 
_atom_site_anisotrop.U[2][3] 
_atom_site_anisotrop.pdbx_auth_seq_id 
_atom_site_anisotrop.pdbx_auth_comp_id 
_atom_site_anisotrop.pdbx_auth_asym_id 
_atom_site_anisotrop.pdbx_auth_atom_id 
1   O "O5'" . DG A 1  ? 8.41681 8.57645  3.34685  0.78360  -2.16861 -0.85733 105 DG A "O5'" 
2   C "C5'" . DG A 1  ? 8.36700 8.64526  3.35174  0.83812  -2.16394 -0.83316 105 DG A "C5'" 
3   C "C4'" . DG A 1  ? 8.39063 8.84709  3.32349  0.61190  -2.13935 -0.87814 105 DG A "C4'" 
4   O "O4'" . DG A 1  ? 8.36055 8.92753  3.33798  0.68210  -2.14329 -0.84236 105 DG A "O4'" 
5   C "C3'" . DG A 1  ? 8.26670 8.76053  3.27393  0.46624  -2.07038 -1.00289 105 DG A "C3'" 
6   O "O3'" . DG A 1  ? 8.39081 8.96606  3.27041  0.22737  -2.05902 -1.05163 105 DG A "O3'" 
7   C "C2'" . DG A 1  ? 8.12954 8.68997  3.28622  0.63071  -2.05151 -1.02617 105 DG A "C2'" 
8   C "C1'" . DG A 1  ? 8.22138 8.87797  3.30051  0.61259  -2.08440 -0.93721 105 DG A "C1'" 
9   N N9    . DG A 1  ? 8.12391 8.86459  3.31799  0.77829  -2.07971 -0.91248 105 DG A N9    
10  C C8    . DG A 1  ? 8.08045 8.76435  3.34364  0.99951  -2.10208 -0.83009 105 DG A C8    
11  N N7    . DG A 1  ? 7.98851 8.78235  3.34998  1.08902  -2.08463 -0.82453 105 DG A N7    
12  C C5    . DG A 1  ? 7.98867 8.92966  3.34226  0.94235  -2.05553 -0.91632 105 DG A C5    
13  C C6    . DG A 1  ? 7.91395 9.03143  3.35474  0.96742  -2.02640 -0.96203 105 DG A C6    
14  O O6    . DG A 1  ? 7.82528 9.00943  3.36973  1.12644  -2.02162 -0.92349 105 DG A O6    
15  N N1    . DG A 1  ? 7.95100 9.17035  3.35523  0.78481  -1.99442 -1.07144 105 DG A N1    
16  C C2    . DG A 1  ? 8.05936 9.19665  3.34543  0.59619  -1.99104 -1.12781 105 DG A C2    
17  N N2    . DG A 1  ? 8.09497 9.32463  3.36494  0.44447  -1.95085 -1.24467 105 DG A N2    
18  N N3    . DG A 1  ? 8.12822 9.10434  3.32647  0.56356  -2.01971 -1.07909 105 DG A N3    
19  C C4    . DG A 1  ? 8.08092 8.97777  3.32595  0.74776  -2.05129 -0.97364 105 DG A C4    
20  P P     . DC A 2  ? 8.47372 8.98968  3.25791  0.00165  -2.02807 -1.14501 106 DC A P     
21  O OP1   . DC A 2  ? 8.68047 9.21106  3.25996  -0.18696 -2.06528 -1.08971 106 DC A OP1   
22  O OP2   . DC A 2  ? 8.37570 8.79437  3.24881  0.10649  -2.01968 -1.15380 106 DC A OP2   
23  O "O5'" . DC A 2  ? 8.44379 8.97426  3.28036  -0.07780 -1.97102 -1.29683 106 DC A "O5'" 
24  C "C5'" . DC A 2  ? 8.25193 8.79951  3.29532  0.05953  -1.92663 -1.38861 106 DC A "C5'" 
25  C "C4'" . DC A 2  ? 8.21690 8.86348  3.34000  0.01748  -1.87771 -1.51466 106 DC A "C4'" 
26  O "O4'" . DC A 2  ? 8.06155 8.85213  3.34480  0.21250  -1.87712 -1.49050 106 DC A "O4'" 
27  C "C3'" . DC A 2  ? 8.11944 8.75160  3.38634  -0.01760 -1.81259 -1.67473 106 DC A "C3'" 
28  O "O3'" . DC A 2  ? 8.08501 8.87153  3.45104  -0.05103 -1.76353 -1.78879 106 DC A "O3'" 
29  C "C2'" . DC A 2  ? 7.91674 8.57956  3.37284  0.20897  -1.81889 -1.64804 106 DC A "C2'" 
30  C "C1'" . DC A 2  ? 7.87534 8.67745  3.36176  0.34008  -1.84357 -1.56814 106 DC A "C1'" 
31  N N1    . DC A 2  ? 7.80055 8.55424  3.33307  0.54990  -1.88798 -1.45170 106 DC A N1    
32  C C2    . DC A 2  ? 7.75605 8.61528  3.33149  0.68450  -1.90625 -1.37850 106 DC A C2    
33  O O2    . DC A 2  ? 7.76711 8.78239  3.35045  0.61841  -1.88292 -1.42144 106 DC A O2    
34  N N3    . DC A 2  ? 7.70663 8.48689  3.31862  0.88390  -1.94381 -1.26899 106 DC A N3    
35  C C4    . DC A 2  ? 7.70525 8.30976  3.30757  0.95051  -1.96493 -1.23286 106 DC A C4    
36  N N4    . DC A 2  ? 7.67192 8.18306  3.30744  1.14508  -1.99504 -1.13329 106 DC A N4    
37  C C5    . DC A 2  ? 7.74435 8.25400  3.30345  0.81693  -1.95091 -1.30271 106 DC A C5    
38  C C6    . DC A 2  ? 7.79036 8.38039  3.31589  0.61557  -1.91124 -1.41028 106 DC A C6    
39  P P     . DA A 3  ? 8.04312 8.86424  3.55479  -0.16605 -1.67997 -1.98723 107 DA A P     
40  O OP1   . DA A 3  ? 8.21526 9.04512  3.61597  -0.31543 -1.66962 -2.04018 107 DA A OP1   
41  O OP2   . DA A 3  ? 8.01250 8.66090  3.54302  -0.17098 -1.67805 -2.00278 107 DA A OP2   
42  O "O5'" . DA A 3  ? 7.78475 8.88680  3.61492  -0.04438 -1.61398 -2.09096 107 DA A "O5'" 
43  C "C5'" . DA A 3  ? 7.73260 9.09779  3.66537  -0.05550 -1.57100 -2.14359 107 DA A "C5'" 
44  C "C4'" . DA A 3  ? 7.54840 9.16651  3.80315  0.06367  -1.50786 -2.24272 107 DA A "C4'" 
45  O "O4'" . DA A 3  ? 7.40091 8.96728  3.64204  0.28129  -1.57831 -2.11145 107 DA A "O4'" 
46  C "C3'" . DA A 3  ? 7.57658 9.23134  4.09088  0.02656  -1.43084 -2.40583 107 DA A "C3'" 
47  O "O3'" . DA A 3  ? 7.49775 9.46845  4.34383  0.06191  -1.34387 -2.53958 107 DA A "O3'" 
48  C "C2'" . DA A 3  ? 7.42822 8.86363  3.87753  0.18615  -1.50924 -2.30154 107 DA A "C2'" 
49  C "C1'" . DA A 3  ? 7.29385 8.78906  3.68332  0.37188  -1.57374 -2.15785 107 DA A "C1'" 
50  N N9    . DA A 3  ? 7.31667 8.59566  3.55237  0.50950  -1.66242 -1.99202 107 DA A N9    
51  C C8    . DA A 3  ? 7.44598 8.48246  3.50652  0.45698  -1.70426 -1.92054 107 DA A C8    
52  N N7    . DA A 3  ? 7.44385 8.36548  3.44339  0.62145  -1.76980 -1.77689 107 DA A N7    
53  C C5    . DA A 3  ? 7.32275 8.39658  3.44520  0.78798  -1.77390 -1.74881 107 DA A C5    
54  C C6    . DA A 3  ? 7.26844 8.30835  3.41005  1.00408  -1.82114 -1.62264 107 DA A C6    
55  N N6    . DA A 3  ? 7.32839 8.16796  3.37282  1.09358  -1.87213 -1.50243 107 DA A N6    
56  N N1    . DA A 3  ? 7.14641 8.37082  3.42621  1.12487  -1.80554 -1.63191 107 DA A N1    
57  C C2    . DA A 3  ? 7.07474 8.52324  3.47553  1.03267  -1.74596 -1.76338 107 DA A C2    
58  N N3    . DA A 3  ? 7.10945 8.62078  3.52452  0.83089  -1.69113 -1.89717 107 DA A N3    
59  C C4    . DA A 3  ? 7.24219 8.54249  3.50491  0.71777  -1.71035 -1.87883 107 DA A C4    
60  P P     . DG A 4  ? 7.28466 9.40374  4.50095  -0.04501 -1.21807 -2.75721 108 DG A P     
61  O OP1   . DG A 4  ? 7.34986 9.76354  4.75526  -0.22251 -1.09425 -2.89254 108 DG A OP1   
62  O OP2   . DG A 4  ? 7.32724 9.17232  4.46014  -0.10471 -1.23856 -2.75837 108 DG A OP2   
63  O "O5'" . DG A 4  ? 7.07040 9.30867  4.53015  0.16067  -1.22728 -2.78241 108 DG A "O5'" 
64  C "C5'" . DG A 4  ? 7.00343 9.44727  4.51396  0.29281  -1.24177 -2.74013 108 DG A "C5'" 
65  C "C4'" . DG A 4  ? 6.79553 9.13486  4.27590  0.55595  -1.34278 -2.61986 108 DG A "C4'" 
66  O "O4'" . DG A 4  ? 6.80260 8.82467  3.94567  0.62663  -1.45453 -2.42776 108 DG A "O4'" 
67  C "C3'" . DG A 4  ? 6.63922 8.96792  4.38251  0.63194  -1.32690 -2.72210 108 DG A "C3'" 
68  O "O3'" . DG A 4  ? 6.39937 8.83540  4.25039  0.85894  -1.37288 -2.67300 108 DG A "O3'" 
69  C "C2'" . DG A 4  ? 6.65113 8.62729  4.14972  0.66308  -1.41453 -2.60488 108 DG A "C2'" 
70  C "C1'" . DG A 4  ? 6.63727 8.50997  3.83793  0.77633  -1.50539 -2.39774 108 DG A "C1'" 
71  N N9    . DG A 4  ? 6.79182 8.35115  3.71724  0.80464  -1.58892 -2.24441 108 DG A N9    
72  C C8    . DG A 4  ? 6.94992 8.31488  3.70693  0.64071  -1.58894 -2.24299 108 DG A C8    
73  N N7    . DG A 4  ? 7.05826 8.18688  3.61210  0.71804  -1.66739 -2.08951 108 DG A N7    
74  C C5    . DG A 4  ? 6.96716 8.12390  3.56874  0.94903  -1.71711 -1.98648 108 DG A C5    
75  C C6    . DG A 4  ? 7.00902 7.98345  3.49510  1.11852  -1.79078 -1.81842 108 DG A C6    
76  O O6    . DG A 4  ? 7.12828 7.89333  3.45063  1.09972  -1.82949 -1.72690 108 DG A O6    
77  N N1    . DG A 4  ? 6.89065 7.95815  3.48842  1.32383  -1.80887 -1.76411 108 DG A N1    
78  C C2    . DG A 4  ? 6.74321 8.06332  3.53679  1.36399  -1.76802 -1.85725 108 DG A C2    
79  N N2    . DG A 4  ? 6.64601 8.02154  3.52109  1.56866  -1.79114 -1.78228 108 DG A N2    
80  N N3    . DG A 4  ? 6.68979 8.20390  3.60875  1.20812  -1.69870 -2.01974 108 DG A N3    
81  C C4    . DG A 4  ? 6.81024 8.22251  3.62505  1.00438  -1.67398 -2.07644 108 DG A C4    
82  P P     . DC A 5  ? 6.36323 8.83159  4.50270  0.99806  -1.37958 -2.75751 109 DC A P     
83  O OP1   . DC A 5  ? 6.28115 9.03424  4.82630  0.84842  -1.23872 -2.99698 109 DC A OP1   
84  O OP2   . DC A 5  ? 6.42243 8.58058  4.43104  1.04379  -1.45319 -2.68699 109 DC A OP2   
85  O "O5'" . DC A 5  ? 6.06878 8.59812  4.16757  1.26455  -1.46218 -2.61503 109 DC A "O5'" 
86  C "C5'" . DC A 5  ? 5.77340 8.32688  4.05912  1.45141  -1.50412 -2.62581 109 DC A "C5'" 
87  C "C4'" . DC A 5  ? 5.87552 8.14545  3.91292  1.65973  -1.62677 -2.40148 109 DC A "C4'" 
88  O "O4'" . DC A 5  ? 6.09476 8.09601  3.81894  1.56953  -1.65715 -2.28569 109 DC A "O4'" 
89  C "C3'" . DC A 5  ? 5.79792 7.94260  3.95767  1.77459  -1.68126 -2.41559 109 DC A "C3'" 
90  O "O3'" . DC A 5  ? 5.76923 7.85046  3.87786  2.01617  -1.75924 -2.25063 109 DC A "O3'" 
91  C "C2'" . DC A 5  ? 5.97201 7.80904  3.91338  1.67763  -1.70935 -2.36134 109 DC A "C2'" 
92  C "C1'" . DC A 5  ? 6.14460 7.87671  3.78277  1.66501  -1.72748 -2.19932 109 DC A "C1'" 
93  N N1    . DC A 5  ? 6.32386 7.82099  3.74421  1.51751  -1.73481 -2.16459 109 DC A N1    
94  C C2    . DC A 5  ? 6.45152 7.66882  3.64986  1.60895  -1.80493 -1.99166 109 DC A C2    
95  O O2    . DC A 5  ? 6.41970 7.58516  3.60632  1.80354  -1.84867 -1.87051 109 DC A O2    
96  N N3    . DC A 5  ? 6.60312 7.62111  3.62188  1.47175  -1.81122 -1.96826 109 DC A N3    
97  C C4    . DC A 5  ? 6.63926 7.71164  3.67891  1.25368  -1.75188 -2.10082 109 DC A C4    
98  N N4    . DC A 5  ? 6.79301 7.66609  3.64585  1.12220  -1.75990 -2.06680 109 DC A N4    
99  C C5    . DC A 5  ? 6.53103 7.87453  3.80572  1.15112  -1.66917 -2.28136 109 DC A C5    
100 C C6    . DC A 5  ? 6.35211 7.90732  3.82125  1.28850  -1.66292 -2.31192 109 DC A C6    
101 P P     . DC A 6  ? 5.80261 7.78784  4.04641  2.17069  -1.83043 -2.23056 110 DC A P     
102 O OP1   . DC A 6  ? 5.55938 7.79303  4.28502  2.14167  -1.72830 -2.32804 110 DC A OP1   
103 O OP2   . DC A 6  ? 5.92357 7.62956  4.04052  2.09010  -1.85854 -2.22315 110 DC A OP2   
104 O "O5'" . DC A 6  ? 5.84153 7.69731  3.93937  2.39378  -1.87983 -1.99669 110 DC A "O5'" 
105 C "C5'" . DC A 6  ? 6.03164 7.63054  3.82768  2.39977  -1.88557 -1.83359 110 DC A "C5'" 
106 C "C4'" . DC A 6  ? 6.10800 7.40648  3.79689  2.48734  -1.93161 -1.71786 110 DC A "C4'" 
107 O "O4'" . DC A 6  ? 6.28472 7.35136  3.74526  2.36781  -1.94116 -1.68057 110 DC A "O4'" 
108 C "C3'" . DC A 6  ? 5.99463 7.30702  3.88249  2.52094  -1.97205 -1.79565 110 DC A "C3'" 
109 O "O3'" . DC A 6  ? 5.97717 7.15538  3.87416  2.67394  -1.98986 -1.66800 110 DC A "O3'" 
110 C "C2'" . DC A 6  ? 6.11180 7.22962  3.88039  2.37696  -1.98984 -1.84652 110 DC A "C2'" 
111 C "C1'" . DC A 6  ? 6.29867 7.20740  3.77509  2.34308  -1.97780 -1.71333 110 DC A "C1'" 
112 N N1    . DC A 6  ? 6.41889 7.22931  3.76765  2.14838  -1.96757 -1.77398 110 DC A N1    
113 C C2    . DC A 6  ? 6.56934 7.10444  3.71133  2.12501  -1.99172 -1.67264 110 DC A C2    
114 O O2    . DC A 6  ? 6.60090 6.98223  3.67448  2.25949  -2.01295 -1.54695 110 DC A O2    
115 N N3    . DC A 6  ? 6.67412 7.12734  3.70843  1.94355  -1.97911 -1.72389 110 DC A N3    
116 C C4    . DC A 6  ? 6.63845 7.26108  3.76599  1.77878  -1.93184 -1.87596 110 DC A C4    
117 N N4    . DC A 6  ? 6.75084 7.27975  3.76690  1.58900  -1.90757 -1.92055 110 DC A N4    
118 C C5    . DC A 6  ? 6.48100 7.38489  3.83892  1.79169  -1.89542 -1.99823 110 DC A C5    
119 C C6    . DC A 6  ? 6.37236 7.36856  3.83304  1.98355  -1.92158 -1.94054 110 DC A C6    
120 P P     . DT A 7  ? 5.77961 7.06691  3.97507  2.76256  -2.02182 -1.69143 111 DT A P     
121 O OP1   . DT A 7  ? 5.59468 7.20963  4.05623  2.81532  -1.99060 -1.73471 111 DT A OP1   
122 O OP2   . DT A 7  ? 5.74748 7.01128  4.06210  2.68159  -2.08215 -1.80212 111 DT A OP2   
123 O "O5'" . DT A 7  ? 5.87279 6.88853  3.90936  2.85657  -1.99804 -1.51574 111 DT A "O5'" 
124 C "C5'" . DT A 7  ? 6.05844 6.83746  3.79506  2.83558  -1.97859 -1.43185 111 DT A "C5'" 
125 C "C4'" . DT A 7  ? 6.16859 6.68151  3.77799  2.79620  -2.01626 -1.40359 111 DT A "C4'" 
126 O "O4'" . DT A 7  ? 6.25588 6.71923  3.76296  2.66964  -2.04607 -1.47620 111 DT A "O4'" 
127 C "C3'" . DT A 7  ? 6.07054 6.58389  3.86652  2.82052  -2.05453 -1.42452 111 DT A "C3'" 
128 O "O3'" . DT A 7  ? 6.16493 6.42712  3.82895  2.83718  -2.05182 -1.33181 111 DT A "O3'" 
129 C "C2'" . DT A 7  ? 6.06245 6.62057  3.91730  2.71665  -2.11273 -1.55793 111 DT A "C2'" 
130 C "C1'" . DT A 7  ? 6.24709 6.60934  3.81338  2.63704  -2.09598 -1.52104 111 DT A "C1'" 
131 N N1    . DT A 7  ? 6.29985 6.65670  3.82727  2.47827  -2.11262 -1.63604 111 DT A N1    
132 C C2    . DT A 7  ? 6.44422 6.54957  3.78452  2.40422  -2.12566 -1.59594 111 DT A C2    
133 O O2    . DT A 7  ? 6.52623 6.42683  3.73778  2.46870  -2.12942 -1.48053 111 DT A O2    
134 N N3    . DT A 7  ? 6.48773 6.59718  3.80802  2.23458  -2.11859 -1.70637 111 DT A N3    
135 C C4    . DT A 7  ? 6.40466 6.73544  3.88071  2.11713  -2.08537 -1.86982 111 DT A C4    
136 O O4    . DT A 7  ? 6.45766 6.76241  3.91442  1.93866  -2.05215 -1.97077 111 DT A O4    
137 C C5    . DT A 7  ? 6.24526 6.84738  3.93086  2.20464  -2.07570 -1.92308 111 DT A C5    
138 C C7    . DT A 7  ? 6.13215 7.00679  4.03781  2.07164  -2.01731 -2.12750 111 DT A C7    
139 C C6    . DT A 7  ? 6.19832 6.80324  3.89764  2.38845  -2.09901 -1.79477 111 DT A C6    
140 P P     . DG A 8  ? 6.08290 6.34462  3.88065  2.89358  -2.02526 -1.24933 112 DG A P     
141 O OP1   . DG A 8  ? 6.10915 6.37574  3.81223  2.93888  -1.95569 -1.17280 112 DG A OP1   
142 O OP2   . DG A 8  ? 5.90070 6.38130  4.02811  2.89312  -2.05298 -1.30540 112 DG A OP2   
143 O "O5'" . DG A 8  ? 6.18839 6.18668  3.86012  2.86496  -2.05238 -1.20163 112 DG A "O5'" 
144 C "C5'" . DG A 8  ? 6.35297 6.12927  3.76593  2.84714  -2.04172 -1.16430 112 DG A "C5'" 
145 C "C4'" . DG A 8  ? 6.42820 6.00356  3.77495  2.80144  -2.08888 -1.16565 112 DG A "C4'" 
146 O "O4'" . DG A 8  ? 6.46649 6.02631  3.78547  2.73379  -2.13978 -1.25023 112 DG A "O4'" 
147 C "C3'" . DG A 8  ? 6.32961 5.93478  3.86315  2.80346  -2.11480 -1.14940 112 DG A "C3'" 
148 O "O3'" . DG A 8  ? 6.42843 5.81208  3.83884  2.77569  -2.13108 -1.10873 112 DG A "O3'" 
149 C "C2'" . DG A 8  ? 6.24005 5.97922  3.95826  2.77359  -2.17831 -1.25471 112 DG A "C2'" 
150 C "C1'" . DG A 8  ? 6.37519 5.99669  3.88210  2.71189  -2.19844 -1.31410 112 DG A "C1'" 
151 N N9    . DG A 8  ? 6.31646 6.11729  3.92371  2.65642  -2.22729 -1.43741 112 DG A N9    
152 C C8    . DG A 8  ? 6.17053 6.25129  3.98777  2.68303  -2.22005 -1.50141 112 DG A C8    
153 N N7    . DG A 8  ? 6.15233 6.35917  4.01433  2.58435  -2.23774 -1.64159 112 DG A N7    
154 C C5    . DG A 8  ? 6.30209 6.28028  3.96413  2.47882  -2.24799 -1.65498 112 DG A C5    
155 C C6    . DG A 8  ? 6.36292 6.33028  3.97491  2.30479  -2.23227 -1.78157 112 DG A C6    
156 O O6    . DG A 8  ? 6.29929 6.45944  4.03628  2.19396  -2.19459 -1.93233 112 DG A O6    
157 N N1    . DG A 8  ? 6.51108 6.21179  3.92197  2.24024  -2.23907 -1.72498 112 DG A N1    
158 C C2    . DG A 8  ? 6.58590 6.07035  3.86918  2.33372  -2.26083 -1.58606 112 DG A C2    
159 N N2    . DG A 8  ? 6.71548 5.97867  3.83177  2.25364  -2.26453 -1.55699 112 DG A N2    
160 N N3    . DG A 8  ? 6.53526 6.02585  3.86343  2.47549  -2.26084 -1.49070 112 DG A N3    
161 C C4    . DG A 8  ? 6.39671 6.13185  3.91058  2.53797  -2.25148 -1.52406 112 DG A C4    
162 P P     . DT A 9  ? 6.42345 5.78969  3.98860  2.75906  -2.15485 -1.06034 113 DT A P     
163 O OP1   . DT A 9  ? 6.46149 5.76165  3.93829  2.77167  -2.10207 -0.96602 113 DT A OP1   
164 O OP2   . DT A 9  ? 6.24838 5.83446  4.13149  2.76107  -2.17990 -1.08750 113 DT A OP2   
165 O "O5'" . DT A 9  ? 6.53146 5.68623  3.98349  2.70670  -2.21786 -1.10268 113 DT A "O5'" 
166 C "C5'" . DT A 9  ? 6.62593 5.70379  3.93216  2.67393  -2.23983 -1.17395 113 DT A "C5'" 
167 C "C4'" . DT A 9  ? 6.74279 5.59022  3.91659  2.61522  -2.28011 -1.18228 113 DT A "C4'" 
168 O "O4'" . DT A 9  ? 6.77805 5.61867  3.92318  2.54327  -2.31913 -1.27174 113 DT A "O4'" 
169 C "C3'" . DT A 9  ? 6.69409 5.49739  4.00185  2.60098  -2.32756 -1.16706 113 DT A "C3'" 
170 O "O3'" . DT A 9  ? 6.82333 5.39029  3.95172  2.56828  -2.33153 -1.13246 113 DT A "O3'" 
171 C "C2'" . DT A 9  ? 6.61326 5.51848  4.10794  2.56065  -2.40278 -1.27322 113 DT A "C2'" 
172 C "C1'" . DT A 9  ? 6.69376 5.59351  4.03176  2.50805  -2.38958 -1.34777 113 DT A "C1'" 
173 N N1    . DT A 9  ? 6.57714 5.72719  4.09254  2.49386  -2.40182 -1.45200 113 DT A N1    
174 C C2    . DT A 9  ? 6.61425 5.77935  4.09794  2.36975  -2.40954 -1.57562 113 DT A C2    
175 O O2    . DT A 9  ? 6.73552 5.71505  4.05821  2.27454  -2.40397 -1.58297 113 DT A O2    
176 N N3    . DT A 9  ? 6.49815 5.91626  4.16383  2.33707  -2.40238 -1.69750 113 DT A N3    
177 C C4    . DT A 9  ? 6.33971 6.00516  4.22702  2.43874  -2.40793 -1.69191 113 DT A C4    
178 O O4    . DT A 9  ? 6.22158 6.11193  4.33146  2.36754  -2.34620 -1.79987 113 DT A O4    
179 C C5    . DT A 9  ? 6.30327 5.93417  4.22499  2.57241  -2.39432 -1.52872 113 DT A C5    
180 C C7    . DT A 9  ? 6.12410 6.00842  4.31842  2.66329  -2.36079 -1.48438 113 DT A C7    
181 C C6    . DT A 9  ? 6.42853 5.80304  4.15407  2.57853  -2.38500 -1.42954 113 DT A C6    
182 P P     . DA A 10 ? 6.75680 5.15939  3.87447  2.49790  -2.40428 -1.17641 114 DA A P     
183 O OP1   . DA A 10 ? 6.88733 5.07895  3.79946  2.48733  -2.37559 -1.11838 114 DA A OP1   
184 O OP2   . DA A 10 ? 6.62487 5.13661  4.01222  2.49818  -2.46063 -1.18266 114 DA A OP2   
185 O "O5'" . DA A 10 ? 6.81012 5.20412  3.85189  2.42774  -2.42162 -1.26805 114 DA A "O5'" 
186 C "C5'" . DA A 10 ? 6.91187 5.12659  3.84548  2.33234  -2.45062 -1.30207 114 DA A "C5'" 
187 C "C4'" . DA A 10 ? 6.84063 5.10455  3.96126  2.25870  -2.52277 -1.40882 114 DA A "C4'" 
188 O "O4'" . DA A 10 ? 6.71785 5.23067  4.02166  2.25378  -2.52541 -1.50405 114 DA A "O4'" 
189 C "C3'" . DA A 10 ? 6.77072 5.00911  4.06693  2.29844  -2.59080 -1.37904 114 DA A "C3'" 
190 O "O3'" . DA A 10 ? 6.81875 4.90377  4.13204  2.19738  -2.65043 -1.43895 114 DA A "O3'" 
191 C "C2'" . DA A 10 ? 6.58159 5.09703  4.20166  2.33958  -2.62868 -1.43170 114 DA A "C2'" 
192 C "C1'" . DA A 10 ? 6.58570 5.20339  4.18181  2.24977  -2.60468 -1.57611 114 DA A "C1'" 
193 N N9    . DA A 10 ? 6.40706 5.32045  4.29315  2.27736  -2.57933 -1.62987 114 DA A N9    
194 C C8    . DA A 10 ? 6.27655 5.36398  4.33981  2.41781  -2.58600 -1.52543 114 DA A C8    
195 N N7    . DA A 10 ? 6.10027 5.44165  4.50178  2.37577  -2.47671 -1.57336 114 DA A N7    
196 C C5    . DA A 10 ? 6.17206 5.51270  4.63478  2.18888  -2.38713 -1.72378 114 DA A C5    
197 C C6    . DA A 10 ? 6.20347 5.75778  4.97727  2.05657  -2.24863 -1.84314 114 DA A C6    
198 N N6    . DA A 10 ? 6.19573 6.00970  5.29403  2.10037  -2.17530 -1.82513 114 DA A N6    
199 N N1    . DA A 10 ? 6.21100 5.70732  4.95216  1.87343  -2.18569 -1.98453 114 DA A N1    
200 C C2    . DA A 10 ? 6.22529 5.46271  4.64465  1.82796  -2.25888 -2.00174 114 DA A C2    
201 N N3    . DA A 10 ? 6.36436 5.37761  4.47678  1.94285  -2.39003 -1.89688 114 DA A N3    
202 C C4    . DA A 10 ? 6.29985 5.38022  4.44913  2.12316  -2.44853 -1.76040 114 DA A C4    
203 P P     . DC A 11 ? 6.93553 4.74066  4.00236  2.14378  -2.63216 -1.38327 115 DC A P     
204 O OP1   . DC A 11 ? 7.03328 4.78237  3.86582  2.17052  -2.55102 -1.31475 115 DC A OP1   
205 O OP2   . DC A 11 ? 6.92812 4.62817  4.06883  2.17075  -2.68975 -1.32525 115 DC A OP2   
206 O "O5'" . DC A 11 ? 6.95886 4.72993  4.06156  1.97079  -2.63021 -1.51627 115 DC A "O5'" 
207 C "C5'" . DC A 11 ? 6.89730 4.85169  4.09569  1.88335  -2.57631 -1.63857 115 DC A "C5'" 
208 C "C4'" . DC A 11 ? 6.82640 4.81087  4.28615  1.70717  -2.55501 -1.81940 115 DC A "C4'" 
209 O "O4'" . DC A 11 ? 6.72554 4.94173  4.40858  1.66405  -2.50429 -1.95764 115 DC A "O4'" 
210 C "C3'" . DC A 11 ? 6.74630 4.66754  4.47480  1.69866  -2.60754 -1.83490 115 DC A "C3'" 
211 O "O3'" . DC A 11 ? 6.83598 4.54818  4.51369  1.56594  -2.60171 -1.87779 115 DC A "O3'" 
212 C "C2'" . DC A 11 ? 6.49691 4.68768  4.79222  1.60273  -2.45546 -1.88800 115 DC A "C2'" 
213 C "C1'" . DC A 11 ? 6.53656 4.89013  4.76237  1.57634  -2.39868 -1.98185 115 DC A "C1'" 
214 N N1    . DC A 11 ? 6.41994 5.02580  4.92293  1.67661  -2.35741 -1.92031 115 DC A N1    
215 C C2    . DC A 11 ? 6.43235 5.27694  5.26619  1.57835  -2.22295 -2.01909 115 DC A C2    
216 O O2    . DC A 11 ? 6.35604 5.20067  5.22560  1.40388  -2.13991 -2.16334 115 DC A O2    
217 N N3    . DC A 11 ? 6.48116 5.55636  5.58140  1.67607  -2.18678 -1.95550 115 DC A N3    
218 C C4    . DC A 11 ? 6.50082 5.57367  5.54807  1.85777  -2.27901 -1.80017 115 DC A C4    
219 N N4    . DC A 11 ? 6.52348 5.83024  5.83697  1.94731  -2.24035 -1.74075 115 DC A N4    
220 C C5    . DC A 11 ? 6.41828 5.25393  5.13405  1.95290  -2.41365 -1.70107 115 DC A C5    
221 C C6    . DC A 11 ? 6.40045 5.00766  4.85958  1.85850  -2.44707 -1.76582 115 DC A C6    
222 P P     . DG A 12 ? 6.93921 4.63680  5.07343  1.44730  -2.53736 -1.88844 116 DG A P     
223 O OP1   . DG A 12 ? 7.10110 4.52636  4.94504  1.48091  -2.65081 -1.82372 116 DG A OP1   
224 O OP2   . DG A 12 ? 6.70998 4.62635  5.32057  1.50060  -2.48130 -1.80093 116 DG A OP2   
225 O "O5'" . DG A 12 ? 6.90035 4.64078  5.24093  1.21654  -2.39989 -2.07129 116 DG A "O5'" 
226 C "C5'" . DG A 12 ? 6.90028 4.78946  5.17987  1.16455  -2.33498 -2.18022 116 DG A "C5'" 
227 C "C4'" . DG A 12 ? 6.67001 4.81037  5.51814  1.03007  -2.16282 -2.27131 116 DG A "C4'" 
228 O "O4'" . DG A 12 ? 6.51007 4.88747  5.58443  1.15452  -2.13981 -2.19465 116 DG A "O4'" 
229 C "C3'" . DG A 12 ? 6.53433 4.65850  5.85004  0.91594  -2.08218 -2.27773 116 DG A "C3'" 
230 O "O3'" . DG A 12 ? 6.41688 4.68398  6.11068  0.71913  -1.91738 -2.43443 116 DG A "O3'" 
231 C "C2'" . DG A 12 ? 6.36869 4.63451  5.98083  1.06110  -2.09806 -2.12717 116 DG A "C2'" 
232 C "C1'" . DG A 12 ? 6.29766 4.79314  5.92737  1.11844  -2.05471 -2.15450 116 DG A "C1'" 
233 N N9    . DG A 12 ? 6.19462 4.82497  5.92164  1.30162  -2.10375 -2.00599 116 DG A N9    
234 C C8    . DG A 12 ? 6.25218 4.77500  5.79006  1.46495  -2.23481 -1.84507 116 DG A C8    
235 N N7    . DG A 12 ? 6.31397 5.01128  5.99314  1.60268  -2.24908 -1.73903 116 DG A N7    
236 C C5    . DG A 12 ? 6.30312 5.23505  6.29668  1.52827  -2.11847 -1.83395 116 DG A C5    
237 C C6    . DG A 12 ? 6.34230 5.52996  6.60477  1.61237  -2.07094 -1.78533 116 DG A C6    
238 O O6    . DG A 12 ? 6.36337 5.62417  6.63826  1.77347  -2.13835 -1.64226 116 DG A O6    
239 N N1    . DG A 12 ? 6.25022 5.62302  6.79117  1.48457  -1.92769 -1.92454 116 DG A N1    
240 C C2    . DG A 12 ? 6.09944 5.42115  6.65062  1.29347  -1.84029 -2.09294 116 DG A C2    
241 N N2    . DG A 12 ? 5.95554 5.49087  6.79836  1.18412  -1.69988 -2.21674 116 DG A N2    
242 N N3    . DG A 12 ? 6.05383 5.13636  6.34953  1.21138  -1.88548 -2.13854 116 DG A N3    
243 C C4    . DG A 12 ? 6.17659 5.07221  6.20372  1.34037  -2.02622 -2.00109 116 DG A C4    
244 P P     . DG A 13 ? 6.30900 4.42359  5.83742  0.51872  -1.87522 -2.59515 117 DG A P     
245 O OP1   . DG A 13 ? 6.48882 4.57509  5.47609  0.55644  -1.92108 -2.55421 117 DG A OP1   
246 O OP2   . DG A 13 ? 6.34775 4.25138  5.91172  0.49332  -1.91801 -2.53554 117 DG A OP2   
247 O "O5'" . DG A 13 ? 6.13570 4.47682  6.17251  0.31582  -1.67260 -2.76249 117 DG A "O5'" 
248 C "C5'" . DG A 13 ? 6.07072 4.64652  6.16221  0.30408  -1.59888 -2.83445 117 DG A "C5'" 
249 C "C4'" . DG A 13 ? 5.81276 4.63229  6.55455  0.24530  -1.44418 -2.86332 117 DG A "C4'" 
250 O "O4'" . DG A 13 ? 5.72046 4.61197  6.57843  0.44566  -1.51282 -2.68573 117 DG A "O4'" 
251 C "C3'" . DG A 13 ? 5.71550 4.48419  6.90944  0.08334  -1.33765 -2.92442 117 DG A "C3'" 
252 O "O3'" . DG A 13 ? 5.56020 4.54186  7.25025  -0.11298 -1.12955 -3.08066 117 DG A "O3'" 
253 C "C2'" . DG A 13 ? 5.60106 4.34915  7.04487  0.22428  -1.39618 -2.74195 117 DG A "C2'" 
254 C "C1'" . DG A 13 ? 5.63917 4.54537  6.99090  0.41829  -1.45737 -2.62774 117 DG A "C1'" 
255 N N9    . DG A 13 ? 5.84497 4.65575  7.05551  0.61380  -1.60172 -2.42748 117 DG A N9    
256 C C8    . DG A 13 ? 5.93360 4.49474  6.87835  0.65805  -1.72146 -2.34249 117 DG A C8    
257 N N7    . DG A 13 ? 6.15754 4.70309  7.04052  0.83558  -1.83065 -2.16561 117 DG A N7    
258 C C5    . DG A 13 ? 6.23732 5.03478  7.35315  0.91761  -1.78292 -2.12894 117 DG A C5    
259 C C6    . DG A 13 ? 6.45927 5.36507  7.62505  1.10310  -1.85386 -1.96194 117 DG A C6    
260 O O6    . DG A 13 ? 6.62879 5.42961  7.62830  1.23418  -1.97743 -1.80986 117 DG A O6    
261 N N1    . DG A 13 ? 6.44820 5.61798  7.88693  1.12516  -1.76475 -1.98569 117 DG A N1    
262 C C2    . DG A 13 ? 6.24281 5.55488  7.87986  0.98271  -1.62328 -2.15294 117 DG A C2    
263 N N2    . DG A 13 ? 6.24317 5.80879  8.13657  1.02834  -1.55223 -2.15090 117 DG A N2    
264 N N3    . DG A 13 ? 6.02680 5.24537  7.61427  0.80444  -1.55487 -2.31237 117 DG A N3    
265 C C4    . DG A 13 ? 6.04362 5.00422  7.36820  0.78342  -1.64145 -2.28886 117 DG A C4    
266 P P     . DA A 14 ? 5.54249 4.84065  7.59537  -0.11003 -1.01253 -3.14024 118 DA A P     
267 O OP1   . DA A 14 ? 5.71087 5.06437  7.29534  -0.04921 -1.07523 -3.16576 118 DA A OP1   
268 O OP2   . DA A 14 ? 5.39655 4.86317  7.97965  -0.31958 -0.78962 -3.24619 118 DA A OP2   
269 O "O5'" . DA A 14 ? 5.41623 4.80073  7.74439  0.08541  -1.06296 -2.94275 118 DA A "O5'" 
270 C "C5'" . DA A 14 ? 5.54923 5.14825  7.91547  0.21526  -1.06458 -2.88543 118 DA A "C5'" 
271 C "C4'" . DA A 14 ? 5.45627 5.21809  8.39130  0.28281  -1.00668 -2.77692 118 DA A "C4'" 
272 O "O4'" . DA A 14 ? 5.73715 5.35574  8.54226  0.44933  -1.15471 -2.57719 118 DA A "O4'" 
273 C "C3'" . DA A 14 ? 5.07114 4.90870  8.64500  0.09728  -0.83268 -2.87420 118 DA A "C3'" 
274 O "O3'" . DA A 14 ? 4.91486 5.01555  8.99734  0.11410  -0.72119 -2.86198 118 DA A "O3'" 
275 C "C2'" . DA A 14 ? 5.10119 4.74712  8.74594  0.13954  -0.91520 -2.73979 118 DA A "C2'" 
276 C "C1'" . DA A 14 ? 5.49035 5.10744  8.81016  0.38442  -1.08896 -2.53386 118 DA A "C1'" 
277 N N9    . DA A 14 ? 5.71942 5.09625  8.76757  0.47328  -1.24030 -2.39351 118 DA A N9    
278 C C8    . DA A 14 ? 5.70082 4.82338  8.45547  0.39620  -1.29579 -2.43628 118 DA A C8    
279 N N7    . DA A 14 ? 5.92847 4.88380  8.48166  0.51378  -1.43686 -2.27782 118 DA A N7    
280 C C5    . DA A 14 ? 6.10612 5.22140  8.82640  0.67470  -1.47611 -2.12252 118 DA A C5    
281 C C6    . DA A 14 ? 6.34463 5.41869  8.98429  0.84338  -1.60763 -1.91868 118 DA A C6    
282 N N6    . DA A 14 ? 6.45790 5.30326  8.81891  0.88032  -1.72850 -1.83365 118 DA A N6    
283 N N1    . DA A 14 ? 6.40510 5.69235  9.26948  0.96849  -1.60744 -1.80612 118 DA A N1    
284 C C2    . DA A 14 ? 6.28029 5.79465  9.42518  0.93041  -1.48553 -1.89260 118 DA A C2    
285 N N3    . DA A 14 ? 6.08007 5.65669  9.32705  0.77910  -1.35587 -2.08209 118 DA A N3    
286 C C4    . DA A 14 ? 5.98703 5.35750  9.00877  0.65378  -1.35783 -2.19054 118 DA A C4    
287 P P     . DC A 15 ? 4.95994 5.27468  9.48490  -0.09050 -0.50215 -3.07504 119 DC A P     
288 O OP1   . DC A 15 ? 5.08084 5.57668  9.41229  -0.02725 -0.49755 -3.11061 119 DC A OP1   
289 O OP2   . DC A 15 ? 5.01621 5.19125  9.46851  -0.30004 -0.43404 -3.24904 119 DC A OP2   
290 O "O5'" . DC A 15 ? 4.65527 5.13020  9.93725  -0.09600 -0.38971 -3.00366 119 DC A "O5'" 
291 C "C5'" . DC A 15 ? 4.76283 5.41717  10.23339 0.07774  -0.42143 -2.85083 119 DC A "C5'" 
292 C "C4'" . DC A 15 ? 4.76736 5.41752  10.66470 0.15492  -0.44795 -2.66738 119 DC A "C4'" 
293 O "O4'" . DC A 15 ? 5.07690 5.48169  10.55995 0.26048  -0.62767 -2.52451 119 DC A "O4'" 
294 C "C3'" . DC A 15 ? 4.30560 4.99757  10.88547 -0.02087 -0.28358 -2.73656 119 DC A "C3'" 
295 O "O3'" . DC A 15 ? 4.28326 5.11793  11.37949 0.07071  -0.27021 -2.56785 119 DC A "O3'" 
296 C "C2'" . DC A 15 ? 4.38028 4.79112  10.69813 -0.06182 -0.37481 -2.71185 119 DC A "C2'" 
297 C "C1'" . DC A 15 ? 4.82984 5.15757  10.72596 0.17074  -0.58202 -2.49083 119 DC A "C1'" 
298 N N1    . DC A 15 ? 5.03278 5.08327  10.47626 0.20773  -0.73132 -2.42138 119 DC A N1    
299 C C2    . DC A 15 ? 5.36094 5.34481  10.64507 0.38828  -0.89017 -2.20027 119 DC A C2    
300 O O2    . DC A 15 ? 5.44337 5.61014  10.98341 0.50617  -0.89710 -2.07099 119 DC A O2    
301 N N3    . DC A 15 ? 5.53020 5.25696  10.38863 0.42470  -1.02967 -2.13542 119 DC A N3    
302 C C4    . DC A 15 ? 5.40371 4.94309  10.00507 0.29124  -1.01496 -2.27978 119 DC A C4    
303 N N4    . DC A 15 ? 5.57394 4.85961  9.75953  0.33325  -1.15494 -2.20982 119 DC A N4    
304 C C5    . DC A 15 ? 5.06865 4.67779  9.82887  0.10327  -0.85383 -2.50491 119 DC A C5    
305 C C6    . DC A 15 ? 4.88674 4.75365  10.06520 0.06657  -0.71532 -2.57023 119 DC A C6    
306 P P     . DA A 16 ? 4.07004 5.20412  11.52172 0.15125  -0.19479 -2.53050 120 DA A P     
307 O OP1   . DA A 16 ? 4.16484 5.39234  11.27441 0.14711  -0.16863 -2.66822 120 DA A OP1   
308 O OP2   . DA A 16 ? 3.82612 5.10006  12.07612 0.02346  -0.01910 -2.56221 120 DA A OP2   
309 O "O5'" . DA A 16 ? 4.16698 5.30075  11.42865 0.39510  -0.37798 -2.26341 120 DA A "O5'" 
310 C "C5'" . DA A 16 ? 4.42146 5.33692  11.40078 0.47250  -0.53533 -2.11511 120 DA A "C5'" 
311 C "C4'" . DA A 16 ? 4.16455 5.17380  11.40190 0.62615  -0.61610 -1.87118 120 DA A "C4'" 
312 O "O4'" . DA A 16 ? 4.30115 5.11335  11.46615 0.63271  -0.71713 -1.75386 120 DA A "O4'" 
313 C "C3'" . DA A 16 ? 3.81328 4.98702  11.69433 0.53157  -0.46353 -1.81597 120 DA A "C3'" 
314 O "O3'" . DA A 16 ? 3.79894 4.97492  11.55746 0.64329  -0.55641 -1.54098 120 DA A "O3'" 
315 C "C2'" . DA A 16 ? 3.85801 4.90014  12.07623 0.36463  -0.38712 -1.88383 120 DA A "C2'" 
316 C "C1'" . DA A 16 ? 4.10378 4.94104  11.88631 0.46916  -0.57884 -1.80126 120 DA A "C1'" 
317 N N9    . DA A 16 ? 4.41098 5.01784  11.93375 0.32798  -0.56589 -1.95185 120 DA A N9    
318 C C8    . DA A 16 ? 4.23435 4.82481  11.82405 0.14444  -0.42225 -2.18913 120 DA A C8    
319 N N7    . DA A 16 ? 4.30982 4.66052  11.57094 0.05820  -0.46392 -2.26629 120 DA A N7    
320 C C5    . DA A 16 ? 4.52416 4.72445  11.48144 0.19907  -0.64649 -2.06739 120 DA A C5    
321 C C6    . DA A 16 ? 4.71159 4.64016  11.24441 0.20366  -0.77462 -2.02710 120 DA A C6    
322 N N6    . DA A 16 ? 4.66434 4.41314  11.00266 0.05661  -0.73780 -2.18927 120 DA A N6    
323 N N1    . DA A 16 ? 4.91185 4.76635  11.24325 0.36139  -0.94059 -1.81031 120 DA A N1    
324 C C2    . DA A 16 ? 4.87282 4.91450  11.40078 0.50071  -0.97565 -1.64941 120 DA A C2    
325 N N3    . DA A 16 ? 4.67381 4.96992  11.59000 0.51510  -0.87100 -1.66280 120 DA A N3    
326 C C4    . DA A 16 ? 4.59372 4.95389  11.70322 0.36171  -0.70838 -1.87789 120 DA A C4    
327 P P     . DG A 17 ? 3.68110 4.87144  11.75657 0.54452  -0.44482 -1.37173 121 DG A P     
328 O OP1   . DG A 17 ? 3.69186 4.99776  11.52888 0.68012  -0.50614 -1.19541 121 DG A OP1   
329 O OP2   . DG A 17 ? 3.66387 4.83127  12.08900 0.35902  -0.24583 -1.53183 121 DG A OP2   
330 O "O5'" . DG A 17 ? 3.70563 4.74978  11.89147 0.52212  -0.51656 -1.22380 121 DG A "O5'" 
331 C "C5'" . DG A 17 ? 3.76093 4.76524  11.60242 0.67859  -0.70544 -1.06198 121 DG A "C5'" 
332 C "C4'" . DG A 17 ? 3.78606 4.63278  11.74006 0.62728  -0.76376 -1.01315 121 DG A "C4'" 
333 O "O4'" . DG A 17 ? 3.78374 4.53989  11.78684 0.57339  -0.75255 -1.23689 121 DG A "O4'" 
334 C "C3'" . DG A 17 ? 3.75784 4.55529  12.14473 0.47269  -0.64856 -0.91800 121 DG A "C3'" 
335 O "O3'" . DG A 17 ? 3.80161 4.54536  12.08798 0.52592  -0.76894 -0.69760 121 DG A "O3'" 
336 C "C2'" . DG A 17 ? 3.73881 4.41844  12.41340 0.32550  -0.55099 -1.12360 121 DG A "C2'" 
337 C "C1'" . DG A 17 ? 3.76532 4.41145  12.10931 0.43386  -0.69588 -1.22905 121 DG A "C1'" 
338 N N9    . DG A 17 ? 3.78210 4.37129  12.27172 0.33300  -0.62132 -1.48431 121 DG A N9    
339 C C8    . DG A 17 ? 3.70259 4.35929  12.38836 0.20160  -0.44753 -1.70761 121 DG A C8    
340 N N7    . DG A 17 ? 3.76749 4.30688  12.36980 0.08741  -0.41376 -1.89674 121 DG A N7    
341 C C5    . DG A 17 ? 3.91135 4.22743  12.14560 0.14451  -0.57362 -1.77457 121 DG A C5    
342 C C6    . DG A 17 ? 4.09222 4.14909  11.96388 0.05844  -0.61826 -1.86092 121 DG A C6    
343 O O6    . DG A 17 ? 4.16940 4.15925  11.93729 -0.08539 -0.51891 -2.05527 121 DG A O6    
344 N N1    . DG A 17 ? 4.19561 4.08986  11.76391 0.16445  -0.79426 -1.67781 121 DG A N1    
345 C C2    . DG A 17 ? 4.18000 4.16160  11.79171 0.32636  -0.90968 -1.44365 121 DG A C2    
346 N N2    . DG A 17 ? 4.32270 4.12959  11.61071 0.40099  -1.07000 -1.29723 121 DG A N2    
347 N N3    . DG A 17 ? 4.04735 4.27401  11.99211 0.40551  -0.87053 -1.35993 121 DG A N3    
348 C C4    . DG A 17 ? 3.97844 4.35629  12.21587 0.31143  -0.70286 -1.53351 121 DG A C4    
349 P P     . DT A 18 ? 3.73484 4.45279  12.29249 0.42798  -0.69240 -0.51299 122 DT A P     
350 O OP1   . DT A 18 ? 3.76637 4.59433  12.14555 0.52552  -0.75651 -0.30660 122 DT A OP1   
351 O OP2   . DT A 18 ? 3.62799 4.35657  12.28831 0.30587  -0.48386 -0.60000 122 DT A OP2   
352 O "O5'" . DT A 18 ? 3.77128 4.34103  12.37765 0.39683  -0.78979 -0.46478 122 DT A "O5'" 
353 C "C5'" . DT A 18 ? 3.80865 4.28387  12.33247 0.40907  -0.85954 -0.63400 122 DT A "C5'" 
354 C "C4'" . DT A 18 ? 3.87357 4.22578  12.26574 0.43678  -1.00232 -0.52423 122 DT A "C4'" 
355 O "O4'" . DT A 18 ? 3.92382 4.14636  12.22588 0.43834  -1.04901 -0.71056 122 DT A "O4'" 
356 C "C3'" . DT A 18 ? 3.83966 4.13465  12.56639 0.30467  -0.92754 -0.41056 122 DT A "C3'" 
357 O "O3'" . DT A 18 ? 3.90965 4.12567  12.50271 0.34545  -1.08504 -0.26471 122 DT A "O3'" 
358 C "C2'" . DT A 18 ? 3.80409 4.01021  12.73888 0.18670  -0.80282 -0.61973 122 DT A "C2'" 
359 C "C1'" . DT A 18 ? 3.88646 4.03055  12.63392 0.26840  -0.94462 -0.78288 122 DT A "C1'" 
360 N N1    . DT A 18 ? 3.88271 4.02575  12.80519 0.18725  -0.81894 -1.04923 122 DT A N1    
361 C C2    . DT A 18 ? 3.91187 3.87038  12.69945 0.14467  -0.83901 -1.20965 122 DT A C2    
362 O O2    . DT A 18 ? 4.05186 3.80722  12.49150 0.17009  -0.96929 -1.13147 122 DT A O2    
363 N N3    . DT A 18 ? 3.90248 3.92931  12.64394 0.04151  -0.67563 -1.42713 122 DT A N3    
364 C C4    . DT A 18 ? 3.79446 4.00292  12.80332 0.04134  -0.50617 -1.52433 122 DT A C4    
365 O O4    . DT A 18 ? 3.81752 4.05591  12.61461 -0.04104 -0.35819 -1.69257 122 DT A O4    
366 C C5    . DT A 18 ? 3.76057 3.99600  12.86314 0.07579  -0.50496 -1.35911 122 DT A C5    
367 C C7    . DT A 18 ? 3.69144 4.04195  12.71564 0.04699  -0.32848 -1.39969 122 DT A C7    
368 C C6    . DT A 18 ? 3.87290 4.10756  12.93737 0.13636  -0.65483 -1.12900 122 DT A C6    
369 P P     . DC A 19 ? 3.98810 4.16754  12.68074 0.25030  -1.02604 -0.11803 123 DC A P     
370 O OP1   . DC A 19 ? 4.00897 4.26987  12.48729 0.32539  -1.11162 0.11568  123 DC A OP1   
371 O OP2   . DC A 19 ? 3.86898 4.05761  12.72301 0.13913  -0.80420 -0.17857 123 DC A OP2   
372 O "O5'" . DC A 19 ? 4.08159 4.08902  12.79632 0.23234  -1.16506 -0.18529 123 DC A "O5'" 
373 C "C5'" . DC A 19 ? 4.11877 4.03544  12.85113 0.22610  -1.17510 -0.42606 123 DC A "C5'" 
374 C "C4'" . DC A 19 ? 3.99754 3.90068  13.05696 0.07412  -1.04922 -0.52675 123 DC A "C4'" 
375 O "O4'" . DC A 19 ? 3.94048 3.92081  13.05343 0.07520  -0.89902 -0.76401 123 DC A "O4'" 
376 C "C3'" . DC A 19 ? 3.91314 3.83147  12.94914 0.02849  -0.86622 -0.37925 123 DC A "C3'" 
377 O "O3'" . DC A 19 ? 3.86158 3.80823  12.86952 0.04739  -0.84103 -0.34554 123 DC A "O3'" 
378 C "C2'" . DC A 19 ? 3.85128 3.81363  12.87934 0.04254  -0.65252 -0.52551 123 DC A "C2'" 
379 C "C1'" . DC A 19 ? 3.83562 3.84980  12.91586 0.05635  -0.66078 -0.74591 123 DC A "C1'" 
380 N N1    . DC A 19 ? 3.81117 3.87418  12.81625 0.02024  -0.49364 -0.93573 123 DC A N1    
381 C C2    . DC A 19 ? 3.90633 3.92673  12.63782 -0.07496 -0.41972 -1.11449 123 DC A C2    
382 O O2    . DC A 19 ? 4.02462 3.92493  12.57923 -0.11183 -0.49643 -1.11204 123 DC A O2    
383 N N3    . DC A 19 ? 3.91159 3.98802  12.52838 -0.12574 -0.26915 -1.27571 123 DC A N3    
384 C C4    . DC A 19 ? 3.81102 3.98061  12.57193 -0.08401 -0.19533 -1.26825 123 DC A C4    
385 N N4    . DC A 19 ? 3.82432 4.05112  12.44389 -0.14199 -0.05592 -1.42296 123 DC A N4    
386 C C5    . DC A 19 ? 3.74628 3.89796  12.70969 0.00055  -0.26548 -1.08990 123 DC A C5    
387 C C6    . DC A 19 ? 3.77807 3.85347  12.83336 0.04209  -0.41013 -0.92484 123 DC A C6    
388 P P     . DA A 20 ? 4.24487 4.16114  13.21601 0.00298  -1.00236 -0.13759 124 DA A P     
389 O OP1   . DA A 20 ? 4.42910 4.22389  13.30644 0.05990  -1.24802 -0.12814 124 DA A OP1   
390 O OP2   . DA A 20 ? 4.12758 4.01358  13.03905 -0.01296 -0.91165 0.03963  124 DA A OP2   
391 O "O5'" . DA A 20 ? 4.08452 3.99077  13.05586 0.02041  -0.95211 -0.18314 124 DA A "O5'" 
392 C "C5'" . DA A 20 ? 4.29273 4.02451  12.99503 -0.02715 -0.98732 -0.35596 124 DA A "C5'" 
393 C "C4'" . DA A 20 ? 4.22673 3.93376  12.71389 -0.10841 -0.77944 -0.47499 124 DA A "C4'" 
394 O "O4'" . DA A 20 ? 4.23515 4.01426  12.72197 -0.12764 -0.61957 -0.62751 124 DA A "O4'" 
395 C "C3'" . DA A 20 ? 4.12193 3.90474  12.62323 -0.12187 -0.67096 -0.34647 124 DA A "C3'" 
396 O "O3'" . DA A 20 ? 4.22874 3.91322  12.44433 -0.20718 -0.59536 -0.42065 124 DA A "O3'" 
397 C "C2'" . DA A 20 ? 3.99506 3.89712  12.59026 -0.10064 -0.50584 -0.37396 124 DA A "C2'" 
398 C "C1'" . DA A 20 ? 4.06991 3.94616  12.56055 -0.14297 -0.44517 -0.58418 124 DA A "C1'" 
399 N N9    . DA A 20 ? 3.98104 3.95077  12.60236 -0.10466 -0.35950 -0.62916 124 DA A N9    
400 C C8    . DA A 20 ? 3.88519 3.89839  12.71533 -0.02041 -0.38513 -0.50442 124 DA A C8    
401 N N7    . DA A 20 ? 3.86149 3.90609  12.69251 -0.01750 -0.28713 -0.59132 124 DA A N7    
402 C C5    . DA A 20 ? 3.91819 3.98035  12.57363 -0.09603 -0.19567 -0.78183 124 DA A C5    
403 C C6    . DA A 20 ? 3.92708 4.03285  12.48422 -0.13690 -0.07468 -0.94087 124 DA A C6    
404 N N6    . DA A 20 ? 3.87064 4.02112  12.50738 -0.10031 -0.02410 -0.94031 124 DA A N6    
405 N N1    . DA A 20 ? 4.02243 4.09819  12.34204 -0.22913 -0.01108 -1.09354 124 DA A N1    
406 C C2    . DA A 20 ? 4.11823 4.09999  12.28878 -0.27626 -0.06329 -1.08921 124 DA A C2    
407 N N3    . DA A 20 ? 4.12405 4.05258  12.36087 -0.24543 -0.17406 -0.95597 124 DA A N3    
408 C C4    . DA A 20 ? 4.00874 3.99968  12.50864 -0.15382 -0.23763 -0.80362 124 DA A C4    
409 P P     . DC B 1  ? 8.15526 3.54019  5.57914  1.62815  -2.04485 -0.99339 119 DC B P     
410 O OP1   . DC B 1  ? 8.05269 3.50055  5.58599  1.65508  -2.08777 -0.85894 119 DC B OP1   
411 O OP2   . DC B 1  ? 8.23953 3.57460  5.40070  1.58553  -1.98839 -1.00344 119 DC B OP2   
412 O "O5'" . DC B 1  ? 8.12462 3.60521  5.82267  1.60027  -2.02965 -1.12704 119 DC B "O5'" 
413 C "C5'" . DC B 1  ? 8.05271 3.61595  6.03266  1.61817  -2.05288 -1.15876 119 DC B "C5'" 
414 C "C4'" . DC B 1  ? 8.08150 3.70294  6.19022  1.57360  -2.00781 -1.32568 119 DC B "C4'" 
415 O "O4'" . DC B 1  ? 8.10910 3.75003  6.20604  1.53105  -1.96942 -1.39027 119 DC B "O4'" 
416 C "C3'" . DC B 1  ? 8.14834 3.78073  6.07641  1.53286  -1.96420 -1.39091 119 DC B "C3'" 
417 O "O3'" . DC B 1  ? 8.13815 3.85894  6.27586  1.50351  -1.93906 -1.52379 119 DC B "O3'" 
418 C "C2'" . DC B 1  ? 8.22219 3.83435  5.92388  1.48262  -1.91202 -1.42215 119 DC B "C2'" 
419 C "C1'" . DC B 1  ? 8.18940 3.83552  6.08560  1.47257  -1.90839 -1.47385 119 DC B "C1'" 
420 N N1    . DC B 1  ? 8.23538 3.84051  5.94905  1.44582  -1.88049 -1.45614 119 DC B N1    
421 C C2    . DC B 1  ? 8.29209 3.93519  5.94770  1.38308  -1.81880 -1.57161 119 DC B C2    
422 O O2    . DC B 1  ? 8.30328 4.01687  6.05391  1.34986  -1.78969 -1.68490 119 DC B O2    
423 N N3    . DC B 1  ? 8.33617 3.94225  5.83235  1.35657  -1.78936 -1.56078 119 DC B N3    
424 C C4    . DC B 1  ? 8.32642 3.86390  5.72545  1.38730  -1.81728 -1.44545 119 DC B C4    
425 N N4    . DC B 1  ? 8.37486 3.87991  5.62207  1.35477  -1.78096 -1.44681 119 DC B N4    
426 C C5    . DC B 1  ? 8.26877 3.77262  5.72349  1.44925  -1.88097 -1.32746 119 DC B C5    
427 C C6    . DC B 1  ? 8.22406 3.76126  5.83437  1.47848  -1.91194 -1.33409 119 DC B C6    
428 P P     . DC B 2  ? 7.90926 3.65927  6.25792  1.54148  -1.97491 -1.51815 120 DC B P     
429 O OP1   . DC B 2  ? 7.82575 3.64856  6.53000  1.55451  -1.98248 -1.53867 120 DC B OP1   
430 O OP2   . DC B 2  ? 7.90110 3.57708  6.07833  1.59171  -2.02212 -1.37288 120 DC B OP2   
431 O "O5'" . DC B 2  ? 7.96077 3.78950  6.27859  1.48167  -1.92325 -1.65137 120 DC B "O5'" 
432 C "C5'" . DC B 2  ? 8.00489 3.82097  6.08012  1.47626  -1.92296 -1.60461 120 DC B "C5'" 
433 C "C4'" . DC B 2  ? 8.09208 3.94201  5.92645  1.40874  -1.86374 -1.66840 120 DC B "C4'" 
434 O "O4'" . DC B 2  ? 8.11642 3.89941  5.80430  1.40836  -1.85435 -1.61623 120 DC B "O4'" 
435 C "C3'" . DC B 2  ? 8.15167 3.99961  5.71466  1.40097  -1.85932 -1.60502 120 DC B "C3'" 
436 O "O3'" . DC B 2  ? 8.21737 4.14986  5.66152  1.32767  -1.79959 -1.70588 120 DC B "O3'" 
437 C "C2'" . DC B 2  ? 8.20655 3.93852  5.54847  1.43895  -1.87835 -1.45881 120 DC B "C2'" 
438 C "C1'" . DC B 2  ? 8.18002 3.91890  5.55304  1.40160  -1.84081 -1.53448 120 DC B "C1'" 
439 N N1    . DC B 2  ? 8.18653 3.82620  5.42494  1.42831  -1.85152 -1.43148 120 DC B N1    
440 C C2    . DC B 2  ? 8.23695 3.87308  5.37197  1.38423  -1.80381 -1.47799 120 DC B C2    
441 O O2    . DC B 2  ? 8.27298 3.99317  5.43661  1.32450  -1.75566 -1.60561 120 DC B O2    
442 N N3    . DC B 2  ? 8.24680 3.79211  5.25573  1.40467  -1.80909 -1.38650 120 DC B N3    
443 C C4    . DC B 2  ? 8.20889 3.67519  5.19272  1.46425  -1.85951 -1.25584 120 DC B C4    
444 N N4    . DC B 2  ? 8.22384 3.61106  5.08578  1.47549  -1.85809 -1.17838 120 DC B N4    
445 C C5    . DC B 2  ? 8.15586 3.62531  5.24099  1.51158  -1.91118 -1.20306 120 DC B C5    
446 C C6    . DC B 2  ? 8.14666 3.70116  5.35616  1.49247  -1.90502 -1.29296 120 DC B C6    
447 P P     . DG B 3  ? 8.02426 4.10025  5.59434  1.26875  -1.76647 -1.85558 121 DG B P     
448 O OP1   . DG B 3  ? 7.94985 4.04230  5.83417  1.29909  -1.79555 -1.90091 121 DG B OP1   
449 O OP2   . DG B 3  ? 8.16568 4.28228  5.48347  1.24825  -1.75661 -1.80378 121 DG B OP2   
450 O "O5'" . DG B 3  ? 8.06865 4.21979  5.66853  1.19402  -1.70259 -2.00293 121 DG B "O5'" 
451 C "C5'" . DG B 3  ? 8.10064 4.18704  5.54850  1.18927  -1.68493 -1.96275 121 DG B "C5'" 
452 C "C4'" . DG B 3  ? 8.18489 4.36114  5.45978  1.10964  -1.62115 -2.04664 121 DG B "C4'" 
453 O "O4'" . DG B 3  ? 8.23055 4.32290  5.25012  1.11966  -1.61166 -1.94020 121 DG B "O4'" 
454 C "C3'" . DG B 3  ? 8.23146 4.51182  5.37623  1.07149  -1.60515 -2.05975 121 DG B "C3'" 
455 O "O3'" . DG B 3  ? 8.30570 4.69990  5.34175  0.98719  -1.54172 -2.16339 121 DG B "O3'" 
456 C "C2'" . DG B 3  ? 8.24528 4.42209  5.14683  1.12737  -1.63811 -1.87133 121 DG B "C2'" 
457 C "C1'" . DG B 3  ? 8.26127 4.33350  5.06421  1.14076  -1.62578 -1.81908 121 DG B "C1'" 
458 N N9    . DG B 3  ? 8.22419 4.15321  4.98101  1.21595  -1.67259 -1.67135 121 DG B N9    
459 C C8    . DG B 3  ? 8.21643 4.08762  5.06262  1.28113  -1.73186 -1.58610 121 DG B C8    
460 N N7    . DG B 3  ? 8.22614 3.97345  4.99648  1.33472  -1.76081 -1.46181 121 DG B N7    
461 C C5    . DG B 3  ? 8.22911 3.95020  4.86381  1.30141  -1.71539 -1.47387 121 DG B C5    
462 C C6    . DG B 3  ? 8.23672 3.84547  4.74569  1.32525  -1.71298 -1.38258 121 DG B C6    
463 O O6    . DG B 3  ? 8.23814 3.74945  4.72965  1.38105  -1.75302 -1.26997 121 DG B O6    
464 N N1    . DG B 3  ? 8.27519 3.89820  4.67353  1.27224  -1.65378 -1.43875 121 DG B N1    
465 C C2    . DG B 3  ? 8.31753 4.05390  4.72344  1.20547  -1.60611 -1.56371 121 DG B C2    
466 N N2    . DG B 3  ? 8.37661 4.11214  4.66813  1.16103  -1.55221 -1.60039 121 DG B N2    
467 N N3    . DG B 3  ? 8.30499 4.15306  4.82420  1.18029  -1.60837 -1.65055 121 DG B N3    
468 C C4    . DG B 3  ? 8.24529 4.07601  4.87367  1.23074  -1.66281 -1.59982 121 DG B C4    
469 P P     . DT B 4  ? 8.09978 4.61498  4.90251  0.93446  -1.51265 -2.14839 122 DT B P     
470 O OP1   . DT B 4  ? 8.15116 4.82106  4.98078  0.83955  -1.45060 -2.31385 122 DT B OP1   
471 O OP2   . DT B 4  ? 8.07102 4.61756  4.91137  0.96065  -1.55014 -2.10657 122 DT B OP2   
472 O "O5'" . DT B 4  ? 8.14750 4.55702  4.65938  0.96474  -1.50981 -1.98436 122 DT B "O5'" 
473 C "C5'" . DT B 4  ? 8.17133 4.51667  4.63138  0.95388  -1.47970 -1.99456 122 DT B "C5'" 
474 C "C4'" . DT B 4  ? 8.21763 4.45910  4.41442  0.98578  -1.47420 -1.83250 122 DT B "C4'" 
475 O "O4'" . DT B 4  ? 8.16287 4.25000  4.38053  1.06906  -1.52715 -1.70762 122 DT B "O4'" 
476 C "C3'" . DT B 4  ? 8.27843 4.59324  4.25964  0.96974  -1.45986 -1.74667 122 DT B "C3'" 
477 O "O3'" . DT B 4  ? 8.35097 4.63304  4.11339  0.95438  -1.41524 -1.67316 122 DT B "O3'" 
478 C "C2'" . DT B 4  ? 8.27329 4.48823  4.24395  1.04857  -1.51828 -1.60878 122 DT B "C2'" 
479 C "C1'" . DT B 4  ? 8.20326 4.25252  4.22187  1.10147  -1.53812 -1.55980 122 DT B "C1'" 
480 N N1    . DT B 4  ? 8.19010 4.12832  4.28190  1.17868  -1.59989 -1.46310 122 DT B N1    
481 C C2    . DT B 4  ? 8.19840 3.98973  4.22281  1.22619  -1.61133 -1.36125 122 DT B C2    
482 O O2    . DT B 4  ? 8.21749 3.96457  4.12455  1.20669  -1.57015 -1.34964 122 DT B O2    
483 N N3    . DT B 4  ? 8.18684 3.88826  4.28451  1.29408  -1.66963 -1.27477 122 DT B N3    
484 C C4    . DT B 4  ? 8.16744 3.90525  4.40311  1.32240  -1.71792 -1.27717 122 DT B C4    
485 O O4    . DT B 4  ? 8.15983 3.81248  4.45631  1.38468  -1.76987 -1.19181 122 DT B O4    
486 C C5    . DT B 4  ? 8.15732 4.04629  4.46474  1.26983  -1.70052 -1.39114 122 DT B C5    
487 C C7    . DT B 4  ? 8.13623 4.07554  4.60068  1.29172  -1.74418 -1.40953 122 DT B C7    
488 C C6    . DT B 4  ? 8.16887 4.15513  4.40059  1.19862  -1.64240 -1.48095 122 DT B C6    
489 P P     . DA B 5  ? 8.43664 4.85894  3.99277  0.90180  -1.37231 -1.63449 123 DA B P     
490 O OP1   . DA B 5  ? 8.43705 5.05316  4.10984  0.83104  -1.36092 -1.78960 123 DA B OP1   
491 O OP2   . DA B 5  ? 8.44707 4.80007  3.85224  0.95911  -1.39581 -1.45492 123 DA B OP2   
492 O "O5'" . DA B 5  ? 8.50961 4.92270  3.92400  0.86157  -1.30870 -1.63550 123 DA B "O5'" 
493 C "C5'" . DA B 5  ? 8.50342 4.74925  3.90156  0.89703  -1.30105 -1.59497 123 DA B "C5'" 
494 C "C4'" . DA B 5  ? 8.52069 4.61476  3.75682  0.96395  -1.30881 -1.40483 123 DA B "C4'" 
495 O "O4'" . DA B 5  ? 8.44405 4.44221  3.78638  1.03195  -1.37382 -1.35456 123 DA B "O4'" 
496 C "C3'" . DA B 5  ? 8.58900 4.74434  3.62379  0.95974  -1.28387 -1.27767 123 DA B "C3'" 
497 O "O3'" . DA B 5  ? 8.67368 4.80137  3.53480  0.93662  -1.21612 -1.21615 123 DA B "O3'" 
498 C "C2'" . DA B 5  ? 8.54957 4.59057  3.56299  1.03917  -1.33420 -1.13655 123 DA B "C2'" 
499 C "C1'" . DA B 5  ? 8.46536 4.38142  3.65546  1.08272  -1.38206 -1.18583 123 DA B "C1'" 
500 N N9    . DA B 5  ? 8.39093 4.27758  3.69310  1.13630  -1.45040 -1.15335 123 DA B N9    
501 C C8    . DA B 5  ? 8.34983 4.35490  3.78205  1.12207  -1.48429 -1.23019 123 DA B C8    
502 N N7    . DA B 5  ? 8.29497 4.23323  3.81669  1.18154  -1.54333 -1.17712 123 DA B N7    
503 C C5    . DA B 5  ? 8.30363 4.07322  3.74845  1.23652  -1.55017 -1.06087 123 DA B C5    
504 C C6    . DA B 5  ? 8.26948 3.90722  3.74569  1.30971  -1.60130 -0.95882 123 DA B C6    
505 N N6    . DA B 5  ? 8.22377 3.87411  3.82436  1.34597  -1.65975 -0.95148 123 DA B N6    
506 N N1    . DA B 5  ? 8.27423 3.76990  3.65081  1.34115  -1.58696 -0.86695 123 DA B N1    
507 C C2    . DA B 5  ? 8.32922 3.81019  3.58791  1.30400  -1.52452 -0.87613 123 DA B C2    
508 N N3    . DA B 5  ? 8.37013 3.96022  3.58808  1.23957  -1.47431 -0.95985 123 DA B N3    
509 C C4    . DA B 5  ? 8.34878 4.08429  3.66271  1.20781  -1.49146 -1.05029 123 DA B C4    
510 P P     . DC B 6  ? 8.71678 4.67613  3.41190  0.99244  -1.19097 -1.03292 124 DC B P     
511 O OP1   . DC B 6  ? 8.78384 4.70829  3.38872  0.95861  -1.12196 -1.04056 124 DC B OP1   
512 O OP2   . DC B 6  ? 8.74611 4.76064  3.32749  1.01275  -1.19578 -0.90026 124 DC B OP2   
513 O "O5'" . DC B 6  ? 8.64053 4.42317  3.44328  1.05786  -1.24185 -1.01784 124 DC B "O5'" 
514 C "C5'" . DC B 6  ? 8.66225 4.27636  3.37035  1.10312  -1.22306 -0.89994 124 DC B "C5'" 
515 C "C4'" . DC B 6  ? 8.64522 4.19158  3.30120  1.16685  -1.25830 -0.75584 124 DC B "C4'" 
516 O "O4'" . DC B 6  ? 8.56696 4.17663  3.36072  1.18552  -1.33046 -0.80196 124 DC B "O4'" 
517 C "C3'" . DC B 6  ? 8.72046 4.31978  3.20535  1.16640  -1.21870 -0.62322 124 DC B "C3'" 
518 O "O3'" . DC B 6  ? 8.74469 4.18419  3.13010  1.22296  -1.20233 -0.47042 124 DC B "O3'" 
519 C "C2'" . DC B 6  ? 8.67643 4.40236  3.22074  1.17154  -1.27553 -0.63209 124 DC B "C2'" 
520 C "C1'" . DC B 6  ? 8.58400 4.20682  3.28054  1.21798  -1.34194 -0.67254 124 DC B "C1'" 
521 N N1    . DC B 6  ? 8.51376 4.21572  3.33378  1.23362  -1.41021 -0.71010 124 DC B N1    
522 C C2    . DC B 6  ? 8.45583 4.04518  3.32109  1.30157  -1.46463 -0.63142 124 DC B C2    
523 O O2    . DC B 6  ? 8.46672 3.90495  3.26474  1.34177  -1.45328 -0.53874 124 DC B O2    
524 N N3    . DC B 6  ? 8.39227 4.04330  3.37475  1.31888  -1.52482 -0.66034 124 DC B N3    
525 C C4    . DC B 6  ? 8.38790 4.20788  3.44417  1.26738  -1.52786 -0.77092 124 DC B C4    
526 N N4    . DC B 6  ? 8.32683 4.20089  3.50743  1.28418  -1.58291 -0.80173 124 DC B N4    
527 C C5    . DC B 6  ? 8.44810 4.39324  3.45765  1.19304  -1.47154 -0.85883 124 DC B C5    
528 C C6    . DC B 6  ? 8.50882 4.38896  3.39788  1.18057  -1.41577 -0.82017 124 DC B C6    
529 P P     . DA B 7  ? 9.13557 4.41627  3.44677  1.22703  -1.13794 -0.43225 125 DA B P     
530 O OP1   . DA B 7  ? 9.18696 4.40347  3.61897  1.21943  -1.16036 -0.55092 125 DA B OP1   
531 O OP2   . DA B 7  ? 9.18522 4.52853  3.37190  1.18413  -1.05741 -0.39746 125 DA B OP2   
532 O "O5'" . DA B 7  ? 9.06495 4.19292  3.30775  1.29665  -1.14278 -0.27115 125 DA B "O5'" 
533 C "C5'" . DA B 7  ? 8.98044 4.06234  3.31484  1.34777  -1.22255 -0.25671 125 DA B "C5'" 
534 C "C4'" . DA B 7  ? 8.99877 4.02880  3.24256  1.40085  -1.22606 -0.09246 125 DA B "C4'" 
535 O "O4'" . DA B 7  ? 8.92377 4.02160  3.25436  1.42779  -1.30752 -0.10107 125 DA B "O4'" 
536 C "C3'" . DA B 7  ? 9.08741 4.18896  3.19257  1.38570  -1.16374 0.01126  125 DA B "C3'" 
537 O "O3'" . DA B 7  ? 9.16227 4.13347  3.16531  1.39639  -1.08566 0.10560  125 DA B "O3'" 
538 C "C2'" . DA B 7  ? 9.06090 4.19928  3.15168  1.42952  -1.21167 0.11339  125 DA B "C2'" 
539 C "C1'" . DA B 7  ? 8.95934 4.14616  3.20285  1.43475  -1.30091 -0.00192 125 DA B "C1'" 
540 N N9    . DA B 7  ? 8.94471 4.32734  3.24333  1.38483  -1.32295 -0.10525 125 DA B N9    
541 C C8    . DA B 7  ? 8.99530 4.50440  3.26396  1.31949  -1.27648 -0.17932 125 DA B C8    
542 N N7    . DA B 7  ? 8.96932 4.65249  3.30583  1.27973  -1.30777 -0.27425 125 DA B N7    
543 C C5    . DA B 7  ? 8.89658 4.56101  3.31734  1.32380  -1.37885 -0.26092 125 DA B C5    
544 C C6    . DA B 7  ? 8.84199 4.63894  3.36867  1.31026  -1.43446 -0.33818 125 DA B C6    
545 N N6    . DA B 7  ? 8.85613 4.84346  3.41755  1.24191  -1.42413 -0.45152 125 DA B N6    
546 N N1    . DA B 7  ? 8.77582 4.50686  3.37211  1.36668  -1.49736 -0.29536 125 DA B N1    
547 C C2    . DA B 7  ? 8.76505 4.31538  3.32281  1.43004  -1.50511 -0.18460 125 DA B C2    
548 N N3    . DA B 7  ? 8.81430 4.23209  3.27329  1.44502  -1.45425 -0.10974 125 DA B N3    
549 C C4    . DA B 7  ? 8.87942 4.36088  3.27585  1.38997  -1.39123 -0.15393 125 DA B C4    
550 P P     . DG C 1  ? 6.01257 7.64098  3.89702  1.61430  -0.68413 -0.43302 209 DG C P     
551 O OP1   . DG C 1  ? 5.84635 7.92388  3.96258  1.58165  -0.70860 -0.61313 209 DG C OP1   
552 O OP2   . DG C 1  ? 6.04296 7.78575  3.96091  1.57806  -0.62039 -0.40663 209 DG C OP2   
553 O "O5'" . DG C 1  ? 6.19228 7.25281  4.03059  1.67301  -0.87877 -0.54530 209 DG C "O5'" 
554 C "C5'" . DG C 1  ? 6.21286 7.07296  4.02010  1.70759  -0.97869 -0.60945 209 DG C "C5'" 
555 C "C4'" . DG C 1  ? 6.41752 6.58586  3.97511  1.76609  -1.07769 -0.53073 209 DG C "C4'" 
556 O "O4'" . DG C 1  ? 6.51518 6.45643  4.21757  1.78582  -1.28631 -0.77095 209 DG C "O4'" 
557 C "C3'" . DG C 1  ? 6.45102 6.31657  3.78241  1.79947  -1.06595 -0.40252 209 DG C "C3'" 
558 O "O3'" . DG C 1  ? 6.56443 6.02691  3.57656  1.82700  -0.96492 -0.13616 209 DG C "O3'" 
559 C "C2'" . DG C 1  ? 6.57789 6.06348  3.94073  1.83139  -1.28446 -0.60238 209 DG C "C2'" 
560 C "C1'" . DG C 1  ? 6.55368 6.25294  4.21786  1.81547  -1.40768 -0.85699 209 DG C "C1'" 
561 N N9    . DG C 1  ? 6.37663 6.54813  4.34095  1.78872  -1.45905 -1.08427 209 DG C N9    
562 C C8    . DG C 1  ? 6.20637 6.92414  4.46895  1.74417  -1.42753 -1.23762 209 DG C C8    
563 N N7    . DG C 1  ? 6.04722 7.08240  4.52589  1.72886  -1.48713 -1.43222 209 DG C N7    
564 C C5    . DG C 1  ? 6.12881 6.80382  4.44211  1.76527  -1.56770 -1.40425 209 DG C C5    
565 C C6    . DG C 1  ? 6.08285 6.85658  4.49579  1.76662  -1.65636 -1.55497 209 DG C C6    
566 O O6    . DG C 1  ? 5.93331 7.14788  4.61352  1.73824  -1.68421 -1.75400 209 DG C O6    
567 N N1    . DG C 1  ? 6.25843 6.54143  4.41587  1.80225  -1.71410 -1.45743 209 DG C N1    
568 C C2    . DG C 1  ? 6.44367 6.21277  4.28939  1.83198  -1.68198 -1.24290 209 DG C C2    
569 N N2    . DG C 1  ? 6.61000 5.94710  4.23172  1.85664  -1.73778 -1.17963 209 DG C N2    
570 N N3    . DG C 1  ? 6.47603 6.14928  4.22863  1.83412  -1.60039 -1.10388 209 DG C N3    
571 C C4    . DG C 1  ? 6.33648 6.48028  4.33374  1.80009  -1.54864 -1.19258 209 DG C C4    
572 P P     . DG C 2  ? 6.42528 5.80543  3.19926  1.84255  -0.81575 0.11154  210 DG C P     
573 O OP1   . DG C 2  ? 6.55375 5.41175  3.15836  1.87855  -0.92905 0.08903  210 DG C OP1   
574 O OP2   . DG C 2  ? 6.38587 5.69227  2.96954  1.84815  -0.65587 0.36075  210 DG C OP2   
575 O "O5'" . DG C 2  ? 6.22558 6.27748  3.21453  1.79943  -0.72245 0.07395  210 DG C "O5'" 
576 C "C5'" . DG C 2  ? 6.16283 6.27784  3.15496  1.80109  -0.73258 0.05584  210 DG C "C5'" 
577 C "C4'" . DG C 2  ? 6.27053 6.22065  3.38445  1.80892  -0.93613 -0.20102 210 DG C "C4'" 
578 O "O4'" . DG C 2  ? 6.16636 6.60185  3.59694  1.77160  -0.99229 -0.42682 210 DG C "O4'" 
579 C "C3'" . DG C 2  ? 6.27825 6.13465  3.34515  1.81500  -0.98060 -0.22935 210 DG C "C3'" 
580 O "O3'" . DG C 2  ? 6.47007 5.64975  3.24754  1.85594  -1.03766 -0.13792 210 DG C "O3'" 
581 C "C2'" . DG C 2  ? 6.25209 6.33576  3.59865  1.79734  -1.14783 -0.53643 210 DG C "C2'" 
582 C "C1'" . DG C 2  ? 6.21111 6.52741  3.75043  1.78184  -1.16702 -0.64791 210 DG C "C1'" 
583 N N9    . DG C 2  ? 6.12570 6.99267  3.99094  1.74158  -1.20223 -0.87211 210 DG C N9    
584 C C8    . DG C 2  ? 6.09440 7.34476  4.15921  1.70746  -1.16042 -0.95231 210 DG C C8    
585 N N7    . DG C 2  ? 6.03708 7.72898  4.37451  1.67292  -1.20225 -1.16675 210 DG C N7    
586 C C5    . DG C 2  ? 6.03384 7.62880  4.35038  1.68714  -1.28181 -1.23017 210 DG C C5    
587 C C6    . DG C 2  ? 5.97479 7.89227  4.50657  1.66431  -1.35480 -1.44223 210 DG C C6    
588 O O6    . DG C 2  ? 5.85895 8.23172  4.65425  1.62617  -1.35896 -1.62498 210 DG C O6    
589 N N1    . DG C 2  ? 6.02293 7.67956  4.43025  1.68626  -1.42326 -1.43048 210 DG C N1    
590 C C2    . DG C 2  ? 6.12312 7.27258  4.23769  1.72244  -1.41609 -1.24203 210 DG C C2    
591 N N2    . DG C 2  ? 6.14301 7.09846  4.16847  1.73155  -1.48214 -1.26087 210 DG C N2    
592 N N3    . DG C 2  ? 6.15592 7.00193  4.07085  1.74470  -1.34495 -1.04890 210 DG C N3    
593 C C4    . DG C 2  ? 6.11042 7.19813  4.13885  1.72728  -1.28388 -1.05250 210 DG C C4    
594 P P     . DC C 3  ? 6.47183 5.42335  2.99541  1.86825  -0.92004 0.08346  211 DC C P     
595 O OP1   . DC C 3  ? 6.72407 4.97904  2.98573  1.89970  -1.01515 0.10628  211 DC C OP1   
596 O OP2   . DC C 3  ? 6.36204 5.53448  2.81046  1.86679  -0.71292 0.32682  211 DC C OP2   
597 O "O5'" . DC C 3  ? 6.36851 5.71115  3.06334  1.83748  -0.93674 -0.02678 211 DC C "O5'" 
598 C "C5'" . DC C 3  ? 6.42169 5.81881  3.29990  1.82616  -1.11979 -0.29857 211 DC C "C5'" 
599 C "C4'" . DC C 3  ? 6.30435 6.05292  3.29677  1.79520  -1.10329 -0.35233 211 DC C "C4'" 
600 O "O4'" . DC C 3  ? 6.15667 6.42894  3.46040  1.76379  -1.16208 -0.56727 211 DC C "O4'" 
601 C "C3'" . DC C 3  ? 6.15031 6.17521  3.07835  1.78051  -0.90253 -0.12082 211 DC C "C3'" 
602 O "O3'" . DC C 3  ? 6.14589 6.20006  3.05789  1.76361  -0.91133 -0.13205 211 DC C "O3'" 
603 C "C2'" . DC C 3  ? 5.95004 6.60463  3.12312  1.74684  -0.83515 -0.16859 211 DC C "C2'" 
604 C "C1'" . DC C 3  ? 5.95094 6.77231  3.35727  1.72837  -1.00547 -0.46765 211 DC C "C1'" 
605 N N1    . DC C 3  ? 5.82858 7.07291  3.46359  1.70360  -1.00057 -0.58652 211 DC C N1    
606 C C2    . DC C 3  ? 5.68263 7.36341  3.57590  1.66687  -1.06422 -0.80407 211 DC C C2    
607 O O2    . DC C 3  ? 5.66417 7.36343  3.58402  1.65788  -1.12786 -0.88718 211 DC C O2    
608 N N3    . DC C 3  ? 5.55870 7.62415  3.65993  1.63872  -1.05016 -0.91851 211 DC C N3    
609 C C4    . DC C 3  ? 5.59748 7.61805  3.65299  1.64488  -0.98021 -0.82012 211 DC C C4    
610 N N4    . DC C 3  ? 5.56177 7.97146  3.82586  1.60902  -0.96247 -0.94136 211 DC C N4    
611 C C5    . DC C 3  ? 5.75157 7.32181  3.53962  1.68446  -0.92069 -0.59402 211 DC C C5    
612 C C6    . DC C 3  ? 5.85236 7.04707  3.43911  1.71355  -0.93220 -0.48687 211 DC C C6    
613 P P     . DT C 4  ? 6.34172 6.46965  3.11861  1.75928  -0.72886 0.12283  212 DT C P     
614 O OP1   . DT C 4  ? 6.47698 6.16389  3.06580  1.76532  -0.76936 0.14863  212 DT C OP1   
615 O OP2   . DT C 4  ? 6.28018 6.35764  2.94460  1.78409  -0.59034 0.33063  212 DT C OP2   
616 O "O5'" . DT C 4  ? 6.13008 6.94065  3.15550  1.71227  -0.68211 0.06434  212 DT C "O5'" 
617 C "C5'" . DT C 4  ? 6.05658 7.02665  3.06138  1.69188  -0.60000 0.16949  212 DT C "C5'" 
618 C "C4'" . DT C 4  ? 5.93677 7.40052  3.17801  1.64357  -0.65939 -0.00496 212 DT C "C4'" 
619 O "O4'" . DT C 4  ? 5.90984 7.57897  3.33949  1.63271  -0.76315 -0.22120 212 DT C "O4'" 
620 C "C3'" . DT C 4  ? 5.69792 7.69856  3.03982  1.61057  -0.51736 0.12677  212 DT C "C3'" 
621 O "O3'" . DT C 4  ? 5.68293 7.76559  3.04409  1.58217  -0.53403 0.10821  212 DT C "O3'" 
622 C "C2'" . DT C 4  ? 5.54921 8.05156  3.11682  1.57743  -0.53450 -0.01129 212 DT C "C2'" 
623 C "C1'" . DT C 4  ? 5.68960 7.97268  3.32661  1.58801  -0.70743 -0.26343 212 DT C "C1'" 
624 N N1    . DT C 4  ? 5.64068 8.09136  3.38179  1.58742  -0.70267 -0.32602 212 DT C N1    
625 C C2    . DT C 4  ? 5.51469 8.38327  3.49441  1.54848  -0.76223 -0.53923 212 DT C C2    
626 O O2    . DT C 4  ? 5.42819 8.54416  3.53998  1.51559  -0.82410 -0.68548 212 DT C O2    
627 N N3    . DT C 4  ? 5.48897 8.46388  3.54202  1.54740  -0.74287 -0.57546 212 DT C N3    
628 C C4    . DT C 4  ? 5.57712 8.29666  3.49055  1.57928  -0.67705 -0.42245 212 DT C C4    
629 O O4    . DT C 4  ? 5.58555 8.42548  3.57834  1.57050  -0.66436 -0.46956 212 DT C O4    
630 C C5    . DT C 4  ? 5.69194 7.97901  3.35534  1.62135  -0.62214 -0.20641 212 DT C C5    
631 C C7    . DT C 4  ? 5.77023 7.74782  3.25885  1.65772  -0.54775 -0.03007 212 DT C C7    
632 C C6    . DT C 4  ? 5.71459 7.89039  3.30650  1.62328  -0.63380 -0.16942 212 DT C C6    
633 P P     . DG C 5  ? 5.87211 8.53249  3.46399  1.52326  -0.56407 -0.02772 213 DG C P     
634 O OP1   . DG C 5  ? 5.90102 8.63863  3.64597  1.50913  -0.71759 -0.30593 213 DG C OP1   
635 O OP2   . DG C 5  ? 5.88848 8.50267  3.42548  1.50468  -0.54717 0.03610  213 DG C OP2   
636 O "O5'" . DG C 5  ? 5.63137 8.78660  3.30788  1.50522  -0.41458 0.12481  213 DG C "O5'" 
637 C "C5'" . DG C 5  ? 5.45412 9.12581  3.27562  1.45335  -0.37686 0.12037  213 DG C "C5'" 
638 C "C4'" . DG C 5  ? 5.42001 9.36091  3.42967  1.41032  -0.50472 -0.15510 213 DG C "C4'" 
639 O "O4'" . DG C 5  ? 5.45256 9.35301  3.52254  1.42329  -0.56008 -0.29202 213 DG C "O4'" 
640 C "C3'" . DG C 5  ? 5.20362 9.74264  3.37223  1.34963  -0.45536 -0.16903 213 DG C "C3'" 
641 O "O3'" . DG C 5  ? 5.18726 9.89881  3.49868  1.31118  -0.57630 -0.41331 213 DG C "O3'" 
642 C "C2'" . DG C 5  ? 5.12506 9.88440  3.33759  1.34567  -0.38433 -0.13597 213 DG C "C2'" 
643 C "C1'" . DG C 5  ? 5.26474 9.64832  3.45486  1.38548  -0.47946 -0.27655 213 DG C "C1'" 
644 N N9    . DG C 5  ? 5.28958 9.52418  3.38019  1.41908  -0.39365 -0.12906 213 DG C N9    
645 C C8    . DG C 5  ? 5.37715 9.21453  3.26861  1.47150  -0.32397 0.08242  213 DG C C8    
646 N N7    . DG C 5  ? 5.38494 9.16752  3.21919  1.49110  -0.25604 0.17808  213 DG C N7    
647 C C5    . DG C 5  ? 5.28592 9.46057  3.29533  1.44553  -0.27926 0.02024  213 DG C C5    
648 C C6    . DG C 5  ? 5.25284 9.55709  3.28914  1.43554  -0.22846 0.03010  213 DG C C6    
649 O O6    . DG C 5  ? 5.29764 9.38118  3.19923  1.46899  -0.15561 0.18962  213 DG C O6    
650 N N1    . DG C 5  ? 5.15445 9.88832  3.39324  1.37647  -0.26586 -0.17243 213 DG C N1    
651 C C2    . DG C 5  ? 5.08467 10.07833 3.47540  1.33658  -0.34514 -0.35956 213 DG C C2    
652 N N2    . DG C 5  ? 4.97618 10.36609 3.54790  1.28039  -0.36320 -0.54394 213 DG C N2    
653 N N3    . DG C 5  ? 5.11683 9.98423  3.47833  1.34778  -0.39893 -0.36622 213 DG C N3    
654 C C4    . DG C 5  ? 5.22484 9.68292  3.39434  1.40139  -0.36111 -0.17117 213 DG C C4    
655 P P     . DC C 6  ? 5.19522 10.26142 3.58702  1.25419  -0.57496 -0.42278 214 DC C P     
656 O OP1   . DC C 6  ? 5.29045 10.16772 3.71999  1.24848  -0.72897 -0.64657 214 DC C OP1   
657 O OP2   . DC C 6  ? 5.22203 10.22853 3.49409  1.26734  -0.45776 -0.15485 214 DC C OP2   
658 O "O5'" . DC C 6  ? 5.04381 10.69628 3.60637  1.19220  -0.52884 -0.48680 214 DC C "O5'" 
659 C "C5'" . DC C 6  ? 5.00112 10.82532 3.56714  1.18455  -0.39112 -0.31240 214 DC C "C5'" 
660 C "C4'" . DC C 6  ? 4.89396 11.13891 3.64559  1.11852  -0.36707 -0.43498 214 DC C "C4'" 
661 O "O4'" . DC C 6  ? 4.89597 11.05508 3.61690  1.14822  -0.36339 -0.47826 214 DC C "O4'" 
662 C "C3'" . DC C 6  ? 4.82248 11.41053 3.65806  1.05956  -0.23646 -0.25604 214 DC C "C3'" 
663 O "O3'" . DC C 6  ? 4.76708 11.68725 3.75031  0.98834  -0.26081 -0.36439 214 DC C "O3'" 
664 C "C2'" . DC C 6  ? 4.77542 11.50134 3.65060  1.04301  -0.16872 -0.23616 214 DC C "C2'" 
665 C "C1'" . DC C 6  ? 4.84267 11.21957 3.59565  1.11472  -0.23037 -0.31816 214 DC C "C1'" 
666 N N1    . DC C 6  ? 4.90838 10.93140 3.49197  1.17777  -0.15689 -0.08833 214 DC C N1    
667 C C2    . DC C 6  ? 4.92420 10.85511 3.46179  1.19622  -0.11033 -0.04563 214 DC C C2    
668 O O2    . DC C 6  ? 4.87920 11.04583 3.51419  1.15925  -0.12543 -0.19541 214 DC C O2    
669 N N3    . DC C 6  ? 4.99734 10.56818 3.38996  1.25020  -0.04448 0.16101  214 DC C N3    
670 C C4    . DC C 6  ? 5.05228 10.36940 3.35558  1.28442  -0.02127 0.30999  214 DC C C4    
671 N N4    . DC C 6  ? 5.13273 10.07798 3.31218  1.33108  0.04891  0.50022  214 DC C N4    
672 C C5    . DC C 6  ? 5.03485 10.46038 3.37964  1.26643  -0.06476 0.26812  214 DC C C5    
673 C C6    . DC C 6  ? 4.96380 10.73559 3.44355  1.21397  -0.13380 0.07279  214 DC C C6    
674 O "O5'" . DT D 1  ? 9.21078 5.39129  8.18979  2.31801  1.25158  3.15916  103 DT D "O5'" 
675 C "C5'" . DT D 1  ? 9.20206 5.25346  8.27813  2.28129  1.37018  3.09449  103 DT D "C5'" 
676 C "C4'" . DT D 1  ? 9.13474 5.23725  8.35136  2.19344  1.42589  3.14417  103 DT D "C4'" 
677 O "O4'" . DT D 1  ? 9.10712 5.15050  8.33673  2.15538  1.55884  3.09767  103 DT D "O4'" 
678 C "C3'" . DT D 1  ? 9.13683 5.14106  8.61429  2.14347  1.38766  3.12814  103 DT D "C3'" 
679 O "O3'" . DT D 1  ? 9.07745 5.19954  8.62344  2.07582  1.37921  3.21261  103 DT D "O3'" 
680 C "C2'" . DT D 1  ? 9.13477 4.97644  8.74726  2.10686  1.49507  3.02630  103 DT D "C2'" 
681 C "C1'" . DT D 1  ? 9.08266 5.02474  8.56258  2.08186  1.59814  3.06275  103 DT D "C1'" 
682 N N1    . DT D 1  ? 9.08114 4.89414  8.60562  2.04778  1.72189  2.97205  103 DT D N1    
683 C C2    . DT D 1  ? 9.01749 4.89393  8.53476  1.98677  1.82403  2.99453  103 DT D C2    
684 O O2    . DT D 1  ? 8.95928 4.99968  8.43108  1.96119  1.81959  3.08453  103 DT D O2    
685 N N3    . DT D 1  ? 9.02660 4.76891  8.58426  1.95166  1.92966  2.90143  103 DT D N3    
686 C C4    . DT D 1  ? 9.09016 4.64919  8.69745  1.96383  1.94237  2.78911  103 DT D C4    
687 O O4    . DT D 1  ? 9.09535 4.54630  8.73254  1.91727  2.03797  2.70713  103 DT D O4    
688 C C5    . DT D 1  ? 9.15133 4.65810  8.76859  2.02886  1.83171  2.76988  103 DT D C5    
689 C C7    . DT D 1  ? 9.22204 4.54214  8.88902  2.04325  1.82996  2.64519  103 DT D C7    
690 C C6    . DT D 1  ? 9.14328 4.77653  8.72197  2.06851  1.72878  2.86209  103 DT D C6    
691 P P     . DG D 2  ? 9.08591 5.33644  8.59099  2.07653  1.24640  3.30854  104 DG D P     
692 O OP1   . DG D 2  ? 9.11837 5.45792  8.39109  2.15234  1.19207  3.32635  104 DG D OP1   
693 O OP2   . DG D 2  ? 9.11689 5.24885  8.84087  2.05301  1.17006  3.28344  104 DG D OP2   
694 O "O5'" . DG D 2  ? 9.01008 5.42561  8.49301  1.99988  1.28185  3.39732  104 DG D "O5'" 
695 C "C5'" . DG D 2  ? 8.99776 5.46499  8.58667  1.93666  1.20393  3.46527  104 DG D "C5'" 
696 C "C4'" . DG D 2  ? 8.94967 5.33944  8.76978  1.85549  1.26857  3.43970  104 DG D "C4'" 
697 O "O4'" . DG D 2  ? 8.92853 5.23045  8.77437  1.86428  1.39573  3.35751  104 DG D "O4'" 
698 C "C3'" . DG D 2  ? 8.98464 5.22341  9.04128  1.83473  1.19374  3.39509  104 DG D "C3'" 
699 O "O3'" . DG D 2  ? 8.98119 5.28235  9.10460  1.77074  1.09621  3.47328  104 DG D "O3'" 
700 C "C2'" . DG D 2  ? 8.94492 5.05260  9.20332  1.79290  1.29989  3.29694  104 DG D "C2'" 
701 C "C1'" . DG D 2  ? 8.91038 5.07251  9.01259  1.80880  1.42952  3.28687  104 DG D "C1'" 
702 N N9    . DG D 2  ? 8.94124 4.95283  9.07108  1.84615  1.49558  3.17548  104 DG D N9    
703 C C8    . DG D 2  ? 9.01472 4.91421  9.12907  1.91549  1.44026  3.11219  104 DG D C8    
704 N N7    . DG D 2  ? 9.03109 4.80135  9.17646  1.92419  1.51994  3.00760  104 DG D N7    
705 C C5    . DG D 2  ? 8.96456 4.76245  9.14754  1.85652  1.63611  3.00327  104 DG D C5    
706 C C6    . DG D 2  ? 8.95297 4.65016  9.17130  1.82497  1.75569  2.90892  104 DG D C6    
707 O O6    . DG D 2  ? 9.00368 4.56148  9.22272  1.84957  1.78211  2.80637  104 DG D O6    
708 N N1    . DG D 2  ? 8.87542 4.64965  9.12680  1.75041  1.84665  2.93903  104 DG D N1    
709 C C2    . DG D 2  ? 8.81614 4.74859  9.06480  1.71241  1.82263  3.04631  104 DG D C2    
710 N N2    . DG D 2  ? 8.74242 4.73398  9.02876  1.63877  1.91867  3.05512  104 DG D N2    
711 N N3    . DG D 2  ? 8.83043 4.85517  9.04206  1.73758  1.70861  3.13347  104 DG D N3    
712 C C4    . DG D 2  ? 8.90617 4.85545  9.08337  1.81034  1.62189  3.10673  104 DG D C4    
713 P P     . DA D 3  ? 8.90556 5.31891  9.07467  1.66963  1.13562  3.53863  105 DA D P     
714 O OP1   . DA D 3  ? 8.87426 5.47703  8.80043  1.67567  1.17321  3.60999  105 DA D OP1   
715 O OP2   . DA D 3  ? 8.93674 5.32122  9.22197  1.61699  1.01115  3.57659  105 DA D OP2   
716 O "O5'" . DA D 3  ? 8.84075 5.15386  9.21259  1.62303  1.26300  3.44993  105 DA D "O5'" 
717 C "C5'" . DA D 3  ? 8.76594 5.17279  9.07173  1.58840  1.39313  3.45999  105 DA D "C5'" 
718 C "C4'" . DA D 3  ? 8.71071 5.00606  9.24330  1.52847  1.49208  3.36775  105 DA D "C4'" 
719 O "O4'" . DA D 3  ? 8.73382 4.91475  9.24849  1.58149  1.57297  3.27136  105 DA D "O4'" 
720 C "C3'" . DA D 3  ? 8.71147 4.88351  9.52266  1.47349  1.42023  3.31288  105 DA D "C3'" 
721 O "O3'" . DA D 3  ? 8.64816 4.88865  9.57566  1.37421  1.41179  3.35561  105 DA D "O3'" 
722 C "C2'" . DA D 3  ? 8.70192 4.71624  9.67457  1.47306  1.49880  3.17214  105 DA D "C2'" 
723 C "C1'" . DA D 3  ? 8.70651 4.74736  9.47650  1.52616  1.61224  3.16301  105 DA D "C1'" 
724 N N9    . DA D 3  ? 8.76377 4.66013  9.54461  1.58453  1.62195  3.06144  105 DA D N9    
725 C C8    . DA D 3  ? 8.84221 4.67825  9.57735  1.65919  1.52398  3.05038  105 DA D C8    
726 N N7    . DA D 3  ? 8.88135 4.58500  9.63837  1.69460  1.55772  2.94160  105 DA D N7    
727 C C5    . DA D 3  ? 8.82699 4.49938  9.64744  1.63487  1.68599  2.87725  105 DA D C5    
728 C C6    . DA D 3  ? 8.83697 4.38411  9.69821  1.62406  1.77427  2.75219  105 DA D C6    
729 N N6    . DA D 3  ? 8.90785 4.33449  9.75185  1.67841  1.74394  2.66671  105 DA D N6    
730 N N1    . DA D 3  ? 8.77272 4.32471  9.69108  1.54806  1.89131  2.71417  105 DA D N1    
731 C C2    . DA D 3  ? 8.70070 4.37856  9.63529  1.49255  1.91813  2.79760  105 DA D C2    
732 N N3    . DA D 3  ? 8.68403 4.48747  9.58495  1.49587  1.84151  2.91652  105 DA D N3    
733 C C4    . DA D 3  ? 8.75210 4.54287  9.59450  1.56758  1.72599  2.95022  105 DA D C4    
734 P P     . DC D 4  ? 8.54904 4.82667  9.57254  1.29260  1.54521  3.32151  106 DC D P     
735 O OP1   . DC D 4  ? 8.52812 4.91054  9.32675  1.32796  1.65508  3.35321  106 DC D OP1   
736 O OP2   . DC D 4  ? 8.51368 4.84937  9.64592  1.20476  1.47760  3.37427  106 DC D OP2   
737 O "O5'" . DC D 4  ? 8.53064 4.63238  9.79416  1.27110  1.60124  3.16559  106 DC D "O5'" 
738 C "C5'" . DC D 4  ? 8.45302 4.55652  9.79152  1.20982  1.73749  3.10152  106 DC D "C5'" 
739 C "C4'" . DC D 4  ? 8.44230 4.38470  9.98877  1.18536  1.78097  2.93946  106 DC D "C4'" 
740 O "O4'" . DC D 4  ? 8.50668 4.36540  9.92842  1.26620  1.81957  2.88783  106 DC D "O4'" 
741 C "C3'" . DC D 4  ? 8.45356 4.28523  10.24680 1.15712  1.66663  2.85318  106 DC D "C3'" 
742 O "O3'" . DC D 4  ? 8.38288 4.24923  10.36647 1.05765  1.63418  2.84614  106 DC D "O3'" 
743 C "C2'" . DC D 4  ? 8.45689 4.15543  10.35230 1.15855  1.72961  2.69311  106 DC D "C2'" 
744 C "C1'" . DC D 4  ? 8.50873 4.21858  10.14095 1.24036  1.81365  2.73366  106 DC D "C1'" 
745 N N1    . DC D 4  ? 8.59934 4.21886  10.16162 1.33005  1.74545  2.70327  106 DC D N1    
746 C C2    . DC D 4  ? 8.62981 4.13413  10.18990 1.34900  1.80647  2.58271  106 DC D C2    
747 O O2    . DC D 4  ? 8.58232 4.06359  10.18998 1.28785  1.91803  2.50701  106 DC D O2    
748 N N3    . DC D 4  ? 8.71354 4.13864  10.20536 1.43022  1.74039  2.55318  106 DC D N3    
749 C C4    . DC D 4  ? 8.76296 4.22011  10.20030 1.48974  1.61802  2.63577  106 DC D C4    
750 N N4    . DC D 4  ? 8.84370 4.22367  10.21396 1.56801  1.55504  2.59984  106 DC D N4    
751 C C5    . DC D 4  ? 8.73566 4.30758  10.17144 1.46725  1.55286  2.75865  106 DC D C5    
752 C C6    . DC D 4  ? 8.65491 4.30343  10.15370 1.38697  1.61895  2.78787  106 DC D C6    
753 P P     . DT D 5  ? 8.29453 4.10633  10.53086 0.95742  1.69871  2.69632  107 DT D P     
754 O OP1   . DT D 5  ? 8.25477 4.09213  10.40448 0.94436  1.85967  2.66648  107 DT D OP1   
755 O OP2   . DT D 5  ? 8.24970 4.11803  10.60580 0.88234  1.62589  2.73591  107 DT D OP2   
756 O "O5'" . DT D 5  ? 8.32495 3.98348  10.75038 0.96630  1.62203  2.53273  107 DT D "O5'" 
757 C "C5'" . DT D 5  ? 8.25503 3.85740  10.92260 0.87994  1.63791  2.36670  107 DT D "C5'" 
758 C "C4'" . DT D 5  ? 8.21850 3.79820  10.87291 0.85508  1.78726  2.26903  107 DT D "C4'" 
759 O "O4'" . DT D 5  ? 8.29866 3.83495  10.75357 0.94807  1.82677  2.29917  107 DT D "O4'" 
760 C "C3'" . DT D 5  ? 8.18034 3.67309  11.05266 0.79484  1.77784  2.06200  107 DT D "C3'" 
761 O "O3'" . DT D 5  ? 8.12843 3.62736  10.99443 0.73841  1.92352  1.98072  107 DT D "O3'" 
762 C "C2'" . DT D 5  ? 8.27074 3.66457  11.09540 0.87994  1.70546  2.01843  107 DT D "C2'" 
763 C "C1'" . DT D 5  ? 8.33119 3.74832  10.88686 0.96107  1.78992  2.14612  107 DT D "C1'" 
764 N N1    . DT D 5  ? 8.43295 3.80261  10.86408 1.06913  1.69666  2.20255  107 DT D N1    
765 C C2    . DT D 5  ? 8.49537 3.77709  10.84400 1.12461  1.72188  2.13001  107 DT D C2    
766 O O2    . DT D 5  ? 8.47772 3.71246  10.84144 1.08807  1.81607  2.02191  107 DT D O2    
767 N N3    . DT D 5  ? 8.58394 3.83612  10.82062 1.22140  1.62724  2.18994  107 DT D N3    
768 C C4    . DT D 5  ? 8.61656 3.91680  10.81415 1.26254  1.51306  2.30871  107 DT D C4    
769 O O4    . DT D 5  ? 8.69690 3.96938  10.78821 1.34599  1.43217  2.35044  107 DT D O4    
770 C C5    . DT D 5  ? 8.55351 3.93950  10.83441 1.19609  1.49140  2.37920  107 DT D C5    
771 C C7    . DT D 5  ? 8.59143 4.03076  10.82109 1.22313  1.36551  2.50867  107 DT D C7    
772 C C6    . DT D 5  ? 8.46533 3.88054  10.86064 1.10566  1.58247  2.32289  107 DT D C6    
773 P P     . DG D 6  ? 8.04744 3.51855  11.14442 0.63281  1.93854  1.77366  108 DG D P     
774 O OP1   . DG D 6  ? 7.95770 3.52031  11.07632 0.54569  2.04601  1.78675  108 DG D OP1   
775 O OP2   . DG D 6  ? 8.04661 3.47890  11.32630 0.62414  1.78503  1.68776  108 DG D OP2   
776 O "O5'" . DG D 6  ? 8.09103 3.47152  11.12712 0.65088  2.00232  1.65347  108 DG D "O5'" 
777 C "C5'" . DG D 6  ? 8.18733 3.48148  11.14410 0.74411  1.93224  1.65102  108 DG D "C5'" 
778 C "C4'" . DG D 6  ? 8.20775 3.41517  11.19322 0.72590  1.95843  1.47756  108 DG D "C4'" 
779 O "O4'" . DG D 6  ? 8.29952 3.42789  11.23108 0.81753  1.86408  1.47243  108 DG D "O4'" 
780 C "C3'" . DG D 6  ? 8.13635 3.34129  11.35209 0.63500  1.90856  1.28427  108 DG D "C3'" 
781 O "O3'" . DG D 6  ? 8.16350 3.29844  11.36053 0.61779  1.94512  1.13552  108 DG D "O3'" 
782 C "C2'" . DG D 6  ? 8.16976 3.35057  11.47258 0.68803  1.74282  1.29066  108 DG D "C2'" 
783 C "C1'" . DG D 6  ? 8.28119 3.39630  11.40024 0.80272  1.72399  1.38077  108 DG D "C1'" 
784 N N9    . DG D 6  ? 8.33308 3.45951  11.39688 0.88123  1.62057  1.52640  108 DG D N9    
785 C C8    . DG D 6  ? 8.30164 3.49882  11.39557 0.86737  1.57850  1.64226  108 DG D C8    
786 N N7    . DG D 6  ? 8.37104 3.56358  11.37578 0.94601  1.48340  1.76371  108 DG D N7    
787 C C5    . DG D 6  ? 8.44959 3.56554  11.36456 1.02012  1.46428  1.72558  108 DG D C5    
788 C C6    . DG D 6  ? 8.54399 3.62553  11.33923 1.11943  1.37201  1.80727  108 DG D C6    
789 O O6    . DG D 6  ? 8.57990 3.69464  11.31640 1.16027  1.28530  1.93580  108 DG D O6    
790 N N1    . DG D 6  ? 8.60242 3.60443  11.33536 1.16835  1.38393  1.72324  108 DG D N1    
791 C C2    . DG D 6  ? 8.57693 3.53629  11.35126 1.12201  1.47166  1.58005  108 DG D C2    
792 N N2    . DG D 6  ? 8.64827 3.52880  11.34114 1.17615  1.46525  1.51654  108 DG D N2    
793 N N3    . DG D 6  ? 8.49053 3.48368  11.37131 1.02527  1.55600  1.50230  108 DG D N3    
794 C C4    . DG D 6  ? 8.42879 3.50081  11.37784 0.98130  1.54838  1.58083  108 DG D C4    
795 P P     . DT D 7  ? 8.08029 3.23877  11.41860 0.49555  1.98748  0.93720  109 DT D P     
796 O OP1   . DT D 7  ? 8.12143 3.22789  11.31763 0.47996  2.09808  0.89081  109 DT D OP1   
797 O OP2   . DT D 7  ? 7.97517 3.23294  11.44272 0.41256  2.00528  0.94166  109 DT D OP2   
798 O "O5'" . DT D 7  ? 8.09110 3.21020  11.56692 0.50275  1.84506  0.78236  109 DT D "O5'" 
799 C "C5'" . DT D 7  ? 8.08163 3.21693  11.66914 0.53038  1.71053  0.80021  109 DT D "C5'" 
800 C "C4'" . DT D 7  ? 8.16670 3.22185  11.73285 0.61283  1.58921  0.75981  109 DT D "C4'" 
801 O "O4'" . DT D 7  ? 8.25352 3.26960  11.66896 0.71782  1.57846  0.93266  109 DT D "O4'" 
802 C "C3'" . DT D 7  ? 8.15522 3.21392  11.85043 0.61734  1.43622  0.69685  109 DT D "C3'" 
803 O "O3'" . DT D 7  ? 8.09792 3.17914  11.90924 0.54277  1.41187  0.50639  109 DT D "O3'" 
804 C "C2'" . DT D 7  ? 8.26251 3.23752  11.86455 0.72335  1.34404  0.73197  109 DT D "C2'" 
805 C "C1'" . DT D 7  ? 8.31117 3.28181  11.75232 0.78535  1.42770  0.92492  109 DT D "C1'" 
806 N N1    . DT D 7  ? 8.32478 3.32797  11.74215 0.82805  1.36962  1.09684  109 DT D N1    
807 C C2    . DT D 7  ? 8.41634 3.37770  11.72116 0.92794  1.29251  1.20719  109 DT D C2    
808 O O2    . DT D 7  ? 8.48747 3.38359  11.71295 0.98899  1.27017  1.17387  109 DT D O2    
809 N N3    . DT D 7  ? 8.42320 3.42687  11.70271 0.95016  1.24066  1.36159  109 DT D N3    
810 C C4    . DT D 7  ? 8.35280 3.42803  11.70823 0.88557  1.25488  1.41335  109 DT D C4    
811 O O4    . DT D 7  ? 8.37238 3.48090  11.68331 0.90792  1.20016  1.55630  109 DT D O4    
812 C C5    . DT D 7  ? 8.25678 3.37016  11.73570 0.78598  1.33813  1.28990  109 DT D C5    
813 C C7    . DT D 7  ? 8.17347 3.36754  11.74160 0.70817  1.36160  1.32979  109 DT D C7    
814 C C6    . DT D 7  ? 8.24695 3.32523  11.75036 0.76198  1.38895  1.13892  109 DT D C6    
# 
